data_8BVH
#
_entry.id   8BVH
#
_cell.length_a   1.00
_cell.length_b   1.00
_cell.length_c   1.00
_cell.angle_alpha   90.00
_cell.angle_beta   90.00
_cell.angle_gamma   90.00
#
_symmetry.space_group_name_H-M   'P 1'
#
loop_
_entity.id
_entity.type
_entity.pdbx_description
1 polymer 'RNA-binding protein Hfq'
2 polymer 'Catabolite repression control protein'
3 polymer amiE
#
loop_
_entity_poly.entity_id
_entity_poly.type
_entity_poly.pdbx_seq_one_letter_code
_entity_poly.pdbx_strand_id
1 'polypeptide(L)'
;MSKGHSLQDPYLNTLRKERVPVSIYLVNGIKLQGQIESFDQFVILLKNTVSQMVYKHAISTVVPSRPVRLPSGDQPAEPG
NA
;
w,x,C,D,E,F,R,T,J,L,N,P,S,U,K,M,O,Q
2 'polypeptide(L)'
;GPAMRIISVNVNGIQAAAERGLLSWLQAQNADVICLQDTRASAFDLDDPSFQLDGYFLYACDAELPEQGGVALYSRLQPK
AVISGLGFETADRYGRYLQADFDKVSIATLLLPSGQSGDESLNQKFKFMDDFTHYLSKQRRKRREYIYCGSLYVAHQKMD
VKNWRECQQMPGFLAPERAWLDEVFGNLGYADALREVSREGDQFSWWPDSEQAEMLNLGWRFDYQVLTPGLRRFVRNAKL
PRQPRFSQHAPLIVDYDWQLSI
;
H,I,B,G
3 'polyribonucleotide'
;UUUUUUCGUCCCGAAAAAAUAACAACAAGAGGUGAUAUCCAUGCGUCACGGCGAUAUU(N)(N)(N)(N)(N)(N)(N)
(N)UCCAGCAGCAACGACACCGUCGGAGUGGCGGUGGUCAACUAC
;
A
#
loop_
_chem_comp.id
_chem_comp.type
_chem_comp.name
_chem_comp.formula
A RNA linking ADENOSINE-5'-MONOPHOSPHATE 'C10 H14 N5 O7 P'
C RNA linking CYTIDINE-5'-MONOPHOSPHATE 'C9 H14 N3 O8 P'
G RNA linking GUANOSINE-5'-MONOPHOSPHATE 'C10 H14 N5 O8 P'
N RNA linking 'ANY 5'-MONOPHOSPHATE NUCLEOTIDE' 'C5 H11 O7 P'
U RNA linking URIDINE-5'-MONOPHOSPHATE 'C9 H13 N2 O9 P'
#
# COMPACT_ATOMS: atom_id res chain seq x y z
N HIS A 5 -7.19 -3.47 7.97
CA HIS A 5 -6.18 -4.50 7.73
C HIS A 5 -5.60 -4.38 6.32
N SER A 6 -6.24 -3.57 5.48
CA SER A 6 -5.74 -3.38 4.11
C SER A 6 -4.33 -2.79 4.10
N LEU A 7 -3.98 -2.02 5.13
CA LEU A 7 -2.65 -1.43 5.24
C LEU A 7 -1.96 -1.71 6.56
N GLN A 8 -2.66 -2.26 7.56
CA GLN A 8 -2.05 -2.52 8.86
C GLN A 8 -1.21 -3.79 8.81
N ASP A 9 -1.82 -4.91 8.40
CA ASP A 9 -1.09 -6.18 8.36
C ASP A 9 0.04 -6.17 7.35
N PRO A 10 -0.14 -5.67 6.12
CA PRO A 10 1.00 -5.65 5.18
C PRO A 10 2.22 -4.93 5.72
N TYR A 11 2.06 -4.09 6.74
CA TYR A 11 3.19 -3.38 7.34
C TYR A 11 3.80 -4.16 8.50
N LEU A 12 2.95 -4.69 9.39
CA LEU A 12 3.45 -5.44 10.54
C LEU A 12 4.11 -6.74 10.10
N ASN A 13 3.50 -7.46 9.16
CA ASN A 13 4.11 -8.69 8.66
C ASN A 13 5.41 -8.40 7.93
N THR A 14 5.49 -7.27 7.22
CA THR A 14 6.73 -6.88 6.58
C THR A 14 7.82 -6.63 7.61
N LEU A 15 7.50 -5.87 8.66
CA LEU A 15 8.45 -5.63 9.73
C LEU A 15 8.89 -6.94 10.37
N ARG A 16 7.96 -7.89 10.54
CA ARG A 16 8.30 -9.17 11.14
C ARG A 16 9.27 -9.95 10.25
N LYS A 17 8.95 -10.08 8.96
CA LYS A 17 9.81 -10.81 8.05
C LYS A 17 11.18 -10.16 7.95
N GLU A 18 11.24 -8.82 7.99
CA GLU A 18 12.49 -8.11 7.81
C GLU A 18 13.27 -7.96 9.12
N ARG A 19 12.64 -8.18 10.27
CA ARG A 19 13.32 -8.09 11.57
C ARG A 19 13.93 -6.71 11.75
N VAL A 20 13.08 -5.68 11.69
CA VAL A 20 13.53 -4.30 11.84
C VAL A 20 13.43 -3.91 13.31
N PRO A 21 14.50 -3.39 13.94
CA PRO A 21 14.36 -2.90 15.32
C PRO A 21 13.41 -1.73 15.40
N VAL A 22 12.14 -2.01 15.66
CA VAL A 22 11.10 -0.98 15.67
C VAL A 22 10.96 -0.42 17.09
N SER A 23 10.60 0.86 17.16
CA SER A 23 10.31 1.54 18.41
C SER A 23 8.82 1.85 18.45
N ILE A 24 8.15 1.38 19.48
CA ILE A 24 6.72 1.56 19.66
C ILE A 24 6.50 2.62 20.73
N TYR A 25 5.83 3.71 20.37
CA TYR A 25 5.48 4.77 21.30
C TYR A 25 4.03 4.56 21.71
N LEU A 26 3.81 4.29 22.99
CA LEU A 26 2.48 4.03 23.51
C LEU A 26 1.69 5.33 23.58
N VAL A 27 0.45 5.23 24.07
CA VAL A 27 -0.42 6.39 24.17
C VAL A 27 -0.09 7.24 25.38
N ASN A 28 0.55 6.68 26.40
CA ASN A 28 0.91 7.42 27.60
C ASN A 28 2.30 8.03 27.53
N GLY A 29 2.92 8.04 26.35
CA GLY A 29 4.20 8.69 26.17
C GLY A 29 5.41 7.85 26.49
N ILE A 30 5.24 6.55 26.68
CA ILE A 30 6.36 5.65 27.02
C ILE A 30 6.81 4.94 25.75
N LYS A 31 8.12 4.72 25.64
CA LYS A 31 8.73 4.16 24.45
C LYS A 31 9.25 2.77 24.73
N LEU A 32 9.08 1.86 23.77
CA LEU A 32 9.61 0.51 23.84
C LEU A 32 10.39 0.23 22.56
N GLN A 33 11.39 -0.64 22.67
CA GLN A 33 12.25 -0.97 21.54
C GLN A 33 12.27 -2.49 21.33
N GLY A 34 12.39 -2.89 20.08
CA GLY A 34 12.52 -4.31 19.77
C GLY A 34 11.88 -4.62 18.44
N GLN A 35 12.01 -5.88 18.05
CA GLN A 35 11.47 -6.38 16.79
C GLN A 35 10.14 -7.07 17.04
N ILE A 36 9.27 -7.00 16.04
CA ILE A 36 7.96 -7.64 16.13
C ILE A 36 8.14 -9.15 15.97
N GLU A 37 7.72 -9.90 16.99
CA GLU A 37 7.85 -11.35 16.96
C GLU A 37 6.68 -12.01 16.25
N SER A 38 5.45 -11.67 16.65
CA SER A 38 4.25 -12.25 16.03
C SER A 38 3.08 -11.33 16.36
N PHE A 39 2.75 -10.45 15.42
CA PHE A 39 1.65 -9.51 15.61
C PHE A 39 0.31 -10.20 15.38
N ASP A 40 -0.70 -9.74 16.10
CA ASP A 40 -2.06 -10.26 15.96
C ASP A 40 -3.04 -9.12 15.73
N GLN A 41 -4.34 -9.42 15.76
CA GLN A 41 -5.35 -8.40 15.56
C GLN A 41 -5.58 -7.53 16.79
N PHE A 42 -5.06 -7.93 17.96
CA PHE A 42 -5.29 -7.20 19.19
C PHE A 42 -3.99 -6.87 19.92
N VAL A 43 -3.00 -7.76 19.80
CA VAL A 43 -1.76 -7.64 20.58
C VAL A 43 -0.57 -7.89 19.65
N ILE A 44 0.53 -7.21 19.92
CA ILE A 44 1.79 -7.41 19.22
C ILE A 44 2.82 -7.92 20.23
N LEU A 45 3.79 -8.67 19.73
CA LEU A 45 4.86 -9.21 20.56
C LEU A 45 6.19 -8.57 20.18
N LEU A 46 7.04 -8.39 21.18
CA LEU A 46 8.38 -7.85 21.00
C LEU A 46 9.42 -8.96 21.15
N LYS A 47 10.56 -8.76 20.51
CA LYS A 47 11.64 -9.74 20.48
C LYS A 47 12.79 -9.35 21.39
N ASN A 48 12.49 -8.70 22.51
CA ASN A 48 13.52 -8.32 23.46
C ASN A 48 13.87 -9.53 24.34
N THR A 49 14.74 -9.31 25.34
CA THR A 49 15.16 -10.41 26.20
C THR A 49 13.98 -10.99 26.98
N VAL A 50 12.95 -10.18 27.24
CA VAL A 50 11.79 -10.63 28.02
C VAL A 50 10.61 -11.01 27.15
N SER A 51 10.60 -10.64 25.87
CA SER A 51 9.51 -10.95 24.96
C SER A 51 8.21 -10.31 25.44
N GLN A 52 8.26 -9.01 25.67
CA GLN A 52 7.09 -8.28 26.14
C GLN A 52 5.97 -8.35 25.11
N MET A 53 4.74 -8.18 25.58
CA MET A 53 3.55 -8.14 24.73
C MET A 53 2.83 -6.82 24.96
N VAL A 54 2.56 -6.10 23.87
CA VAL A 54 1.94 -4.78 23.94
C VAL A 54 0.60 -4.85 23.20
N TYR A 55 -0.46 -4.45 23.87
CA TYR A 55 -1.78 -4.44 23.23
C TYR A 55 -1.83 -3.36 22.15
N LYS A 56 -2.68 -3.59 21.16
CA LYS A 56 -2.81 -2.69 20.03
C LYS A 56 -3.79 -1.55 20.29
N HIS A 57 -4.30 -1.42 21.50
CA HIS A 57 -5.15 -0.30 21.88
C HIS A 57 -4.41 0.74 22.71
N ALA A 58 -3.21 0.42 23.18
CA ALA A 58 -2.37 1.37 23.92
C ALA A 58 -1.16 1.81 23.13
N ILE A 59 -1.03 1.38 21.88
CA ILE A 59 0.07 1.77 21.02
C ILE A 59 -0.35 3.00 20.23
N SER A 60 0.48 4.03 20.26
CA SER A 60 0.20 5.25 19.51
C SER A 60 0.88 5.25 18.15
N THR A 61 2.17 4.90 18.11
CA THR A 61 2.92 4.89 16.85
C THR A 61 3.93 3.76 16.88
N VAL A 62 4.34 3.34 15.68
CA VAL A 62 5.36 2.31 15.52
C VAL A 62 6.33 2.77 14.43
N VAL A 63 7.50 3.23 14.83
CA VAL A 63 8.48 3.81 13.91
C VAL A 63 9.62 2.81 13.74
N PRO A 64 9.97 2.43 12.51
CA PRO A 64 11.12 1.54 12.32
C PRO A 64 12.43 2.31 12.35
N SER A 65 13.49 1.58 12.71
CA SER A 65 14.83 2.19 12.73
C SER A 65 15.35 2.40 11.32
N ARG A 66 15.07 1.47 10.40
CA ARG A 66 15.46 1.59 9.01
C ARG A 66 14.22 1.73 8.13
N PRO A 67 14.30 2.54 7.06
CA PRO A 67 13.10 2.74 6.23
C PRO A 67 12.64 1.44 5.59
N VAL A 68 11.38 1.11 5.81
CA VAL A 68 10.77 -0.10 5.27
C VAL A 68 9.86 0.29 4.12
N ARG A 69 10.02 -0.37 2.98
CA ARG A 69 9.21 -0.12 1.79
C ARG A 69 8.13 -1.18 1.69
N LEU A 70 6.89 -0.73 1.51
CA LEU A 70 5.77 -1.66 1.43
C LEU A 70 5.91 -2.50 0.17
N PRO A 71 5.77 -3.84 0.26
CA PRO A 71 5.90 -4.69 -0.93
C PRO A 71 4.77 -4.49 -1.92
N HIS B 5 -7.83 -12.63 17.57
CA HIS B 5 -7.16 -13.11 18.77
C HIS B 5 -6.62 -14.52 18.57
N SER B 6 -5.75 -14.68 17.58
CA SER B 6 -5.20 -15.99 17.27
C SER B 6 -4.09 -16.36 18.24
N LEU B 7 -3.22 -15.42 18.59
CA LEU B 7 -2.10 -15.68 19.48
C LEU B 7 -2.31 -15.15 20.89
N GLN B 8 -3.22 -14.19 21.08
CA GLN B 8 -3.47 -13.65 22.41
C GLN B 8 -4.01 -14.74 23.34
N ASP B 9 -5.04 -15.45 22.91
CA ASP B 9 -5.63 -16.49 23.75
C ASP B 9 -4.61 -17.57 24.13
N PRO B 10 -3.90 -18.21 23.21
CA PRO B 10 -2.93 -19.23 23.62
C PRO B 10 -1.80 -18.66 24.47
N TYR B 11 -1.35 -17.44 24.20
CA TYR B 11 -0.30 -16.84 25.00
C TYR B 11 -0.75 -16.65 26.44
N LEU B 12 -1.95 -16.07 26.64
CA LEU B 12 -2.47 -15.89 27.98
C LEU B 12 -2.72 -17.24 28.66
N ASN B 13 -3.16 -18.24 27.90
CA ASN B 13 -3.39 -19.55 28.49
C ASN B 13 -2.07 -20.18 28.95
N THR B 14 -1.01 -20.03 28.17
CA THR B 14 0.29 -20.54 28.57
C THR B 14 0.81 -19.80 29.80
N LEU B 15 0.60 -18.48 29.85
CA LEU B 15 1.01 -17.74 31.04
C LEU B 15 0.22 -18.15 32.26
N ARG B 16 -1.05 -18.55 32.07
CA ARG B 16 -1.88 -18.96 33.19
C ARG B 16 -1.48 -20.35 33.70
N LYS B 17 -1.42 -21.33 32.79
CA LYS B 17 -1.14 -22.70 33.20
C LYS B 17 0.17 -22.80 33.97
N GLU B 18 1.23 -22.17 33.45
CA GLU B 18 2.53 -22.24 34.10
C GLU B 18 2.63 -21.35 35.33
N ARG B 19 1.58 -20.59 35.67
CA ARG B 19 1.59 -19.70 36.82
C ARG B 19 2.78 -18.75 36.75
N VAL B 20 2.93 -18.10 35.61
CA VAL B 20 4.06 -17.20 35.39
C VAL B 20 3.81 -15.90 36.15
N PRO B 21 4.78 -15.39 36.92
CA PRO B 21 4.56 -14.10 37.62
C PRO B 21 4.69 -12.91 36.67
N VAL B 22 3.61 -12.65 35.94
CA VAL B 22 3.63 -11.58 34.95
C VAL B 22 3.58 -10.22 35.64
N SER B 23 3.89 -9.18 34.88
CA SER B 23 3.82 -7.79 35.34
C SER B 23 2.98 -7.02 34.33
N ILE B 24 1.80 -6.59 34.75
CA ILE B 24 0.85 -5.89 33.87
C ILE B 24 1.00 -4.40 34.09
N TYR B 25 1.45 -3.69 33.06
CA TYR B 25 1.58 -2.24 33.10
C TYR B 25 0.35 -1.64 32.43
N LEU B 26 -0.40 -0.85 33.19
CA LEU B 26 -1.61 -0.22 32.68
C LEU B 26 -1.25 0.97 31.80
N VAL B 27 -2.26 1.73 31.36
CA VAL B 27 -2.00 2.88 30.52
C VAL B 27 -1.63 4.10 31.35
N ASN B 28 -2.16 4.22 32.56
CA ASN B 28 -1.90 5.38 33.38
C ASN B 28 -0.49 5.41 33.95
N GLY B 29 0.20 4.27 34.00
CA GLY B 29 1.59 4.19 34.43
C GLY B 29 1.82 3.19 35.56
N ILE B 30 0.83 3.01 36.43
CA ILE B 30 1.00 2.10 37.56
C ILE B 30 1.09 0.67 37.07
N LYS B 31 1.91 -0.13 37.75
CA LYS B 31 2.15 -1.52 37.39
C LYS B 31 1.60 -2.44 38.46
N LEU B 32 1.05 -3.57 38.04
CA LEU B 32 0.53 -4.60 38.93
C LEU B 32 1.32 -5.89 38.73
N GLN B 33 1.46 -6.66 39.81
CA GLN B 33 2.24 -7.89 39.80
C GLN B 33 1.39 -9.02 40.36
N GLY B 34 1.46 -10.18 39.71
CA GLY B 34 0.72 -11.34 40.15
C GLY B 34 0.42 -12.31 39.03
N GLN B 35 0.34 -13.59 39.35
CA GLN B 35 0.09 -14.61 38.33
C GLN B 35 -1.31 -14.46 37.76
N ILE B 36 -1.45 -14.83 36.50
CA ILE B 36 -2.75 -14.76 35.82
C ILE B 36 -3.56 -15.98 36.22
N GLU B 37 -4.70 -15.74 36.87
CA GLU B 37 -5.57 -16.85 37.28
C GLU B 37 -6.55 -17.22 36.17
N SER B 38 -7.03 -16.24 35.41
CA SER B 38 -7.96 -16.49 34.31
C SER B 38 -8.12 -15.19 33.53
N PHE B 39 -8.75 -15.31 32.36
CA PHE B 39 -8.91 -14.17 31.48
C PHE B 39 -10.14 -14.39 30.61
N ASP B 40 -10.72 -13.30 30.13
CA ASP B 40 -11.88 -13.36 29.25
C ASP B 40 -12.00 -12.02 28.53
N GLN B 41 -12.93 -11.96 27.59
CA GLN B 41 -13.15 -10.76 26.79
C GLN B 41 -13.22 -9.52 27.67
N PHE B 42 -12.16 -8.72 27.65
CA PHE B 42 -12.10 -7.45 28.40
C PHE B 42 -12.09 -7.68 29.90
N VAL B 43 -11.21 -8.58 30.36
CA VAL B 43 -11.04 -8.82 31.78
C VAL B 43 -9.91 -9.83 32.02
N ILE B 44 -9.11 -9.59 33.06
CA ILE B 44 -8.05 -10.50 33.47
C ILE B 44 -8.04 -10.54 34.99
N LEU B 45 -8.19 -11.74 35.56
CA LEU B 45 -8.20 -11.92 37.01
C LEU B 45 -6.79 -12.25 37.46
N LEU B 46 -6.10 -11.24 37.99
CA LEU B 46 -4.74 -11.43 38.51
C LEU B 46 -4.83 -11.82 39.98
N LYS B 47 -4.35 -13.02 40.30
CA LYS B 47 -4.44 -13.56 41.66
C LYS B 47 -3.04 -13.89 42.14
N ASN B 48 -2.61 -13.18 43.19
CA ASN B 48 -1.31 -13.42 43.83
C ASN B 48 -1.46 -12.98 45.28
N THR B 49 -1.93 -13.90 46.13
CA THR B 49 -2.26 -13.61 47.52
C THR B 49 -3.57 -12.83 47.62
N VAL B 50 -3.72 -11.79 46.81
CA VAL B 50 -4.96 -11.02 46.72
C VAL B 50 -5.41 -11.01 45.28
N SER B 51 -6.74 -11.08 45.09
CA SER B 51 -7.32 -11.14 43.76
C SER B 51 -7.69 -9.74 43.28
N GLN B 52 -7.48 -9.50 41.98
CA GLN B 52 -7.83 -8.24 41.36
C GLN B 52 -8.35 -8.52 39.96
N MET B 53 -9.22 -7.64 39.47
CA MET B 53 -9.80 -7.74 38.14
C MET B 53 -9.35 -6.53 37.33
N VAL B 54 -8.42 -6.74 36.41
CA VAL B 54 -7.87 -5.67 35.58
C VAL B 54 -8.55 -5.75 34.21
N TYR B 55 -9.14 -4.63 33.79
CA TYR B 55 -9.78 -4.59 32.49
C TYR B 55 -8.74 -4.45 31.38
N LYS B 56 -8.96 -5.18 30.29
CA LYS B 56 -7.98 -5.17 29.20
C LYS B 56 -7.96 -3.83 28.50
N HIS B 57 -9.10 -3.16 28.37
CA HIS B 57 -9.12 -1.85 27.71
C HIS B 57 -8.26 -0.83 28.43
N ALA B 58 -7.92 -1.08 29.71
CA ALA B 58 -7.04 -0.19 30.47
C ALA B 58 -5.63 -0.72 30.59
N ILE B 59 -5.37 -1.96 30.18
CA ILE B 59 -4.03 -2.52 30.23
C ILE B 59 -3.26 -2.07 29.00
N SER B 60 -2.00 -1.67 29.20
CA SER B 60 -1.14 -1.24 28.10
C SER B 60 -0.18 -2.32 27.65
N THR B 61 0.42 -3.07 28.57
CA THR B 61 1.32 -4.14 28.18
C THR B 61 1.42 -5.16 29.31
N VAL B 62 1.93 -6.34 28.96
CA VAL B 62 2.07 -7.44 29.91
C VAL B 62 3.44 -8.07 29.75
N VAL B 63 4.38 -7.70 30.62
CA VAL B 63 5.73 -8.24 30.58
C VAL B 63 5.72 -9.61 31.26
N PRO B 64 6.03 -10.70 30.55
CA PRO B 64 5.99 -12.03 31.19
C PRO B 64 7.10 -12.27 32.19
N SER B 65 8.06 -11.36 32.32
CA SER B 65 9.15 -11.52 33.27
C SER B 65 10.03 -12.71 32.89
N ARG B 66 9.49 -13.92 33.03
CA ARG B 66 10.28 -15.11 32.68
C ARG B 66 10.18 -15.39 31.18
N PRO B 67 11.25 -15.84 30.53
CA PRO B 67 11.15 -16.19 29.11
C PRO B 67 10.16 -17.31 28.87
N VAL B 68 8.93 -16.96 28.50
CA VAL B 68 7.86 -17.92 28.27
C VAL B 68 7.30 -17.68 26.87
N ARG B 69 7.15 -18.75 26.11
CA ARG B 69 6.61 -18.70 24.76
C ARG B 69 5.43 -19.66 24.62
N LEU B 70 4.70 -19.50 23.53
CA LEU B 70 3.55 -20.35 23.26
C LEU B 70 3.99 -21.74 22.83
N HIS C 5 -16.88 -12.52 29.30
CA HIS C 5 -18.22 -13.08 29.50
C HIS C 5 -18.21 -14.13 30.60
N SER C 6 -17.38 -15.16 30.41
CA SER C 6 -17.30 -16.25 31.38
C SER C 6 -16.65 -15.84 32.69
N LEU C 7 -16.04 -14.66 32.76
CA LEU C 7 -15.35 -14.19 33.96
C LEU C 7 -15.95 -12.92 34.52
N GLN C 8 -16.20 -11.91 33.68
CA GLN C 8 -16.68 -10.63 34.18
C GLN C 8 -18.03 -10.78 34.88
N ASP C 9 -19.01 -11.39 34.21
CA ASP C 9 -20.36 -11.46 34.79
C ASP C 9 -20.38 -12.32 36.05
N PRO C 10 -19.82 -13.53 36.07
CA PRO C 10 -19.80 -14.29 37.34
C PRO C 10 -19.04 -13.59 38.45
N TYR C 11 -17.92 -12.93 38.13
CA TYR C 11 -17.16 -12.23 39.15
C TYR C 11 -17.99 -11.09 39.75
N LEU C 12 -18.65 -10.30 38.91
CA LEU C 12 -19.49 -9.23 39.41
C LEU C 12 -20.67 -9.78 40.21
N ASN C 13 -21.24 -10.90 39.77
CA ASN C 13 -22.34 -11.51 40.50
C ASN C 13 -21.90 -11.94 41.89
N THR C 14 -20.71 -12.53 41.99
CA THR C 14 -20.18 -12.92 43.29
C THR C 14 -19.91 -11.70 44.16
N LEU C 15 -19.34 -10.65 43.57
CA LEU C 15 -19.10 -9.43 44.34
C LEU C 15 -20.39 -8.82 44.85
N ARG C 16 -21.47 -8.92 44.07
CA ARG C 16 -22.74 -8.33 44.48
C ARG C 16 -23.43 -9.18 45.55
N LYS C 17 -23.53 -10.49 45.31
CA LYS C 17 -24.24 -11.35 46.26
C LYS C 17 -23.59 -11.33 47.63
N GLU C 18 -22.28 -11.13 47.70
CA GLU C 18 -21.57 -11.10 48.97
C GLU C 18 -21.62 -9.73 49.65
N ARG C 19 -22.02 -8.69 48.93
CA ARG C 19 -22.07 -7.33 49.47
C ARG C 19 -20.70 -6.89 49.97
N VAL C 20 -19.64 -7.43 49.37
CA VAL C 20 -18.28 -7.10 49.81
C VAL C 20 -17.93 -5.68 49.37
N PRO C 21 -17.26 -4.88 50.20
CA PRO C 21 -16.78 -3.59 49.71
C PRO C 21 -15.78 -3.78 48.57
N VAL C 22 -15.99 -3.04 47.49
CA VAL C 22 -15.21 -3.18 46.26
C VAL C 22 -14.54 -1.84 45.98
N SER C 23 -13.22 -1.85 45.83
CA SER C 23 -12.46 -0.65 45.49
C SER C 23 -12.23 -0.65 43.99
N ILE C 24 -12.87 0.31 43.31
CA ILE C 24 -12.77 0.42 41.86
C ILE C 24 -11.77 1.53 41.54
N TYR C 25 -10.56 1.13 41.12
CA TYR C 25 -9.54 2.08 40.73
C TYR C 25 -9.75 2.45 39.27
N LEU C 26 -10.00 3.74 39.02
CA LEU C 26 -10.22 4.23 37.66
C LEU C 26 -8.88 4.40 36.94
N VAL C 27 -8.98 4.55 35.62
CA VAL C 27 -7.78 4.79 34.82
C VAL C 27 -7.16 6.14 35.17
N ASN C 28 -7.94 7.06 35.73
CA ASN C 28 -7.40 8.37 36.11
C ASN C 28 -6.55 8.29 37.38
N GLY C 29 -6.72 7.24 38.18
CA GLY C 29 -5.93 7.06 39.40
C GLY C 29 -6.70 7.25 40.68
N ILE C 30 -8.01 7.47 40.63
CA ILE C 30 -8.82 7.66 41.82
C ILE C 30 -9.28 6.30 42.34
N LYS C 31 -9.40 6.19 43.65
CA LYS C 31 -9.82 4.96 44.32
C LYS C 31 -11.24 5.17 44.84
N LEU C 32 -12.22 4.60 44.15
CA LEU C 32 -13.62 4.69 44.55
C LEU C 32 -13.97 3.52 45.45
N GLN C 33 -14.59 3.82 46.59
CA GLN C 33 -15.00 2.81 47.56
C GLN C 33 -16.49 2.58 47.48
N GLY C 34 -16.91 1.39 47.93
CA GLY C 34 -18.32 1.06 47.96
C GLY C 34 -18.63 -0.36 47.50
N GLN C 35 -19.90 -0.73 47.52
CA GLN C 35 -20.35 -2.04 47.10
C GLN C 35 -21.08 -1.95 45.77
N ILE C 36 -21.01 -3.03 44.99
CA ILE C 36 -21.63 -3.08 43.66
C ILE C 36 -23.07 -3.53 43.88
N GLU C 37 -23.97 -2.57 44.04
CA GLU C 37 -25.38 -2.90 44.17
C GLU C 37 -25.91 -3.61 42.92
N SER C 38 -25.37 -3.27 41.77
CA SER C 38 -25.76 -3.88 40.50
C SER C 38 -24.68 -3.54 39.47
N PHE C 39 -24.75 -4.24 38.33
CA PHE C 39 -23.75 -4.06 37.29
C PHE C 39 -24.39 -4.30 35.93
N ASP C 40 -23.88 -3.58 34.94
CA ASP C 40 -24.32 -3.70 33.55
C ASP C 40 -23.10 -3.98 32.67
N GLN C 41 -23.34 -4.13 31.37
CA GLN C 41 -22.26 -4.37 30.43
C GLN C 41 -21.48 -3.11 30.09
N PHE C 42 -21.97 -1.93 30.48
CA PHE C 42 -21.29 -0.67 30.21
C PHE C 42 -21.12 0.22 31.43
N VAL C 43 -21.90 0.04 32.49
CA VAL C 43 -21.82 0.88 33.68
C VAL C 43 -22.02 0.01 34.90
N ILE C 44 -21.34 0.37 36.00
CA ILE C 44 -21.41 -0.35 37.26
C ILE C 44 -21.81 0.65 38.35
N LEU C 45 -22.78 0.26 39.17
CA LEU C 45 -23.24 1.12 40.25
C LEU C 45 -22.45 0.83 41.51
N LEU C 46 -21.87 1.88 42.10
CA LEU C 46 -21.07 1.78 43.32
C LEU C 46 -21.72 2.68 44.36
N LYS C 47 -22.59 2.11 45.19
CA LYS C 47 -23.34 2.85 46.19
C LYS C 47 -22.88 2.44 47.58
N ASN C 48 -22.58 3.43 48.41
CA ASN C 48 -22.21 3.19 49.81
C ASN C 48 -22.45 4.45 50.63
N THR C 49 -21.96 5.59 50.15
CA THR C 49 -22.22 6.88 50.73
C THR C 49 -23.07 7.77 49.84
N VAL C 50 -22.85 7.72 48.52
CA VAL C 50 -23.66 8.45 47.56
C VAL C 50 -23.76 7.60 46.31
N SER C 51 -24.88 7.72 45.60
CA SER C 51 -25.08 6.95 44.38
C SER C 51 -24.04 7.32 43.34
N GLN C 52 -23.59 6.32 42.59
CA GLN C 52 -22.59 6.53 41.56
C GLN C 52 -22.83 5.53 40.44
N MET C 53 -22.52 5.95 39.20
CA MET C 53 -22.63 5.10 38.01
C MET C 53 -21.30 5.22 37.26
N VAL C 54 -20.34 4.39 37.63
CA VAL C 54 -19.02 4.44 37.01
C VAL C 54 -19.06 3.69 35.68
N TYR C 55 -18.68 4.38 34.62
CA TYR C 55 -18.68 3.76 33.30
C TYR C 55 -17.59 2.69 33.22
N LYS C 56 -17.85 1.66 32.42
CA LYS C 56 -16.93 0.53 32.33
C LYS C 56 -15.57 0.97 31.79
N HIS C 57 -15.57 1.73 30.69
CA HIS C 57 -14.31 2.10 30.05
C HIS C 57 -13.42 2.88 30.99
N ALA C 58 -13.99 3.63 31.93
CA ALA C 58 -13.23 4.46 32.86
C ALA C 58 -12.76 3.68 34.08
N ILE C 59 -12.96 2.37 34.12
CA ILE C 59 -12.56 1.53 35.23
C ILE C 59 -11.28 0.80 34.85
N SER C 60 -10.20 1.05 35.59
CA SER C 60 -8.94 0.37 35.32
C SER C 60 -8.92 -1.01 35.96
N THR C 61 -9.19 -1.08 37.27
CA THR C 61 -9.22 -2.36 37.96
C THR C 61 -10.26 -2.32 39.07
N VAL C 62 -10.62 -3.50 39.55
CA VAL C 62 -11.65 -3.65 40.57
C VAL C 62 -11.21 -4.69 41.59
N VAL C 63 -10.77 -4.23 42.76
CA VAL C 63 -10.22 -5.14 43.77
C VAL C 63 -11.22 -5.33 44.90
N PRO C 64 -11.49 -6.55 45.34
CA PRO C 64 -12.36 -6.73 46.50
C PRO C 64 -11.66 -6.34 47.80
N SER C 65 -12.48 -6.11 48.82
CA SER C 65 -11.98 -5.77 50.14
C SER C 65 -11.65 -7.00 51.00
N ARG C 66 -12.12 -8.17 50.59
CA ARG C 66 -11.83 -9.41 51.32
C ARG C 66 -11.94 -10.56 50.33
N PRO C 67 -11.43 -11.74 50.69
CA PRO C 67 -11.49 -12.88 49.76
C PRO C 67 -12.93 -13.16 49.33
N VAL C 68 -13.07 -13.59 48.08
CA VAL C 68 -14.37 -13.91 47.51
C VAL C 68 -14.32 -15.28 46.83
N GLY D 4 -28.74 -2.25 24.21
CA GLY D 4 -28.55 -3.55 24.85
C GLY D 4 -28.58 -3.45 26.37
N HIS D 5 -28.00 -2.38 26.89
CA HIS D 5 -27.96 -2.18 28.33
C HIS D 5 -29.37 -1.95 28.88
N SER D 6 -29.56 -2.32 30.15
CA SER D 6 -30.84 -2.18 30.81
C SER D 6 -30.74 -1.43 32.14
N LEU D 7 -29.58 -0.87 32.47
CA LEU D 7 -29.38 -0.14 33.71
C LEU D 7 -28.95 1.31 33.51
N GLN D 8 -28.36 1.64 32.36
CA GLN D 8 -27.94 3.02 32.11
C GLN D 8 -29.11 3.88 31.65
N ASP D 9 -29.91 3.37 30.71
CA ASP D 9 -31.06 4.12 30.23
C ASP D 9 -32.02 4.49 31.35
N PRO D 10 -32.49 3.57 32.20
CA PRO D 10 -33.41 3.97 33.27
C PRO D 10 -32.78 4.92 34.27
N TYR D 11 -31.51 4.71 34.62
CA TYR D 11 -30.83 5.61 35.55
C TYR D 11 -30.79 7.02 34.99
N LEU D 12 -30.43 7.17 33.72
CA LEU D 12 -30.38 8.50 33.11
C LEU D 12 -31.76 9.11 33.00
N ASN D 13 -32.77 8.30 32.63
CA ASN D 13 -34.13 8.81 32.55
C ASN D 13 -34.61 9.32 33.90
N THR D 14 -34.26 8.61 34.97
CA THR D 14 -34.62 9.06 36.31
C THR D 14 -33.90 10.36 36.66
N LEU D 15 -32.58 10.40 36.46
CA LEU D 15 -31.83 11.61 36.75
C LEU D 15 -32.36 12.79 35.96
N ARG D 16 -32.94 12.55 34.79
CA ARG D 16 -33.51 13.63 33.98
C ARG D 16 -34.86 14.07 34.52
N LYS D 17 -35.81 13.13 34.66
CA LYS D 17 -37.17 13.50 35.02
C LYS D 17 -37.24 14.05 36.44
N GLU D 18 -36.46 13.49 37.36
CA GLU D 18 -36.42 14.05 38.71
C GLU D 18 -35.64 15.35 38.80
N ARG D 19 -34.89 15.71 37.76
CA ARG D 19 -34.17 16.98 37.72
C ARG D 19 -33.24 17.13 38.91
N VAL D 20 -32.38 16.13 39.10
CA VAL D 20 -31.44 16.11 40.23
C VAL D 20 -30.16 16.83 39.81
N PRO D 21 -29.61 17.72 40.64
CA PRO D 21 -28.31 18.32 40.31
C PRO D 21 -27.23 17.27 40.15
N VAL D 22 -26.86 16.98 38.92
CA VAL D 22 -25.89 15.94 38.61
C VAL D 22 -24.50 16.54 38.52
N SER D 23 -23.50 15.75 38.90
CA SER D 23 -22.09 16.11 38.78
C SER D 23 -21.39 15.05 37.96
N ILE D 24 -20.88 15.43 36.80
CA ILE D 24 -20.20 14.52 35.89
C ILE D 24 -18.70 14.74 36.03
N TYR D 25 -17.98 13.69 36.38
CA TYR D 25 -16.53 13.71 36.46
C TYR D 25 -15.97 12.89 35.30
N LEU D 26 -15.15 13.53 34.48
CA LEU D 26 -14.64 12.90 33.27
C LEU D 26 -13.36 12.12 33.57
N VAL D 27 -12.90 11.35 32.58
CA VAL D 27 -11.69 10.57 32.75
C VAL D 27 -10.47 11.47 32.88
N ASN D 28 -10.55 12.68 32.34
CA ASN D 28 -9.41 13.61 32.44
C ASN D 28 -9.12 13.96 33.89
N GLY D 29 -10.16 14.15 34.70
CA GLY D 29 -10.00 14.49 36.09
C GLY D 29 -10.53 15.87 36.43
N ILE D 30 -11.66 16.24 35.81
CA ILE D 30 -12.31 17.51 36.05
C ILE D 30 -13.75 17.24 36.48
N LYS D 31 -14.47 18.31 36.79
CA LYS D 31 -15.84 18.24 37.28
C LYS D 31 -16.73 19.20 36.52
N LEU D 32 -17.93 18.74 36.16
CA LEU D 32 -18.95 19.58 35.58
C LEU D 32 -20.24 19.38 36.36
N GLN D 33 -21.05 20.43 36.46
CA GLN D 33 -22.28 20.40 37.23
C GLN D 33 -23.46 20.80 36.35
N GLY D 34 -24.60 20.20 36.62
CA GLY D 34 -25.81 20.52 35.89
C GLY D 34 -26.76 19.34 35.86
N GLN D 35 -27.92 19.59 35.28
CA GLN D 35 -28.97 18.59 35.16
C GLN D 35 -28.95 17.95 33.77
N ILE D 36 -29.31 16.68 33.73
CA ILE D 36 -29.35 15.93 32.47
C ILE D 36 -30.61 16.33 31.71
N GLU D 37 -30.43 17.13 30.65
CA GLU D 37 -31.57 17.54 29.84
C GLU D 37 -31.96 16.49 28.82
N SER D 38 -30.97 15.77 28.28
CA SER D 38 -31.22 14.71 27.32
C SER D 38 -30.03 13.78 27.29
N PHE D 39 -30.29 12.51 26.97
CA PHE D 39 -29.25 11.49 26.90
C PHE D 39 -29.37 10.77 25.55
N ASP D 40 -28.42 9.90 25.29
CA ASP D 40 -28.36 9.15 24.04
C ASP D 40 -27.30 8.06 24.19
N GLN D 41 -27.05 7.32 23.12
CA GLN D 41 -26.06 6.26 23.15
C GLN D 41 -24.63 6.78 23.15
N PHE D 42 -24.41 8.07 22.91
CA PHE D 42 -23.06 8.58 22.82
C PHE D 42 -22.90 10.02 23.29
N VAL D 43 -23.95 10.70 23.74
CA VAL D 43 -23.85 12.09 24.16
C VAL D 43 -24.85 12.34 25.29
N ILE D 44 -24.57 13.37 26.09
CA ILE D 44 -25.43 13.79 27.19
C ILE D 44 -25.41 15.30 27.26
N LEU D 45 -26.59 15.92 27.26
CA LEU D 45 -26.70 17.37 27.36
C LEU D 45 -26.81 17.77 28.83
N LEU D 46 -25.97 18.71 29.25
CA LEU D 46 -25.93 19.19 30.62
C LEU D 46 -26.29 20.67 30.63
N LYS D 47 -27.17 21.05 31.57
CA LYS D 47 -27.65 22.41 31.65
C LYS D 47 -26.72 23.28 32.50
N ASN D 48 -26.38 24.45 31.98
CA ASN D 48 -25.53 25.41 32.65
C ASN D 48 -25.78 26.77 32.02
N THR D 49 -24.87 27.72 32.25
CA THR D 49 -24.94 28.99 31.53
C THR D 49 -25.01 28.77 30.03
N VAL D 50 -24.45 27.67 29.55
CA VAL D 50 -24.54 27.25 28.15
C VAL D 50 -24.60 25.73 28.11
N SER D 51 -25.62 25.19 27.45
CA SER D 51 -25.78 23.74 27.37
C SER D 51 -24.51 23.09 26.84
N GLN D 52 -24.04 22.07 27.54
CA GLN D 52 -22.78 21.41 27.21
C GLN D 52 -23.04 19.96 26.82
N MET D 53 -22.54 19.56 25.66
CA MET D 53 -22.70 18.19 25.17
C MET D 53 -21.46 17.40 25.55
N VAL D 54 -21.61 16.52 26.54
CA VAL D 54 -20.50 15.68 27.03
C VAL D 54 -20.62 14.32 26.38
N TYR D 55 -19.51 13.83 25.84
CA TYR D 55 -19.50 12.53 25.19
C TYR D 55 -19.47 11.41 26.23
N LYS D 56 -19.99 10.25 25.83
CA LYS D 56 -20.05 9.11 26.75
C LYS D 56 -18.65 8.57 27.03
N HIS D 57 -17.85 8.35 25.99
CA HIS D 57 -16.54 7.74 26.17
C HIS D 57 -15.63 8.57 27.07
N ALA D 58 -15.93 9.85 27.27
CA ALA D 58 -15.12 10.71 28.11
C ALA D 58 -15.63 10.80 29.55
N ILE D 59 -16.85 10.35 29.81
CA ILE D 59 -17.42 10.42 31.15
C ILE D 59 -16.89 9.26 31.98
N SER D 60 -16.48 9.55 33.21
CA SER D 60 -16.00 8.53 34.14
C SER D 60 -17.03 8.19 35.20
N THR D 61 -17.62 9.19 35.84
CA THR D 61 -18.62 8.97 36.87
C THR D 61 -19.71 10.04 36.78
N VAL D 62 -20.92 9.65 37.15
CA VAL D 62 -22.07 10.55 37.17
C VAL D 62 -22.70 10.42 38.56
N VAL D 63 -22.48 11.41 39.41
CA VAL D 63 -22.93 11.37 40.80
C VAL D 63 -24.11 12.32 40.95
N PRO D 64 -25.28 11.83 41.36
CA PRO D 64 -26.37 12.76 41.68
C PRO D 64 -26.17 13.40 43.05
N SER D 65 -26.46 14.69 43.13
CA SER D 65 -26.30 15.41 44.38
C SER D 65 -27.13 14.81 45.51
N ARG D 66 -28.17 14.06 45.17
CA ARG D 66 -29.02 13.39 46.15
C ARG D 66 -29.27 11.96 45.73
N PRO D 67 -29.47 11.05 46.68
CA PRO D 67 -29.69 9.64 46.31
C PRO D 67 -31.01 9.46 45.57
N VAL D 68 -30.96 8.64 44.53
CA VAL D 68 -32.14 8.34 43.71
C VAL D 68 -32.32 6.83 43.66
N ARG D 69 -33.59 6.41 43.60
CA ARG D 69 -33.95 5.00 43.57
C ARG D 69 -34.23 4.57 42.14
N LEU D 70 -33.87 3.32 41.84
CA LEU D 70 -34.11 2.77 40.52
C LEU D 70 -35.59 2.45 40.35
N PRO D 71 -36.09 2.45 39.10
CA PRO D 71 -37.51 2.15 38.86
C PRO D 71 -37.83 0.67 39.01
N GLY E 4 -28.15 5.60 16.40
CA GLY E 4 -27.66 5.80 17.75
C GLY E 4 -27.07 7.18 17.96
N HIS E 5 -27.59 8.16 17.21
CA HIS E 5 -27.13 9.53 17.32
C HIS E 5 -28.29 10.51 17.26
N SER E 6 -29.45 10.12 17.80
CA SER E 6 -30.63 10.97 17.75
C SER E 6 -30.42 12.29 18.49
N LEU E 7 -29.39 12.38 19.33
CA LEU E 7 -29.11 13.59 20.09
C LEU E 7 -27.84 14.30 19.66
N GLN E 8 -26.87 13.58 19.12
CA GLN E 8 -25.61 14.19 18.70
C GLN E 8 -25.76 14.88 17.35
N ASP E 9 -26.26 14.14 16.35
CA ASP E 9 -26.37 14.67 14.99
C ASP E 9 -27.19 15.95 14.92
N PRO E 10 -28.40 16.03 15.49
CA PRO E 10 -29.16 17.29 15.40
C PRO E 10 -28.45 18.46 16.07
N TYR E 11 -27.86 18.23 17.24
CA TYR E 11 -27.15 19.30 17.94
C TYR E 11 -25.99 19.82 17.10
N LEU E 12 -25.16 18.90 16.59
CA LEU E 12 -24.01 19.31 15.78
C LEU E 12 -24.47 20.01 14.50
N ASN E 13 -25.54 19.51 13.88
CA ASN E 13 -26.03 20.14 12.65
C ASN E 13 -26.53 21.55 12.93
N THR E 14 -27.24 21.75 14.04
CA THR E 14 -27.70 23.09 14.39
C THR E 14 -26.51 24.01 14.65
N LEU E 15 -25.53 23.53 15.42
CA LEU E 15 -24.38 24.36 15.72
C LEU E 15 -23.60 24.72 14.47
N ARG E 16 -23.55 23.80 13.49
CA ARG E 16 -22.80 24.06 12.26
C ARG E 16 -23.56 25.02 11.34
N LYS E 17 -24.85 24.78 11.15
CA LYS E 17 -25.65 25.66 10.30
C LYS E 17 -25.66 27.09 10.87
N GLU E 18 -25.95 27.22 12.17
CA GLU E 18 -26.03 28.54 12.77
C GLU E 18 -24.67 29.22 12.89
N ARG E 19 -23.58 28.50 12.63
CA ARG E 19 -22.24 29.07 12.66
C ARG E 19 -21.93 29.64 14.05
N VAL E 20 -22.09 28.81 15.07
CA VAL E 20 -21.82 29.21 16.44
C VAL E 20 -20.34 28.93 16.75
N PRO E 21 -19.57 29.93 17.19
CA PRO E 21 -18.18 29.65 17.58
C PRO E 21 -18.12 28.74 18.79
N VAL E 22 -17.99 27.43 18.56
CA VAL E 22 -17.96 26.45 19.64
C VAL E 22 -16.52 26.24 20.08
N SER E 23 -16.36 25.77 21.31
CA SER E 23 -15.06 25.39 21.86
C SER E 23 -15.11 23.91 22.21
N ILE E 24 -14.24 23.13 21.55
CA ILE E 24 -14.21 21.69 21.73
C ILE E 24 -13.11 21.38 22.75
N TYR E 25 -13.52 21.05 23.97
CA TYR E 25 -12.59 20.61 25.00
C TYR E 25 -12.29 19.13 24.78
N LEU E 26 -11.02 18.81 24.54
CA LEU E 26 -10.61 17.44 24.24
C LEU E 26 -10.46 16.67 25.54
N VAL E 27 -9.94 15.44 25.44
CA VAL E 27 -9.75 14.62 26.63
C VAL E 27 -8.45 15.00 27.34
N ASN E 28 -7.42 15.38 26.57
CA ASN E 28 -6.13 15.73 27.15
C ASN E 28 -6.17 17.07 27.89
N GLY E 29 -7.28 17.80 27.86
CA GLY E 29 -7.40 19.06 28.56
C GLY E 29 -7.23 20.29 27.70
N ILE E 30 -6.97 20.14 26.40
CA ILE E 30 -6.79 21.28 25.53
C ILE E 30 -8.15 21.83 25.12
N LYS E 31 -8.21 23.14 24.90
CA LYS E 31 -9.44 23.84 24.56
C LYS E 31 -9.31 24.36 23.14
N LEU E 32 -9.91 23.64 22.19
CA LEU E 32 -9.95 24.08 20.80
C LEU E 32 -11.09 25.08 20.60
N GLN E 33 -11.04 25.77 19.47
CA GLN E 33 -12.06 26.77 19.13
C GLN E 33 -12.27 26.76 17.63
N GLY E 34 -13.21 27.57 17.18
CA GLY E 34 -13.54 27.67 15.77
C GLY E 34 -14.94 27.14 15.48
N GLN E 35 -15.42 27.48 14.29
CA GLN E 35 -16.74 27.06 13.85
C GLN E 35 -16.68 25.66 13.26
N ILE E 36 -17.75 24.90 13.49
CA ILE E 36 -17.87 23.56 12.93
C ILE E 36 -18.21 23.69 11.44
N GLU E 37 -17.32 23.16 10.59
CA GLU E 37 -17.54 23.21 9.15
C GLU E 37 -18.34 22.02 8.65
N SER E 38 -17.94 20.81 9.03
CA SER E 38 -18.64 19.60 8.64
C SER E 38 -18.26 18.48 9.57
N PHE E 39 -19.26 17.77 10.10
CA PHE E 39 -19.07 16.71 11.07
C PHE E 39 -19.39 15.35 10.45
N ASP E 40 -18.69 14.33 10.93
CA ASP E 40 -18.92 12.96 10.48
C ASP E 40 -19.25 12.08 11.67
N GLN E 41 -19.37 10.76 11.45
CA GLN E 41 -19.63 9.84 12.54
C GLN E 41 -18.41 9.58 13.41
N PHE E 42 -17.20 9.87 12.91
CA PHE E 42 -15.98 9.64 13.66
C PHE E 42 -14.99 10.80 13.61
N VAL E 43 -15.31 11.87 12.89
CA VAL E 43 -14.41 13.02 12.77
C VAL E 43 -15.25 14.27 12.59
N ILE E 44 -14.69 15.41 13.02
CA ILE E 44 -15.31 16.71 12.83
C ILE E 44 -14.25 17.66 12.29
N LEU E 45 -14.70 18.74 11.68
CA LEU E 45 -13.81 19.72 11.06
C LEU E 45 -14.02 21.08 11.71
N LEU E 46 -12.90 21.75 12.04
CA LEU E 46 -12.92 23.10 12.56
C LEU E 46 -12.08 24.00 11.67
N LYS E 47 -12.32 25.31 11.79
CA LYS E 47 -11.62 26.30 10.98
C LYS E 47 -11.33 27.54 11.81
N ASN E 48 -10.64 27.34 12.94
CA ASN E 48 -10.17 28.48 13.72
C ASN E 48 -9.17 29.30 12.92
N THR E 49 -8.23 28.64 12.25
CA THR E 49 -7.29 29.30 11.36
C THR E 49 -7.18 28.51 10.06
N VAL E 50 -7.22 27.18 10.17
CA VAL E 50 -7.18 26.29 9.01
C VAL E 50 -8.13 25.13 9.25
N SER E 51 -8.43 24.40 8.18
CA SER E 51 -9.35 23.27 8.26
C SER E 51 -8.64 22.11 8.95
N GLN E 52 -8.87 21.96 10.25
CA GLN E 52 -8.27 20.90 11.04
C GLN E 52 -9.31 19.87 11.42
N MET E 53 -8.92 18.60 11.36
CA MET E 53 -9.82 17.49 11.65
C MET E 53 -9.58 17.00 13.07
N VAL E 54 -10.62 17.05 13.89
CA VAL E 54 -10.58 16.56 15.27
C VAL E 54 -11.29 15.22 15.31
N TYR E 55 -10.63 14.23 15.93
CA TYR E 55 -11.20 12.90 16.03
C TYR E 55 -12.21 12.83 17.17
N LYS E 56 -13.32 12.15 16.93
CA LYS E 56 -14.38 12.06 17.93
C LYS E 56 -13.87 11.42 19.22
N HIS E 57 -13.19 10.28 19.10
CA HIS E 57 -12.74 9.56 20.29
C HIS E 57 -11.81 10.40 21.16
N ALA E 58 -11.27 11.50 20.63
CA ALA E 58 -10.42 12.39 21.41
C ALA E 58 -11.16 13.61 21.94
N ILE E 59 -12.42 13.80 21.57
CA ILE E 59 -13.22 14.92 22.03
C ILE E 59 -13.88 14.55 23.35
N SER E 60 -14.05 15.55 24.22
CA SER E 60 -14.69 15.35 25.51
C SER E 60 -15.99 16.14 25.62
N THR E 61 -15.97 17.44 25.35
CA THR E 61 -17.17 18.26 25.40
C THR E 61 -17.11 19.34 24.32
N VAL E 62 -18.27 19.89 24.00
CA VAL E 62 -18.41 20.91 22.97
C VAL E 62 -19.26 22.04 23.58
N VAL E 63 -18.60 23.09 24.05
CA VAL E 63 -19.28 24.20 24.71
C VAL E 63 -19.61 25.24 23.63
N PRO E 64 -20.90 25.50 23.36
CA PRO E 64 -21.23 26.56 22.40
C PRO E 64 -21.11 27.93 23.06
N SER E 65 -20.45 28.86 22.36
CA SER E 65 -20.26 30.20 22.90
C SER E 65 -21.58 30.94 23.09
N ARG E 66 -22.65 30.51 22.41
CA ARG E 66 -23.95 31.12 22.52
C ARG E 66 -24.99 30.05 22.81
N PRO E 67 -25.92 30.29 23.74
CA PRO E 67 -26.93 29.26 24.03
C PRO E 67 -27.75 28.91 22.80
N VAL E 68 -27.87 27.62 22.53
CA VAL E 68 -28.62 27.14 21.38
C VAL E 68 -29.83 26.34 21.84
N HIS F 5 -17.68 8.14 7.67
CA HIS F 5 -16.41 8.38 6.99
C HIS F 5 -16.60 9.24 5.75
N SER F 6 -17.74 9.94 5.69
CA SER F 6 -18.02 10.80 4.55
C SER F 6 -17.05 11.97 4.47
N LEU F 7 -16.41 12.35 5.56
CA LEU F 7 -15.44 13.44 5.59
C LEU F 7 -14.02 12.95 5.85
N GLN F 8 -13.85 11.87 6.61
CA GLN F 8 -12.51 11.37 6.90
C GLN F 8 -11.81 10.92 5.63
N ASP F 9 -12.46 10.08 4.84
CA ASP F 9 -11.81 9.52 3.65
C ASP F 9 -11.48 10.60 2.62
N PRO F 10 -12.42 11.44 2.17
CA PRO F 10 -12.05 12.48 1.20
C PRO F 10 -11.01 13.44 1.74
N TYR F 11 -11.11 13.82 3.01
CA TYR F 11 -10.13 14.74 3.59
C TYR F 11 -8.73 14.13 3.55
N LEU F 12 -8.60 12.88 4.02
CA LEU F 12 -7.29 12.23 4.01
C LEU F 12 -6.78 12.04 2.59
N ASN F 13 -7.67 11.73 1.64
CA ASN F 13 -7.24 11.54 0.27
C ASN F 13 -6.74 12.85 -0.33
N THR F 14 -7.43 13.96 -0.06
CA THR F 14 -6.97 15.25 -0.55
C THR F 14 -5.64 15.64 0.08
N LEU F 15 -5.46 15.35 1.37
CA LEU F 15 -4.18 15.66 2.01
C LEU F 15 -3.07 14.76 1.49
N ARG F 16 -3.41 13.56 1.03
CA ARG F 16 -2.40 12.64 0.51
C ARG F 16 -1.97 13.03 -0.90
N LYS F 17 -2.93 13.20 -1.81
CA LYS F 17 -2.59 13.44 -3.21
C LYS F 17 -1.77 14.72 -3.36
N GLU F 18 -2.07 15.74 -2.56
CA GLU F 18 -1.34 17.00 -2.65
C GLU F 18 -0.04 16.99 -1.87
N ARG F 19 0.22 15.95 -1.07
CA ARG F 19 1.46 15.85 -0.29
C ARG F 19 1.63 17.06 0.62
N VAL F 20 0.58 17.42 1.34
CA VAL F 20 0.60 18.55 2.26
C VAL F 20 1.27 18.11 3.56
N PRO F 21 2.35 18.76 3.99
CA PRO F 21 2.94 18.40 5.29
C PRO F 21 1.97 18.66 6.44
N VAL F 22 1.35 17.61 6.95
CA VAL F 22 0.36 17.74 8.01
C VAL F 22 1.03 17.56 9.36
N SER F 23 0.43 18.18 10.38
CA SER F 23 0.85 18.03 11.77
C SER F 23 -0.24 17.28 12.52
N ILE F 24 0.10 16.10 13.01
CA ILE F 24 -0.85 15.24 13.73
C ILE F 24 -0.56 15.40 15.21
N TYR F 25 -1.51 15.99 15.93
CA TYR F 25 -1.44 16.11 17.38
C TYR F 25 -2.05 14.86 18.01
N LEU F 26 -1.24 14.10 18.73
CA LEU F 26 -1.71 12.90 19.40
C LEU F 26 -2.48 13.28 20.67
N VAL F 27 -2.86 12.26 21.43
CA VAL F 27 -3.64 12.51 22.65
C VAL F 27 -2.74 13.00 23.77
N ASN F 28 -1.54 12.45 23.89
CA ASN F 28 -0.65 12.79 24.99
C ASN F 28 0.03 14.14 24.82
N GLY F 29 -0.34 14.92 23.81
CA GLY F 29 0.18 16.27 23.66
C GLY F 29 1.23 16.42 22.57
N ILE F 30 2.13 15.44 22.45
CA ILE F 30 3.20 15.53 21.46
C ILE F 30 2.60 15.53 20.06
N LYS F 31 3.25 16.24 19.15
CA LYS F 31 2.81 16.38 17.78
C LYS F 31 3.86 15.82 16.82
N LEU F 32 3.40 15.12 15.79
CA LEU F 32 4.25 14.62 14.72
C LEU F 32 4.03 15.44 13.47
N GLN F 33 5.04 15.49 12.61
CA GLN F 33 4.98 16.27 11.38
C GLN F 33 5.31 15.37 10.19
N GLY F 34 4.67 15.65 9.06
CA GLY F 34 4.94 14.90 7.85
C GLY F 34 3.72 14.76 6.95
N GLN F 35 3.94 14.32 5.71
CA GLN F 35 2.86 14.14 4.77
C GLN F 35 2.27 12.74 4.90
N ILE F 36 1.00 12.62 4.53
CA ILE F 36 0.29 11.35 4.62
C ILE F 36 0.61 10.53 3.37
N GLU F 37 1.33 9.42 3.56
CA GLU F 37 1.61 8.52 2.45
C GLU F 37 0.38 7.68 2.12
N SER F 38 -0.13 6.95 3.11
CA SER F 38 -1.33 6.15 2.94
C SER F 38 -2.04 6.05 4.28
N PHE F 39 -3.33 5.75 4.24
CA PHE F 39 -4.14 5.68 5.45
C PHE F 39 -5.14 4.53 5.33
N ASP F 40 -5.57 4.04 6.48
CA ASP F 40 -6.53 2.95 6.57
C ASP F 40 -7.57 3.30 7.62
N GLN F 41 -8.45 2.35 7.92
CA GLN F 41 -9.49 2.58 8.91
C GLN F 41 -8.90 2.77 10.30
N PHE F 42 -7.69 2.26 10.55
CA PHE F 42 -7.10 2.33 11.88
C PHE F 42 -5.61 2.66 11.87
N VAL F 43 -5.04 3.06 10.73
CA VAL F 43 -3.62 3.37 10.67
C VAL F 43 -3.38 4.42 9.59
N ILE F 44 -2.50 5.37 9.89
CA ILE F 44 -2.03 6.36 8.93
C ILE F 44 -0.52 6.23 8.84
N LEU F 45 0.02 6.55 7.66
CA LEU F 45 1.46 6.46 7.41
C LEU F 45 2.02 7.86 7.27
N LEU F 46 2.98 8.20 8.14
CA LEU F 46 3.65 9.48 8.11
C LEU F 46 5.05 9.31 7.54
N LYS F 47 5.35 10.08 6.50
CA LYS F 47 6.66 10.08 5.86
C LYS F 47 7.39 11.36 6.24
N ASN F 48 8.40 11.24 7.09
CA ASN F 48 9.21 12.39 7.52
C ASN F 48 10.59 11.86 7.90
N THR F 49 11.29 11.29 6.91
CA THR F 49 12.57 10.61 7.02
C THR F 49 12.40 9.18 7.53
N VAL F 50 11.28 8.85 8.16
CA VAL F 50 11.01 7.49 8.61
C VAL F 50 9.53 7.21 8.45
N SER F 51 9.19 6.26 7.57
CA SER F 51 7.80 5.91 7.30
C SER F 51 7.23 5.23 8.55
N GLN F 52 6.64 6.04 9.42
CA GLN F 52 6.07 5.55 10.67
C GLN F 52 4.58 5.33 10.52
N MET F 53 4.05 4.44 11.37
CA MET F 53 2.63 4.08 11.36
C MET F 53 1.98 4.60 12.63
N VAL F 54 1.17 5.64 12.50
CA VAL F 54 0.41 6.18 13.62
C VAL F 54 -0.95 5.52 13.64
N TYR F 55 -1.54 5.40 14.82
CA TYR F 55 -2.81 4.72 15.01
C TYR F 55 -3.95 5.73 15.09
N LYS F 56 -5.07 5.41 14.47
CA LYS F 56 -6.22 6.29 14.48
C LYS F 56 -6.74 6.51 15.90
N HIS F 57 -6.80 5.43 16.70
CA HIS F 57 -7.34 5.53 18.05
C HIS F 57 -6.45 6.33 18.98
N ALA F 58 -5.26 6.75 18.53
CA ALA F 58 -4.35 7.54 19.34
C ALA F 58 -4.22 8.98 18.87
N ILE F 59 -4.71 9.31 17.68
CA ILE F 59 -4.61 10.67 17.16
C ILE F 59 -5.71 11.53 17.77
N SER F 60 -5.39 12.79 18.05
CA SER F 60 -6.37 13.75 18.55
C SER F 60 -6.82 14.72 17.46
N THR F 61 -5.88 15.33 16.75
CA THR F 61 -6.24 16.24 15.67
C THR F 61 -5.21 16.12 14.54
N VAL F 62 -5.59 16.61 13.37
CA VAL F 62 -4.74 16.60 12.18
C VAL F 62 -4.90 17.96 11.51
N VAL F 63 -3.88 18.81 11.60
CA VAL F 63 -3.92 20.17 11.08
C VAL F 63 -3.04 20.23 9.83
N PRO F 64 -3.57 20.61 8.67
CA PRO F 64 -2.69 20.80 7.51
C PRO F 64 -1.87 22.07 7.65
N SER F 65 -0.62 22.01 7.17
CA SER F 65 0.25 23.17 7.27
C SER F 65 -0.27 24.33 6.42
N ARG F 66 -0.98 24.03 5.34
CA ARG F 66 -1.55 25.04 4.48
C ARG F 66 -3.02 24.74 4.24
N PRO F 67 -3.85 25.76 3.99
CA PRO F 67 -5.27 25.51 3.79
C PRO F 67 -5.52 24.53 2.64
N VAL F 68 -6.61 23.77 2.77
CA VAL F 68 -7.01 22.80 1.76
C VAL F 68 -8.50 22.92 1.54
N ARG F 69 -8.93 22.79 0.30
CA ARG F 69 -10.34 22.91 -0.06
C ARG F 69 -11.00 21.53 -0.05
N LEU F 70 -12.31 21.52 -0.26
CA LEU F 70 -13.08 20.28 -0.29
C LEU F 70 -14.18 20.36 -1.36
N GLY G 4 -53.07 -2.80 -28.79
CA GLY G 4 -51.78 -2.93 -28.15
C GLY G 4 -50.71 -3.43 -29.10
N HIS G 5 -49.45 -3.20 -28.74
CA HIS G 5 -48.31 -3.62 -29.55
C HIS G 5 -48.34 -2.98 -30.93
N SER G 6 -48.87 -1.75 -31.02
CA SER G 6 -48.95 -1.05 -32.30
C SER G 6 -47.57 -0.77 -32.89
N LEU G 7 -46.52 -0.78 -32.06
CA LEU G 7 -45.17 -0.51 -32.52
C LEU G 7 -44.22 -1.68 -32.38
N GLN G 8 -44.58 -2.72 -31.62
CA GLN G 8 -43.68 -3.84 -31.43
C GLN G 8 -43.65 -4.74 -32.68
N ASP G 9 -44.83 -5.12 -33.17
CA ASP G 9 -44.87 -6.03 -34.32
C ASP G 9 -44.30 -5.37 -35.58
N PRO G 10 -44.68 -4.15 -35.95
CA PRO G 10 -44.12 -3.53 -37.17
C PRO G 10 -42.60 -3.58 -37.21
N TYR G 11 -41.97 -3.67 -36.04
CA TYR G 11 -40.52 -3.73 -35.93
C TYR G 11 -40.01 -5.16 -35.92
N LEU G 12 -40.64 -6.04 -35.13
CA LEU G 12 -40.17 -7.42 -35.03
C LEU G 12 -40.36 -8.16 -36.34
N ASN G 13 -41.56 -8.06 -36.94
CA ASN G 13 -41.79 -8.70 -38.23
C ASN G 13 -40.89 -8.12 -39.31
N THR G 14 -40.58 -6.83 -39.23
CA THR G 14 -39.67 -6.22 -40.20
C THR G 14 -38.27 -6.83 -40.06
N LEU G 15 -37.77 -6.93 -38.83
CA LEU G 15 -36.48 -7.58 -38.62
C LEU G 15 -36.51 -9.03 -39.07
N ARG G 16 -37.65 -9.70 -38.93
CA ARG G 16 -37.75 -11.10 -39.32
C ARG G 16 -37.69 -11.26 -40.83
N LYS G 17 -38.49 -10.48 -41.56
CA LYS G 17 -38.55 -10.63 -43.02
C LYS G 17 -37.18 -10.41 -43.65
N GLU G 18 -36.54 -9.29 -43.33
CA GLU G 18 -35.22 -9.00 -43.88
C GLU G 18 -34.13 -9.91 -43.32
N ARG G 19 -34.43 -10.68 -42.28
CA ARG G 19 -33.45 -11.56 -41.65
C ARG G 19 -32.21 -10.79 -41.23
N VAL G 20 -32.44 -9.70 -40.51
CA VAL G 20 -31.34 -8.84 -40.05
C VAL G 20 -30.73 -9.46 -38.80
N PRO G 21 -29.40 -9.66 -38.75
CA PRO G 21 -28.80 -10.17 -37.51
C PRO G 21 -28.95 -9.20 -36.35
N VAL G 22 -29.69 -9.59 -35.32
CA VAL G 22 -29.92 -8.74 -34.16
C VAL G 22 -29.34 -9.41 -32.92
N SER G 23 -28.96 -8.57 -31.95
CA SER G 23 -28.46 -9.02 -30.67
C SER G 23 -29.48 -8.67 -29.60
N ILE G 24 -29.98 -9.68 -28.91
CA ILE G 24 -30.93 -9.50 -27.83
C ILE G 24 -30.17 -9.51 -26.50
N TYR G 25 -30.65 -8.74 -25.55
CA TYR G 25 -30.02 -8.62 -24.24
C TYR G 25 -31.00 -9.12 -23.18
N LEU G 26 -30.73 -10.30 -22.63
CA LEU G 26 -31.58 -10.86 -21.60
C LEU G 26 -31.55 -10.00 -20.35
N VAL G 27 -32.52 -10.23 -19.46
CA VAL G 27 -32.58 -9.47 -18.23
C VAL G 27 -31.41 -9.79 -17.32
N ASN G 28 -30.83 -11.00 -17.44
CA ASN G 28 -29.70 -11.37 -16.60
C ASN G 28 -28.48 -10.52 -16.89
N GLY G 29 -28.35 -9.98 -18.10
CA GLY G 29 -27.24 -9.12 -18.47
C GLY G 29 -26.42 -9.61 -19.65
N ILE G 30 -26.54 -10.88 -20.03
CA ILE G 30 -25.75 -11.41 -21.14
C ILE G 30 -26.36 -10.98 -22.46
N LYS G 31 -25.86 -11.51 -23.57
CA LYS G 31 -26.31 -11.11 -24.90
C LYS G 31 -26.36 -12.33 -25.80
N LEU G 32 -27.53 -12.59 -26.37
CA LEU G 32 -27.68 -13.58 -27.42
C LEU G 32 -27.63 -12.88 -28.78
N GLN G 33 -27.28 -13.64 -29.81
CA GLN G 33 -27.14 -13.09 -31.16
C GLN G 33 -27.88 -13.98 -32.15
N GLY G 34 -28.27 -13.37 -33.26
CA GLY G 34 -28.89 -14.12 -34.35
C GLY G 34 -30.06 -13.41 -34.99
N GLN G 35 -30.64 -14.03 -36.01
CA GLN G 35 -31.79 -13.47 -36.70
C GLN G 35 -33.08 -13.97 -36.07
N ILE G 36 -34.08 -13.10 -36.00
CA ILE G 36 -35.37 -13.46 -35.44
C ILE G 36 -36.10 -14.35 -36.44
N GLU G 37 -36.24 -15.63 -36.11
CA GLU G 37 -36.91 -16.57 -37.01
C GLU G 37 -38.43 -16.41 -36.92
N SER G 38 -38.99 -16.59 -35.73
CA SER G 38 -40.42 -16.46 -35.52
C SER G 38 -40.66 -15.94 -34.11
N PHE G 39 -41.81 -15.30 -33.93
CA PHE G 39 -42.13 -14.69 -32.64
C PHE G 39 -43.64 -14.56 -32.52
N ASP G 40 -44.13 -14.71 -31.29
CA ASP G 40 -45.54 -14.53 -30.99
C ASP G 40 -45.70 -13.52 -29.86
N GLN G 41 -46.85 -13.53 -29.20
CA GLN G 41 -47.10 -12.60 -28.09
C GLN G 41 -46.38 -12.98 -26.81
N PHE G 42 -45.67 -14.11 -26.79
CA PHE G 42 -45.04 -14.60 -25.58
C PHE G 42 -43.55 -14.89 -25.71
N VAL G 43 -43.09 -15.35 -26.87
CA VAL G 43 -41.71 -15.80 -27.04
C VAL G 43 -41.21 -15.40 -28.42
N ILE G 44 -39.88 -15.42 -28.57
CA ILE G 44 -39.20 -15.16 -29.82
C ILE G 44 -38.29 -16.34 -30.11
N LEU G 45 -37.99 -16.54 -31.40
CA LEU G 45 -37.12 -17.61 -31.85
C LEU G 45 -35.96 -17.02 -32.63
N LEU G 46 -34.75 -17.49 -32.36
CA LEU G 46 -33.54 -17.03 -33.03
C LEU G 46 -33.15 -18.05 -34.09
N LYS G 47 -32.92 -17.57 -35.30
CA LYS G 47 -32.59 -18.45 -36.43
C LYS G 47 -31.19 -19.04 -36.33
N ASN G 48 -30.42 -18.70 -35.28
CA ASN G 48 -29.07 -19.21 -35.13
C ASN G 48 -29.06 -20.74 -35.22
N THR G 49 -27.86 -21.32 -35.31
CA THR G 49 -27.74 -22.77 -35.47
C THR G 49 -28.51 -23.52 -34.39
N VAL G 50 -28.42 -23.04 -33.14
CA VAL G 50 -29.09 -23.74 -32.04
C VAL G 50 -30.60 -23.60 -32.11
N SER G 51 -31.11 -22.65 -32.89
CA SER G 51 -32.56 -22.41 -32.98
C SER G 51 -33.13 -22.16 -31.58
N GLN G 52 -32.46 -21.30 -30.82
CA GLN G 52 -32.84 -21.04 -29.44
C GLN G 52 -34.15 -20.27 -29.37
N MET G 53 -34.88 -20.48 -28.29
CA MET G 53 -36.11 -19.74 -27.99
C MET G 53 -35.89 -18.89 -26.75
N VAL G 54 -36.32 -17.63 -26.82
CA VAL G 54 -36.18 -16.67 -25.74
C VAL G 54 -37.57 -16.21 -25.32
N TYR G 55 -37.69 -15.86 -24.04
CA TYR G 55 -38.96 -15.41 -23.48
C TYR G 55 -39.00 -13.89 -23.45
N LYS G 56 -40.15 -13.33 -23.84
CA LYS G 56 -40.29 -11.88 -23.90
C LYS G 56 -39.95 -11.23 -22.56
N HIS G 57 -40.60 -11.69 -21.49
CA HIS G 57 -40.39 -11.07 -20.18
C HIS G 57 -38.94 -11.12 -19.74
N ALA G 58 -38.12 -12.00 -20.31
CA ALA G 58 -36.72 -12.09 -19.97
C ALA G 58 -35.83 -11.24 -20.87
N ILE G 59 -36.39 -10.61 -21.89
CA ILE G 59 -35.63 -9.79 -22.83
C ILE G 59 -35.63 -8.35 -22.34
N SER G 60 -34.55 -7.63 -22.65
CA SER G 60 -34.41 -6.23 -22.28
C SER G 60 -34.35 -5.31 -23.49
N THR G 61 -33.48 -5.61 -24.46
CA THR G 61 -33.35 -4.78 -25.65
C THR G 61 -33.04 -5.66 -26.85
N VAL G 62 -33.27 -5.12 -28.04
CA VAL G 62 -33.03 -5.81 -29.30
C VAL G 62 -32.27 -4.84 -30.19
N VAL G 63 -30.95 -4.94 -30.21
CA VAL G 63 -30.10 -4.04 -30.99
C VAL G 63 -29.88 -4.65 -32.36
N PRO G 64 -30.32 -4.00 -33.44
CA PRO G 64 -30.04 -4.54 -34.77
C PRO G 64 -28.62 -4.22 -35.23
N SER G 65 -28.04 -5.17 -35.95
CA SER G 65 -26.68 -4.99 -36.45
C SER G 65 -26.58 -3.89 -37.49
N ARG G 66 -27.69 -3.56 -38.16
CA ARG G 66 -27.74 -2.52 -39.16
C ARG G 66 -29.05 -1.76 -39.02
N PRO G 67 -29.07 -0.45 -39.31
CA PRO G 67 -30.32 0.30 -39.20
C PRO G 67 -31.37 -0.20 -40.18
N VAL G 68 -32.62 -0.24 -39.70
CA VAL G 68 -33.74 -0.70 -40.51
C VAL G 68 -34.83 0.35 -40.48
N ARG G 69 -35.56 0.47 -41.58
CA ARG G 69 -36.63 1.45 -41.70
C ARG G 69 -37.90 0.92 -41.03
N LEU G 70 -38.63 1.83 -40.39
CA LEU G 70 -39.88 1.48 -39.73
C LEU G 70 -41.03 1.50 -40.74
N PRO G 71 -41.79 0.41 -40.89
CA PRO G 71 -42.89 0.42 -41.87
C PRO G 71 -44.07 1.29 -41.42
N GLY H 4 -52.61 -14.76 -29.32
CA GLY H 4 -51.50 -14.91 -28.39
C GLY H 4 -51.17 -16.35 -28.09
N HIS H 5 -49.97 -16.58 -27.56
CA HIS H 5 -49.49 -17.91 -27.20
C HIS H 5 -49.84 -18.94 -28.27
N SER H 6 -49.77 -18.54 -29.54
CA SER H 6 -50.07 -19.44 -30.64
C SER H 6 -48.88 -20.26 -31.09
N LEU H 7 -47.66 -19.80 -30.80
CA LEU H 7 -46.45 -20.51 -31.19
C LEU H 7 -45.83 -21.32 -30.05
N GLN H 8 -46.01 -20.87 -28.80
CA GLN H 8 -45.40 -21.57 -27.68
C GLN H 8 -45.97 -22.97 -27.54
N ASP H 9 -47.26 -23.15 -27.83
CA ASP H 9 -47.88 -24.46 -27.66
C ASP H 9 -47.28 -25.51 -28.60
N PRO H 10 -47.25 -25.30 -29.92
CA PRO H 10 -46.68 -26.35 -30.79
C PRO H 10 -45.21 -26.62 -30.54
N TYR H 11 -44.42 -25.59 -30.22
CA TYR H 11 -43.00 -25.79 -29.98
C TYR H 11 -42.78 -26.73 -28.79
N LEU H 12 -43.38 -26.40 -27.64
CA LEU H 12 -43.23 -27.24 -26.47
C LEU H 12 -43.85 -28.61 -26.69
N ASN H 13 -44.97 -28.66 -27.42
CA ASN H 13 -45.59 -29.96 -27.71
C ASN H 13 -44.65 -30.86 -28.49
N THR H 14 -43.98 -30.32 -29.50
CA THR H 14 -43.03 -31.11 -30.27
C THR H 14 -41.82 -31.50 -29.43
N LEU H 15 -41.31 -30.56 -28.62
CA LEU H 15 -40.18 -30.88 -27.76
C LEU H 15 -40.52 -32.00 -26.78
N ARG H 16 -41.78 -32.06 -26.34
CA ARG H 16 -42.20 -33.14 -25.44
C ARG H 16 -42.40 -34.44 -26.20
N LYS H 17 -43.00 -34.38 -27.39
CA LYS H 17 -43.24 -35.58 -28.17
C LYS H 17 -41.94 -36.27 -28.55
N GLU H 18 -41.01 -35.51 -29.14
CA GLU H 18 -39.73 -36.09 -29.55
C GLU H 18 -38.81 -36.37 -28.37
N ARG H 19 -39.12 -35.85 -27.18
CA ARG H 19 -38.32 -36.09 -25.99
C ARG H 19 -36.85 -35.71 -26.22
N VAL H 20 -36.64 -34.60 -26.92
CA VAL H 20 -35.28 -34.13 -27.18
C VAL H 20 -34.72 -33.51 -25.90
N PRO H 21 -33.48 -33.81 -25.51
CA PRO H 21 -32.93 -33.20 -24.29
C PRO H 21 -32.73 -31.71 -24.48
N VAL H 22 -33.42 -30.91 -23.66
CA VAL H 22 -33.38 -29.46 -23.76
C VAL H 22 -32.70 -28.90 -22.52
N SER H 23 -32.10 -27.74 -22.68
CA SER H 23 -31.45 -27.00 -21.59
C SER H 23 -32.20 -25.70 -21.38
N ILE H 24 -32.81 -25.56 -20.22
CA ILE H 24 -33.55 -24.35 -19.86
C ILE H 24 -32.63 -23.45 -19.05
N TYR H 25 -32.36 -22.26 -19.59
CA TYR H 25 -31.57 -21.24 -18.89
C TYR H 25 -32.54 -20.27 -18.23
N LEU H 26 -32.40 -20.12 -16.92
CA LEU H 26 -33.32 -19.31 -16.12
C LEU H 26 -32.86 -17.85 -16.14
N VAL H 27 -33.47 -17.03 -15.28
CA VAL H 27 -33.13 -15.61 -15.23
C VAL H 27 -31.88 -15.37 -14.41
N ASN H 28 -31.62 -16.20 -13.39
CA ASN H 28 -30.43 -16.03 -12.58
C ASN H 28 -29.16 -16.48 -13.30
N GLY H 29 -29.27 -17.07 -14.48
CA GLY H 29 -28.15 -17.63 -15.19
C GLY H 29 -27.95 -19.11 -15.00
N ILE H 30 -28.64 -19.72 -14.04
CA ILE H 30 -28.53 -21.16 -13.82
C ILE H 30 -29.12 -21.89 -15.02
N LYS H 31 -28.63 -23.10 -15.26
CA LYS H 31 -29.08 -23.94 -16.37
C LYS H 31 -29.55 -25.27 -15.84
N LEU H 32 -30.76 -25.66 -16.23
CA LEU H 32 -31.27 -27.00 -15.98
C LEU H 32 -31.27 -27.78 -17.29
N GLN H 33 -31.13 -29.10 -17.20
CA GLN H 33 -31.04 -29.93 -18.38
C GLN H 33 -31.93 -31.15 -18.21
N GLY H 34 -32.63 -31.53 -19.27
CA GLY H 34 -33.49 -32.68 -19.24
C GLY H 34 -34.58 -32.59 -20.28
N GLN H 35 -35.51 -33.53 -20.20
CA GLN H 35 -36.61 -33.59 -21.16
C GLN H 35 -37.86 -32.93 -20.59
N ILE H 36 -38.52 -32.12 -21.40
CA ILE H 36 -39.76 -31.47 -20.97
C ILE H 36 -40.87 -32.51 -20.96
N GLU H 37 -41.27 -32.94 -19.77
CA GLU H 37 -42.25 -34.02 -19.65
C GLU H 37 -43.66 -33.53 -19.95
N SER H 38 -44.03 -32.38 -19.40
CA SER H 38 -45.37 -31.83 -19.60
C SER H 38 -45.31 -30.32 -19.49
N PHE H 39 -45.73 -29.63 -20.55
CA PHE H 39 -45.77 -28.18 -20.57
C PHE H 39 -47.16 -27.70 -20.21
N ASP H 40 -47.23 -26.64 -19.41
CA ASP H 40 -48.50 -26.07 -18.99
C ASP H 40 -48.33 -24.58 -18.78
N GLN H 41 -49.45 -23.89 -18.61
CA GLN H 41 -49.42 -22.45 -18.39
C GLN H 41 -48.88 -22.13 -17.00
N PHE H 42 -47.91 -21.23 -16.95
CA PHE H 42 -47.29 -20.75 -15.72
C PHE H 42 -46.40 -21.79 -15.06
N VAL H 43 -46.14 -22.92 -15.72
CA VAL H 43 -45.31 -23.96 -15.13
C VAL H 43 -44.93 -24.99 -16.19
N ILE H 44 -43.71 -25.52 -16.11
CA ILE H 44 -43.23 -26.57 -17.00
C ILE H 44 -42.62 -27.67 -16.16
N LEU H 45 -42.89 -28.92 -16.53
CA LEU H 45 -42.41 -30.08 -15.79
C LEU H 45 -41.16 -30.62 -16.46
N LEU H 46 -40.07 -30.72 -15.70
CA LEU H 46 -38.81 -31.24 -16.19
C LEU H 46 -38.70 -32.73 -15.88
N LYS H 47 -37.83 -33.41 -16.63
CA LYS H 47 -37.59 -34.84 -16.45
C LYS H 47 -36.10 -35.07 -16.51
N ASN H 48 -35.54 -35.55 -15.40
CA ASN H 48 -34.12 -35.85 -15.25
C ASN H 48 -33.97 -36.44 -13.86
N THR H 49 -32.79 -37.01 -13.58
CA THR H 49 -32.53 -37.56 -12.26
C THR H 49 -32.89 -36.54 -11.20
N VAL H 50 -33.85 -36.89 -10.34
CA VAL H 50 -34.43 -35.96 -9.39
C VAL H 50 -35.16 -34.87 -10.17
N SER H 51 -36.27 -35.25 -10.81
CA SER H 51 -37.04 -34.31 -11.62
C SER H 51 -37.43 -33.08 -10.80
N GLN H 52 -37.85 -32.03 -11.49
CA GLN H 52 -38.19 -30.76 -10.88
C GLN H 52 -39.39 -30.14 -11.58
N MET H 53 -39.90 -29.07 -10.99
CA MET H 53 -40.99 -28.28 -11.54
C MET H 53 -40.50 -26.83 -11.67
N VAL H 54 -40.23 -26.41 -12.90
CA VAL H 54 -39.69 -25.07 -13.17
C VAL H 54 -40.85 -24.15 -13.53
N TYR H 55 -40.80 -22.93 -13.03
CA TYR H 55 -41.83 -21.94 -13.28
C TYR H 55 -41.54 -21.15 -14.54
N LYS H 56 -42.61 -20.74 -15.23
CA LYS H 56 -42.43 -20.02 -16.50
C LYS H 56 -41.76 -18.68 -16.28
N HIS H 57 -42.31 -17.86 -15.37
CA HIS H 57 -41.80 -16.51 -15.18
C HIS H 57 -40.33 -16.47 -14.77
N ALA H 58 -39.74 -17.61 -14.41
CA ALA H 58 -38.33 -17.67 -14.06
C ALA H 58 -37.45 -18.16 -15.20
N ILE H 59 -38.04 -18.66 -16.27
CA ILE H 59 -37.25 -19.16 -17.40
C ILE H 59 -36.90 -18.00 -18.33
N SER H 60 -35.72 -18.10 -18.94
CA SER H 60 -35.25 -17.11 -19.91
C SER H 60 -35.15 -17.67 -21.31
N THR H 61 -34.53 -18.85 -21.48
CA THR H 61 -34.39 -19.45 -22.80
C THR H 61 -34.49 -20.96 -22.67
N VAL H 62 -34.77 -21.61 -23.80
CA VAL H 62 -34.89 -23.06 -23.88
C VAL H 62 -34.11 -23.50 -25.12
N VAL H 63 -32.87 -23.93 -24.92
CA VAL H 63 -32.00 -24.36 -26.02
C VAL H 63 -32.31 -25.83 -26.29
N PRO H 64 -32.80 -26.19 -27.48
CA PRO H 64 -33.08 -27.62 -27.76
C PRO H 64 -31.83 -28.47 -27.88
N SER H 65 -30.63 -27.90 -27.75
CA SER H 65 -29.39 -28.65 -27.88
C SER H 65 -29.25 -29.21 -29.28
N ARG H 66 -30.09 -30.19 -29.64
CA ARG H 66 -30.06 -30.77 -30.98
C ARG H 66 -31.10 -30.11 -31.87
N PRO H 67 -30.90 -30.14 -33.19
CA PRO H 67 -31.86 -29.47 -34.09
C PRO H 67 -33.27 -30.00 -33.90
N VAL H 68 -34.23 -29.07 -33.91
CA VAL H 68 -35.65 -29.42 -33.78
C VAL H 68 -36.45 -28.43 -34.62
N ARG H 69 -37.48 -28.93 -35.29
CA ARG H 69 -38.33 -28.13 -36.16
C ARG H 69 -39.70 -27.95 -35.52
N LEU H 70 -40.39 -26.89 -35.95
CA LEU H 70 -41.72 -26.58 -35.45
C LEU H 70 -42.79 -27.22 -36.32
N HIS I 5 -52.29 -24.68 -14.52
CA HIS I 5 -53.59 -25.02 -13.96
C HIS I 5 -53.80 -26.52 -13.94
N SER I 6 -53.81 -27.14 -15.13
CA SER I 6 -54.06 -28.57 -15.22
C SER I 6 -52.96 -29.39 -14.55
N LEU I 7 -51.73 -28.88 -14.53
CA LEU I 7 -50.60 -29.60 -13.97
C LEU I 7 -50.10 -29.04 -12.65
N GLN I 8 -50.34 -27.76 -12.37
CA GLN I 8 -49.83 -27.16 -11.14
C GLN I 8 -50.63 -27.65 -9.93
N ASP I 9 -51.96 -27.56 -10.00
CA ASP I 9 -52.78 -27.89 -8.84
C ASP I 9 -52.65 -29.35 -8.43
N PRO I 10 -52.76 -30.33 -9.34
CA PRO I 10 -52.61 -31.73 -8.89
C PRO I 10 -51.23 -32.03 -8.37
N TYR I 11 -50.18 -31.51 -9.01
CA TYR I 11 -48.82 -31.73 -8.54
C TYR I 11 -48.63 -31.18 -7.13
N LEU I 12 -49.08 -29.95 -6.90
CA LEU I 12 -48.93 -29.36 -5.58
C LEU I 12 -49.76 -30.10 -4.54
N ASN I 13 -50.98 -30.52 -4.92
CA ASN I 13 -51.81 -31.26 -3.97
C ASN I 13 -51.16 -32.59 -3.60
N THR I 14 -50.56 -33.28 -4.57
CA THR I 14 -49.85 -34.52 -4.28
C THR I 14 -48.67 -34.27 -3.36
N LEU I 15 -47.87 -33.25 -3.67
CA LEU I 15 -46.71 -32.95 -2.84
C LEU I 15 -47.13 -32.59 -1.41
N ARG I 16 -48.28 -31.94 -1.25
CA ARG I 16 -48.73 -31.56 0.09
C ARG I 16 -49.27 -32.77 0.84
N LYS I 17 -50.12 -33.57 0.19
CA LYS I 17 -50.73 -34.71 0.87
C LYS I 17 -49.68 -35.75 1.25
N GLU I 18 -48.75 -36.03 0.34
CA GLU I 18 -47.71 -37.01 0.62
C GLU I 18 -46.66 -36.49 1.59
N ARG I 19 -46.60 -35.18 1.82
CA ARG I 19 -45.66 -34.58 2.77
C ARG I 19 -44.22 -34.91 2.38
N VAL I 20 -43.88 -34.63 1.13
CA VAL I 20 -42.53 -34.91 0.63
C VAL I 20 -41.63 -33.74 1.00
N PRO I 21 -40.46 -33.99 1.64
CA PRO I 21 -39.54 -32.88 1.91
C PRO I 21 -38.97 -32.30 0.61
N VAL I 22 -39.56 -31.22 0.12
CA VAL I 22 -39.13 -30.59 -1.11
C VAL I 22 -38.20 -29.44 -0.78
N SER I 23 -37.44 -29.01 -1.78
CA SER I 23 -36.53 -27.87 -1.68
C SER I 23 -36.94 -26.84 -2.74
N ILE I 24 -37.35 -25.66 -2.30
CA ILE I 24 -37.82 -24.61 -3.18
C ILE I 24 -36.65 -23.67 -3.48
N TYR I 25 -36.24 -23.61 -4.74
CA TYR I 25 -35.20 -22.70 -5.19
C TYR I 25 -35.84 -21.42 -5.69
N LEU I 26 -35.39 -20.29 -5.17
CA LEU I 26 -35.97 -19.00 -5.48
C LEU I 26 -35.39 -18.45 -6.78
N VAL I 27 -35.92 -17.29 -7.21
CA VAL I 27 -35.48 -16.69 -8.47
C VAL I 27 -34.03 -16.24 -8.37
N ASN I 28 -33.59 -15.79 -7.20
CA ASN I 28 -32.21 -15.35 -7.04
C ASN I 28 -31.21 -16.50 -7.04
N GLY I 29 -31.68 -17.74 -6.99
CA GLY I 29 -30.81 -18.89 -6.89
C GLY I 29 -30.66 -19.44 -5.48
N ILE I 30 -31.30 -18.83 -4.49
CA ILE I 30 -31.22 -19.31 -3.13
C ILE I 30 -31.99 -20.63 -3.00
N LYS I 31 -31.52 -21.49 -2.11
CA LYS I 31 -32.12 -22.79 -1.87
C LYS I 31 -32.85 -22.78 -0.54
N LEU I 32 -34.09 -23.26 -0.54
CA LEU I 32 -34.90 -23.40 0.66
C LEU I 32 -35.15 -24.87 0.94
N GLN I 33 -35.70 -25.15 2.12
CA GLN I 33 -35.99 -26.51 2.53
C GLN I 33 -37.27 -26.51 3.37
N GLY I 34 -37.85 -27.69 3.50
CA GLY I 34 -39.04 -27.88 4.29
C GLY I 34 -40.13 -28.59 3.51
N GLN I 35 -41.18 -28.96 4.24
CA GLN I 35 -42.34 -29.62 3.66
C GLN I 35 -43.41 -28.60 3.30
N ILE I 36 -44.10 -28.86 2.19
CA ILE I 36 -45.14 -27.97 1.71
C ILE I 36 -46.30 -27.97 2.70
N GLU I 37 -46.32 -26.98 3.60
CA GLU I 37 -47.41 -26.89 4.55
C GLU I 37 -48.73 -26.54 3.86
N SER I 38 -48.69 -25.63 2.89
CA SER I 38 -49.88 -25.25 2.15
C SER I 38 -49.47 -24.47 0.92
N PHE I 39 -50.38 -24.39 -0.05
CA PHE I 39 -50.13 -23.66 -1.29
C PHE I 39 -51.38 -22.86 -1.65
N ASP I 40 -51.17 -21.87 -2.50
CA ASP I 40 -52.26 -21.01 -2.98
C ASP I 40 -51.92 -20.55 -4.39
N GLN I 41 -52.84 -19.81 -5.00
CA GLN I 41 -52.65 -19.31 -6.35
C GLN I 41 -51.68 -18.14 -6.42
N PHE I 42 -51.10 -17.73 -5.29
CA PHE I 42 -50.12 -16.64 -5.29
C PHE I 42 -48.98 -16.82 -4.30
N VAL I 43 -49.13 -17.64 -3.25
CA VAL I 43 -48.11 -17.82 -2.23
C VAL I 43 -48.12 -19.28 -1.80
N ILE I 44 -47.07 -19.65 -1.06
CA ILE I 44 -46.90 -21.01 -0.55
C ILE I 44 -46.34 -20.93 0.86
N LEU I 45 -47.00 -21.59 1.80
CA LEU I 45 -46.52 -21.68 3.17
C LEU I 45 -45.69 -22.94 3.31
N LEU I 46 -44.39 -22.77 3.55
CA LEU I 46 -43.45 -23.86 3.70
C LEU I 46 -43.02 -23.93 5.16
N LYS I 47 -43.10 -25.12 5.75
CA LYS I 47 -42.82 -25.33 7.16
C LYS I 47 -41.51 -26.05 7.34
N ASN I 48 -40.68 -25.56 8.26
CA ASN I 48 -39.41 -26.19 8.61
C ASN I 48 -38.86 -25.52 9.87
N THR I 49 -39.52 -25.77 11.01
CA THR I 49 -39.28 -25.09 12.27
C THR I 49 -39.84 -23.67 12.27
N VAL I 50 -40.40 -23.21 11.15
CA VAL I 50 -40.98 -21.88 11.06
C VAL I 50 -41.73 -21.79 9.72
N SER I 51 -42.99 -21.37 9.78
CA SER I 51 -43.83 -21.31 8.58
C SER I 51 -43.51 -20.05 7.82
N GLN I 52 -42.82 -20.19 6.68
CA GLN I 52 -42.44 -19.07 5.84
C GLN I 52 -43.36 -18.98 4.62
N MET I 53 -43.81 -17.77 4.31
CA MET I 53 -44.62 -17.52 3.13
C MET I 53 -43.70 -17.10 2.00
N VAL I 54 -43.60 -17.94 0.97
CA VAL I 54 -42.79 -17.66 -0.22
C VAL I 54 -43.73 -17.33 -1.36
N TYR I 55 -43.46 -16.23 -2.06
CA TYR I 55 -44.32 -15.79 -3.15
C TYR I 55 -44.05 -16.62 -4.40
N LYS I 56 -45.12 -16.95 -5.12
CA LYS I 56 -44.96 -17.75 -6.33
C LYS I 56 -44.18 -17.01 -7.40
N HIS I 57 -44.25 -15.68 -7.42
CA HIS I 57 -43.50 -14.90 -8.39
C HIS I 57 -42.03 -14.77 -8.04
N ALA I 58 -41.57 -15.44 -6.97
CA ALA I 58 -40.17 -15.43 -6.60
C ALA I 58 -39.60 -16.84 -6.45
N ILE I 59 -40.33 -17.87 -6.92
CA ILE I 59 -39.88 -19.25 -6.83
C ILE I 59 -39.35 -19.66 -8.21
N SER I 60 -38.07 -20.03 -8.26
CA SER I 60 -37.50 -20.50 -9.51
C SER I 60 -37.98 -21.90 -9.84
N THR I 61 -37.95 -22.80 -8.86
CA THR I 61 -38.37 -24.18 -9.09
C THR I 61 -38.56 -24.88 -7.75
N VAL I 62 -39.04 -26.11 -7.82
CA VAL I 62 -39.28 -26.95 -6.64
C VAL I 62 -38.72 -28.34 -6.94
N VAL I 63 -37.76 -28.78 -6.14
CA VAL I 63 -37.09 -30.06 -6.30
C VAL I 63 -37.65 -31.01 -5.24
N PRO I 64 -38.43 -32.03 -5.61
CA PRO I 64 -38.86 -33.03 -4.61
C PRO I 64 -37.72 -33.98 -4.29
N SER I 65 -37.39 -34.09 -2.99
CA SER I 65 -36.34 -35.00 -2.55
C SER I 65 -36.73 -36.46 -2.73
N ARG I 66 -38.01 -36.74 -3.00
CA ARG I 66 -38.49 -38.09 -3.20
C ARG I 66 -39.23 -38.17 -4.53
N PRO I 67 -39.00 -39.20 -5.36
CA PRO I 67 -39.73 -39.30 -6.62
C PRO I 67 -41.24 -39.31 -6.39
N VAL I 68 -41.95 -38.55 -7.21
CA VAL I 68 -43.40 -38.44 -7.14
C VAL I 68 -43.99 -38.69 -8.51
N ARG I 69 -45.19 -39.26 -8.52
CA ARG I 69 -45.91 -39.56 -9.76
C ARG I 69 -47.18 -38.74 -9.82
N LEU I 70 -47.51 -38.26 -11.02
CA LEU I 70 -48.72 -37.46 -11.19
C LEU I 70 -49.96 -38.35 -11.12
N PRO I 71 -51.12 -37.77 -10.81
CA PRO I 71 -52.36 -38.55 -10.71
C PRO I 71 -52.90 -38.97 -12.07
N LYS J 3 -56.10 -11.14 -4.88
CA LYS J 3 -56.80 -11.28 -6.15
C LYS J 3 -57.38 -12.68 -6.29
N GLY J 4 -58.16 -13.10 -5.29
CA GLY J 4 -58.79 -14.40 -5.29
C GLY J 4 -58.10 -15.44 -4.43
N HIS J 5 -57.04 -15.07 -3.72
CA HIS J 5 -56.34 -16.01 -2.87
C HIS J 5 -57.06 -16.17 -1.53
N SER J 6 -56.92 -17.35 -0.94
CA SER J 6 -57.56 -17.67 0.33
C SER J 6 -56.56 -17.99 1.43
N LEU J 7 -55.27 -17.72 1.20
CA LEU J 7 -54.23 -18.01 2.18
C LEU J 7 -53.45 -16.78 2.61
N GLN J 8 -53.10 -15.89 1.67
CA GLN J 8 -52.29 -14.74 2.03
C GLN J 8 -53.04 -13.78 2.94
N ASP J 9 -54.31 -13.51 2.62
CA ASP J 9 -55.10 -12.58 3.43
C ASP J 9 -55.16 -12.98 4.90
N PRO J 10 -55.62 -14.19 5.24
CA PRO J 10 -55.70 -14.54 6.67
C PRO J 10 -54.34 -14.58 7.35
N TYR J 11 -53.32 -15.09 6.67
CA TYR J 11 -51.99 -15.14 7.26
C TYR J 11 -51.49 -13.75 7.60
N LEU J 12 -51.60 -12.82 6.65
CA LEU J 12 -51.15 -11.45 6.89
C LEU J 12 -51.99 -10.77 7.96
N ASN J 13 -53.30 -11.03 7.98
CA ASN J 13 -54.14 -10.43 9.01
C ASN J 13 -53.76 -10.94 10.40
N THR J 14 -53.44 -12.23 10.50
CA THR J 14 -53.00 -12.78 11.78
C THR J 14 -51.67 -12.17 12.20
N LEU J 15 -50.72 -12.08 11.27
CA LEU J 15 -49.43 -11.48 11.61
C LEU J 15 -49.59 -10.02 12.02
N ARG J 16 -50.57 -9.32 11.44
CA ARG J 16 -50.79 -7.92 11.81
C ARG J 16 -51.42 -7.80 13.19
N LYS J 17 -52.51 -8.52 13.42
CA LYS J 17 -53.22 -8.41 14.69
C LYS J 17 -52.36 -8.91 15.85
N GLU J 18 -51.54 -9.94 15.63
CA GLU J 18 -50.73 -10.50 16.70
C GLU J 18 -49.43 -9.73 16.92
N ARG J 19 -48.98 -8.95 15.93
CA ARG J 19 -47.78 -8.13 16.07
C ARG J 19 -46.56 -9.00 16.34
N VAL J 20 -46.35 -9.98 15.46
CA VAL J 20 -45.22 -10.90 15.59
C VAL J 20 -44.03 -10.32 14.83
N PRO J 21 -42.81 -10.41 15.37
CA PRO J 21 -41.64 -9.96 14.60
C PRO J 21 -41.51 -10.72 13.29
N VAL J 22 -41.61 -9.99 12.18
CA VAL J 22 -41.55 -10.57 10.85
C VAL J 22 -40.23 -10.16 10.20
N SER J 23 -39.73 -11.03 9.31
CA SER J 23 -38.54 -10.76 8.52
C SER J 23 -38.87 -11.03 7.07
N ILE J 24 -38.63 -10.03 6.21
CA ILE J 24 -38.96 -10.09 4.80
C ILE J 24 -37.65 -10.16 4.01
N TYR J 25 -37.50 -11.21 3.22
CA TYR J 25 -36.38 -11.34 2.30
C TYR J 25 -36.86 -10.98 0.90
N LEU J 26 -36.24 -9.98 0.29
CA LEU J 26 -36.64 -9.51 -1.02
C LEU J 26 -35.97 -10.34 -2.11
N VAL J 27 -36.41 -10.10 -3.35
CA VAL J 27 -35.82 -10.80 -4.48
C VAL J 27 -34.32 -10.52 -4.57
N ASN J 28 -33.92 -9.28 -4.29
CA ASN J 28 -32.51 -8.93 -4.32
C ASN J 28 -31.72 -9.64 -3.24
N GLY J 29 -32.39 -10.18 -2.23
CA GLY J 29 -31.72 -10.82 -1.12
C GLY J 29 -31.55 -9.94 0.10
N ILE J 30 -32.14 -8.76 0.13
CA ILE J 30 -32.05 -7.88 1.29
C ILE J 30 -33.05 -8.33 2.34
N LYS J 31 -32.67 -8.18 3.61
CA LYS J 31 -33.48 -8.63 4.73
C LYS J 31 -33.97 -7.43 5.52
N LEU J 32 -35.28 -7.21 5.52
CA LEU J 32 -35.91 -6.22 6.38
C LEU J 32 -36.55 -6.92 7.57
N GLN J 33 -36.68 -6.19 8.67
CA GLN J 33 -37.22 -6.77 9.91
C GLN J 33 -38.15 -5.76 10.56
N GLY J 34 -39.28 -6.26 11.05
CA GLY J 34 -40.24 -5.41 11.72
C GLY J 34 -41.61 -6.05 11.75
N GLN J 35 -42.58 -5.26 12.18
CA GLN J 35 -43.97 -5.68 12.28
C GLN J 35 -44.81 -4.98 11.22
N ILE J 36 -45.92 -5.62 10.87
CA ILE J 36 -46.80 -5.13 9.81
C ILE J 36 -47.80 -4.14 10.40
N GLU J 37 -47.99 -3.02 9.71
CA GLU J 37 -49.02 -2.05 10.09
C GLU J 37 -50.30 -2.27 9.29
N SER J 38 -50.19 -2.28 7.97
CA SER J 38 -51.32 -2.52 7.09
C SER J 38 -50.78 -3.02 5.75
N PHE J 39 -51.49 -3.97 5.15
CA PHE J 39 -51.05 -4.59 3.91
C PHE J 39 -52.18 -4.53 2.89
N ASP J 40 -51.80 -4.65 1.62
CA ASP J 40 -52.75 -4.66 0.51
C ASP J 40 -52.26 -5.65 -0.52
N GLN J 41 -52.91 -5.67 -1.68
CA GLN J 41 -52.52 -6.59 -2.74
C GLN J 41 -51.17 -6.26 -3.36
N PHE J 42 -50.65 -5.06 -3.11
CA PHE J 42 -49.39 -4.64 -3.72
C PHE J 42 -48.42 -3.95 -2.76
N VAL J 43 -48.81 -3.70 -1.51
CA VAL J 43 -47.96 -2.97 -0.57
C VAL J 43 -48.10 -3.59 0.82
N ILE J 44 -47.04 -3.43 1.61
CA ILE J 44 -47.01 -3.89 3.00
C ILE J 44 -46.29 -2.83 3.82
N LEU J 45 -46.93 -2.34 4.87
CA LEU J 45 -46.35 -1.30 5.72
C LEU J 45 -45.67 -1.95 6.91
N LEU J 46 -44.33 -1.97 6.89
CA LEU J 46 -43.53 -2.50 7.97
C LEU J 46 -43.21 -1.40 8.97
N LYS J 47 -43.17 -1.77 10.26
CA LYS J 47 -42.91 -0.84 11.35
C LYS J 47 -41.62 -1.26 12.04
N ASN J 48 -40.62 -0.39 12.01
CA ASN J 48 -39.36 -0.61 12.71
C ASN J 48 -38.56 0.67 12.74
N THR J 49 -39.03 1.65 13.51
CA THR J 49 -38.51 3.01 13.60
C THR J 49 -38.93 3.84 12.39
N VAL J 50 -39.59 3.24 11.39
CA VAL J 50 -40.04 3.97 10.22
C VAL J 50 -41.21 3.20 9.61
N SER J 51 -42.05 3.93 8.88
CA SER J 51 -43.17 3.33 8.15
C SER J 51 -42.66 2.99 6.75
N GLN J 52 -42.27 1.73 6.56
CA GLN J 52 -41.59 1.30 5.34
C GLN J 52 -42.60 0.59 4.44
N MET J 53 -42.92 1.20 3.30
CA MET J 53 -43.89 0.63 2.37
C MET J 53 -43.15 -0.25 1.37
N VAL J 54 -43.07 -1.53 1.67
CA VAL J 54 -42.40 -2.49 0.79
C VAL J 54 -43.42 -3.06 -0.19
N TYR J 55 -43.07 -3.07 -1.47
CA TYR J 55 -43.99 -3.56 -2.48
C TYR J 55 -44.08 -5.08 -2.42
N LYS J 56 -45.16 -5.62 -2.98
CA LYS J 56 -45.39 -7.06 -2.94
C LYS J 56 -44.49 -7.78 -3.94
N HIS J 57 -44.48 -7.33 -5.20
CA HIS J 57 -43.73 -8.03 -6.24
C HIS J 57 -42.24 -8.09 -5.93
N ALA J 58 -41.73 -7.20 -5.09
CA ALA J 58 -40.31 -7.18 -4.75
C ALA J 58 -39.99 -8.03 -3.54
N ILE J 59 -40.97 -8.71 -2.94
CA ILE J 59 -40.77 -9.56 -1.78
C ILE J 59 -40.66 -10.99 -2.24
N SER J 60 -39.68 -11.73 -1.71
CA SER J 60 -39.48 -13.13 -2.04
C SER J 60 -40.04 -14.07 -0.97
N THR J 61 -39.71 -13.83 0.29
CA THR J 61 -40.18 -14.67 1.38
C THR J 61 -40.48 -13.82 2.60
N VAL J 62 -41.38 -14.32 3.45
CA VAL J 62 -41.76 -13.67 4.70
C VAL J 62 -41.74 -14.74 5.78
N VAL J 63 -40.86 -14.58 6.76
CA VAL J 63 -40.66 -15.56 7.82
C VAL J 63 -40.98 -14.90 9.16
N PRO J 64 -41.87 -15.44 9.97
CA PRO J 64 -42.08 -14.88 11.31
C PRO J 64 -41.09 -15.45 12.32
N SER J 65 -40.86 -14.67 13.37
CA SER J 65 -39.96 -15.11 14.43
C SER J 65 -40.52 -16.28 15.22
N ARG J 66 -41.83 -16.48 15.21
CA ARG J 66 -42.48 -17.58 15.90
C ARG J 66 -43.72 -17.99 15.14
N PRO J 67 -44.16 -19.24 15.26
CA PRO J 67 -45.32 -19.69 14.49
C PRO J 67 -46.60 -18.98 14.92
N VAL J 68 -47.60 -19.06 14.05
CA VAL J 68 -48.91 -18.46 14.29
C VAL J 68 -49.99 -19.43 13.83
N ARG J 69 -51.19 -19.27 14.39
CA ARG J 69 -52.31 -20.10 14.03
C ARG J 69 -53.09 -19.49 12.88
N LEU J 70 -53.64 -20.37 12.03
CA LEU J 70 -54.43 -19.95 10.88
C LEU J 70 -55.91 -20.18 11.14
N PRO J 71 -56.80 -19.43 10.45
CA PRO J 71 -58.24 -19.61 10.65
C PRO J 71 -58.77 -20.89 10.01
N LYS K 3 -59.22 -0.72 -5.75
CA LYS K 3 -59.08 -2.06 -5.18
C LYS K 3 -57.62 -2.44 -5.03
N GLY K 4 -56.81 -2.06 -6.02
CA GLY K 4 -55.39 -2.36 -6.02
C GLY K 4 -54.52 -1.30 -5.40
N HIS K 5 -55.10 -0.18 -4.95
CA HIS K 5 -54.33 0.90 -4.34
C HIS K 5 -55.03 1.44 -3.10
N SER K 6 -55.75 0.58 -2.37
CA SER K 6 -56.46 1.04 -1.18
C SER K 6 -55.50 1.60 -0.13
N LEU K 7 -54.30 1.04 -0.03
CA LEU K 7 -53.31 1.48 0.93
C LEU K 7 -52.13 2.22 0.31
N GLN K 8 -51.86 2.01 -0.97
CA GLN K 8 -50.73 2.68 -1.62
C GLN K 8 -51.07 4.12 -1.99
N ASP K 9 -52.27 4.34 -2.52
CA ASP K 9 -52.65 5.69 -2.96
C ASP K 9 -52.59 6.70 -1.83
N PRO K 10 -53.23 6.49 -0.68
CA PRO K 10 -53.16 7.52 0.38
C PRO K 10 -51.77 7.70 0.93
N TYR K 11 -51.00 6.62 1.09
CA TYR K 11 -49.63 6.74 1.58
C TYR K 11 -48.79 7.60 0.65
N LEU K 12 -48.84 7.31 -0.65
CA LEU K 12 -48.08 8.10 -1.61
C LEU K 12 -48.58 9.54 -1.67
N ASN K 13 -49.89 9.75 -1.56
CA ASN K 13 -50.42 11.11 -1.58
C ASN K 13 -49.92 11.91 -0.38
N THR K 14 -49.87 11.28 0.79
CA THR K 14 -49.36 11.97 1.97
C THR K 14 -47.87 12.24 1.83
N LEU K 15 -47.11 11.27 1.32
CA LEU K 15 -45.68 11.50 1.10
C LEU K 15 -45.46 12.66 0.15
N ARG K 16 -46.31 12.79 -0.87
CA ARG K 16 -46.15 13.88 -1.82
C ARG K 16 -46.55 15.22 -1.22
N LYS K 17 -47.64 15.24 -0.45
CA LYS K 17 -48.11 16.48 0.15
C LYS K 17 -47.10 17.01 1.17
N GLU K 18 -46.65 16.15 2.09
CA GLU K 18 -45.71 16.59 3.11
C GLU K 18 -44.33 16.91 2.55
N ARG K 19 -44.04 16.50 1.31
CA ARG K 19 -42.74 16.77 0.69
C ARG K 19 -41.59 16.23 1.55
N VAL K 20 -41.83 15.08 2.17
CA VAL K 20 -40.83 14.46 3.03
C VAL K 20 -39.79 13.75 2.16
N PRO K 21 -38.50 13.79 2.52
CA PRO K 21 -37.51 13.05 1.72
C PRO K 21 -37.80 11.57 1.64
N VAL K 22 -38.05 11.08 0.43
CA VAL K 22 -38.34 9.68 0.19
C VAL K 22 -37.09 9.02 -0.38
N SER K 23 -37.04 7.69 -0.31
CA SER K 23 -35.90 6.91 -0.78
C SER K 23 -36.20 6.20 -2.11
N ILE K 24 -37.27 5.42 -2.16
CA ILE K 24 -37.64 4.70 -3.36
C ILE K 24 -36.51 3.76 -3.77
N TYR K 25 -36.30 2.69 -3.00
CA TYR K 25 -35.32 1.69 -3.37
C TYR K 25 -35.80 0.88 -4.57
N LEU K 26 -34.89 0.59 -5.48
CA LEU K 26 -35.21 -0.22 -6.64
C LEU K 26 -34.94 -1.69 -6.35
N VAL K 27 -35.45 -2.56 -7.23
CA VAL K 27 -35.23 -4.00 -7.07
C VAL K 27 -33.75 -4.32 -7.12
N ASN K 28 -32.97 -3.57 -7.92
CA ASN K 28 -31.55 -3.81 -8.00
C ASN K 28 -30.84 -3.56 -6.68
N GLY K 29 -31.46 -2.81 -5.77
CA GLY K 29 -30.84 -2.43 -4.52
C GLY K 29 -30.22 -1.05 -4.52
N ILE K 30 -30.51 -0.23 -5.52
CA ILE K 30 -29.94 1.11 -5.59
C ILE K 30 -30.68 2.03 -4.62
N LYS K 31 -30.00 3.10 -4.22
CA LYS K 31 -30.52 4.06 -3.24
C LYS K 31 -30.87 5.36 -3.97
N LEU K 32 -32.10 5.44 -4.44
CA LEU K 32 -32.61 6.68 -5.00
C LEU K 32 -33.04 7.62 -3.87
N GLN K 33 -33.53 8.80 -4.24
CA GLN K 33 -34.04 9.75 -3.27
C GLN K 33 -34.68 10.91 -4.02
N GLY K 34 -35.43 11.72 -3.28
CA GLY K 34 -36.13 12.85 -3.83
C GLY K 34 -37.44 13.06 -3.11
N GLN K 35 -38.37 13.71 -3.79
CA GLN K 35 -39.70 13.99 -3.26
C GLN K 35 -40.74 13.65 -4.32
N ILE K 36 -41.67 12.76 -3.99
CA ILE K 36 -42.68 12.34 -4.95
C ILE K 36 -43.50 13.53 -5.36
N GLU K 37 -43.51 13.83 -6.66
CA GLU K 37 -44.31 14.93 -7.19
C GLU K 37 -45.70 14.47 -7.62
N SER K 38 -45.79 13.33 -8.31
CA SER K 38 -47.07 12.80 -8.75
C SER K 38 -46.90 11.33 -9.10
N PHE K 39 -47.78 10.49 -8.57
CA PHE K 39 -47.70 9.05 -8.76
C PHE K 39 -48.97 8.59 -9.47
N ASP K 40 -48.80 7.72 -10.47
CA ASP K 40 -49.92 7.14 -11.20
C ASP K 40 -49.94 5.63 -10.95
N GLN K 41 -50.57 4.87 -11.85
CA GLN K 41 -50.74 3.45 -11.63
C GLN K 41 -49.42 2.70 -11.68
N PHE K 42 -48.52 3.09 -12.58
CA PHE K 42 -47.30 2.33 -12.80
C PHE K 42 -46.05 3.21 -12.91
N VAL K 43 -46.08 4.43 -12.37
CA VAL K 43 -44.94 5.34 -12.46
C VAL K 43 -44.96 6.28 -11.26
N ILE K 44 -43.78 6.70 -10.84
CA ILE K 44 -43.62 7.69 -9.77
C ILE K 44 -42.57 8.70 -10.24
N LEU K 45 -42.96 9.97 -10.28
CA LEU K 45 -42.08 11.04 -10.74
C LEU K 45 -41.38 11.65 -9.53
N LEU K 46 -40.13 11.24 -9.30
CA LEU K 46 -39.35 11.79 -8.21
C LEU K 46 -38.85 13.18 -8.57
N LYS K 47 -39.00 14.12 -7.66
CA LYS K 47 -38.59 15.52 -7.86
C LYS K 47 -37.34 15.76 -7.00
N ASN K 48 -36.19 15.78 -7.65
CA ASN K 48 -34.92 16.06 -6.97
C ASN K 48 -34.18 17.16 -7.71
N THR K 49 -32.85 17.05 -7.80
CA THR K 49 -32.09 18.05 -8.56
C THR K 49 -32.56 18.13 -10.00
N VAL K 50 -33.02 17.01 -10.55
CA VAL K 50 -33.54 16.95 -11.92
C VAL K 50 -34.77 16.05 -11.93
N SER K 51 -35.80 16.47 -12.67
CA SER K 51 -37.01 15.68 -12.77
C SER K 51 -36.69 14.25 -13.20
N GLN K 52 -37.10 13.29 -12.38
CA GLN K 52 -36.82 11.89 -12.62
C GLN K 52 -38.12 11.09 -12.65
N MET K 53 -38.11 10.00 -13.40
CA MET K 53 -39.25 9.10 -13.51
C MET K 53 -38.81 7.69 -13.16
N VAL K 54 -39.50 7.06 -12.22
CA VAL K 54 -39.21 5.70 -11.78
C VAL K 54 -40.45 4.86 -11.94
N TYR K 55 -40.28 3.66 -12.48
CA TYR K 55 -41.41 2.75 -12.70
C TYR K 55 -41.80 2.06 -11.40
N LYS K 56 -43.07 1.67 -11.33
CA LYS K 56 -43.56 1.00 -10.12
C LYS K 56 -43.00 -0.42 -10.02
N HIS K 57 -43.01 -1.17 -11.12
CA HIS K 57 -42.58 -2.57 -11.09
C HIS K 57 -41.09 -2.73 -10.82
N ALA K 58 -40.33 -1.64 -10.74
CA ALA K 58 -38.90 -1.71 -10.43
C ALA K 58 -38.58 -1.18 -9.04
N ILE K 59 -39.58 -0.75 -8.29
CA ILE K 59 -39.37 -0.24 -6.93
C ILE K 59 -39.54 -1.38 -5.95
N SER K 60 -38.80 -1.33 -4.84
CA SER K 60 -38.86 -2.36 -3.82
C SER K 60 -39.12 -1.82 -2.43
N THR K 61 -38.96 -0.52 -2.19
CA THR K 61 -39.17 0.03 -0.85
C THR K 61 -39.35 1.55 -0.98
N VAL K 62 -40.19 2.09 -0.09
CA VAL K 62 -40.44 3.53 -0.03
C VAL K 62 -40.23 3.93 1.43
N VAL K 63 -39.01 4.38 1.74
CA VAL K 63 -38.64 4.70 3.12
C VAL K 63 -38.66 6.21 3.31
N PRO K 64 -39.70 6.79 3.91
CA PRO K 64 -39.67 8.23 4.21
C PRO K 64 -38.73 8.53 5.37
N SER K 65 -37.97 9.61 5.24
CA SER K 65 -36.99 9.96 6.26
C SER K 65 -37.64 10.37 7.57
N ARG K 66 -38.85 10.95 7.51
CA ARG K 66 -39.56 11.40 8.68
C ARG K 66 -40.83 10.58 8.89
N PRO K 67 -41.30 10.42 10.14
CA PRO K 67 -42.52 9.64 10.37
C PRO K 67 -43.74 10.35 9.80
N VAL K 68 -44.59 9.58 9.12
CA VAL K 68 -45.80 10.08 8.52
C VAL K 68 -46.97 9.25 9.01
N ARG K 69 -48.14 9.89 9.12
CA ARG K 69 -49.35 9.25 9.60
C ARG K 69 -50.36 9.16 8.47
N LEU K 70 -50.90 7.97 8.26
CA LEU K 70 -51.90 7.78 7.21
C LEU K 70 -53.22 8.46 7.62
N PRO K 71 -53.92 9.10 6.68
CA PRO K 71 -55.19 9.73 7.02
C PRO K 71 -56.20 8.74 7.63
N SER L 6 -50.51 6.46 -16.50
CA SER L 6 -51.22 7.61 -17.04
C SER L 6 -50.25 8.73 -17.39
N LEU L 7 -49.43 9.13 -16.41
CA LEU L 7 -48.47 10.20 -16.62
C LEU L 7 -47.38 9.79 -17.60
N GLN L 8 -47.12 8.47 -17.72
CA GLN L 8 -46.07 8.02 -18.62
C GLN L 8 -46.33 8.46 -20.05
N ASP L 9 -47.59 8.44 -20.49
CA ASP L 9 -47.89 8.82 -21.86
C ASP L 9 -47.55 10.27 -22.14
N PRO L 10 -48.07 11.25 -21.39
CA PRO L 10 -47.64 12.64 -21.64
C PRO L 10 -46.15 12.85 -21.41
N TYR L 11 -45.56 12.18 -20.42
CA TYR L 11 -44.13 12.34 -20.17
C TYR L 11 -43.32 11.95 -21.40
N LEU L 12 -43.58 10.77 -21.95
CA LEU L 12 -42.85 10.31 -23.12
C LEU L 12 -43.21 11.15 -24.35
N ASN L 13 -44.46 11.58 -24.48
CA ASN L 13 -44.82 12.45 -25.60
C ASN L 13 -44.01 13.73 -25.58
N THR L 14 -43.83 14.32 -24.38
CA THR L 14 -43.05 15.54 -24.28
C THR L 14 -41.57 15.26 -24.53
N LEU L 15 -41.03 14.18 -23.96
CA LEU L 15 -39.63 13.85 -24.20
C LEU L 15 -39.36 13.57 -25.66
N ARG L 16 -40.37 13.11 -26.41
CA ARG L 16 -40.20 12.85 -27.83
C ARG L 16 -40.38 14.11 -28.67
N LYS L 17 -41.27 15.01 -28.25
CA LYS L 17 -41.51 16.23 -29.01
C LYS L 17 -40.29 17.14 -28.97
N GLU L 18 -39.82 17.47 -27.77
CA GLU L 18 -38.67 18.36 -27.62
C GLU L 18 -37.35 17.69 -28.01
N ARG L 19 -37.35 16.37 -28.24
CA ARG L 19 -36.14 15.65 -28.63
C ARG L 19 -35.05 15.81 -27.56
N VAL L 20 -35.41 15.51 -26.32
CA VAL L 20 -34.50 15.69 -25.19
C VAL L 20 -33.61 14.45 -25.09
N PRO L 21 -32.29 14.60 -24.91
CA PRO L 21 -31.45 13.43 -24.63
C PRO L 21 -31.86 12.79 -23.31
N VAL L 22 -32.14 11.49 -23.35
CA VAL L 22 -32.62 10.77 -22.18
C VAL L 22 -31.60 9.70 -21.79
N SER L 23 -31.74 9.23 -20.55
CA SER L 23 -30.91 8.15 -20.02
C SER L 23 -31.85 7.15 -19.35
N ILE L 24 -31.96 5.97 -19.93
CA ILE L 24 -32.76 4.91 -19.35
C ILE L 24 -31.86 4.06 -18.46
N TYR L 25 -32.44 3.54 -17.38
CA TYR L 25 -31.73 2.67 -16.45
C TYR L 25 -32.60 1.44 -16.23
N LEU L 26 -32.09 0.29 -16.67
CA LEU L 26 -32.86 -0.95 -16.61
C LEU L 26 -32.79 -1.56 -15.21
N VAL L 27 -33.45 -2.71 -15.06
CA VAL L 27 -33.48 -3.39 -13.77
C VAL L 27 -32.09 -3.86 -13.37
N ASN L 28 -31.37 -4.48 -14.31
CA ASN L 28 -30.05 -5.00 -13.99
C ASN L 28 -29.10 -3.93 -13.50
N GLY L 29 -29.36 -2.66 -13.83
CA GLY L 29 -28.58 -1.55 -13.31
C GLY L 29 -27.74 -0.81 -14.33
N ILE L 30 -27.69 -1.27 -15.58
CA ILE L 30 -26.89 -0.60 -16.59
C ILE L 30 -27.62 0.64 -17.09
N LYS L 31 -26.85 1.58 -17.65
CA LYS L 31 -27.38 2.83 -18.18
C LYS L 31 -27.30 2.83 -19.69
N LEU L 32 -28.35 3.37 -20.33
CA LEU L 32 -28.42 3.49 -21.77
C LEU L 32 -28.75 4.95 -22.10
N GLN L 33 -27.76 5.68 -22.62
CA GLN L 33 -28.01 7.01 -23.12
C GLN L 33 -28.69 6.93 -24.48
N GLY L 34 -29.41 7.99 -24.83
CA GLY L 34 -29.98 8.03 -26.18
C GLY L 34 -31.03 9.12 -26.33
N GLN L 35 -31.93 8.89 -27.27
CA GLN L 35 -32.98 9.84 -27.60
C GLN L 35 -34.22 9.07 -28.00
N ILE L 36 -35.33 9.30 -27.31
CA ILE L 36 -36.55 8.54 -27.56
C ILE L 36 -37.05 8.84 -28.96
N GLU L 37 -37.39 7.79 -29.69
CA GLU L 37 -37.96 7.92 -31.03
C GLU L 37 -39.47 7.68 -31.06
N SER L 38 -39.97 6.81 -30.19
CA SER L 38 -41.40 6.51 -30.09
C SER L 38 -41.60 5.58 -28.91
N PHE L 39 -42.84 5.53 -28.43
CA PHE L 39 -43.19 4.71 -27.28
C PHE L 39 -44.56 4.09 -27.48
N ASP L 40 -44.71 2.86 -27.01
CA ASP L 40 -45.99 2.15 -27.12
C ASP L 40 -46.40 1.69 -25.73
N GLN L 41 -47.20 0.62 -25.63
CA GLN L 41 -47.64 0.15 -24.32
C GLN L 41 -46.57 -0.68 -23.64
N PHE L 42 -45.66 -1.30 -24.40
CA PHE L 42 -44.63 -2.16 -23.83
C PHE L 42 -43.25 -1.93 -24.41
N VAL L 43 -43.11 -1.17 -25.50
CA VAL L 43 -41.84 -1.01 -26.19
C VAL L 43 -41.54 0.48 -26.33
N ILE L 44 -40.25 0.81 -26.34
CA ILE L 44 -39.77 2.17 -26.55
C ILE L 44 -38.57 2.10 -27.48
N LEU L 45 -38.60 2.91 -28.55
CA LEU L 45 -37.51 2.95 -29.51
C LEU L 45 -36.50 4.01 -29.07
N LEU L 46 -35.28 3.57 -28.80
CA LEU L 46 -34.18 4.45 -28.40
C LEU L 46 -33.15 4.46 -29.51
N LYS L 47 -32.83 5.65 -30.04
CA LYS L 47 -31.93 5.80 -31.16
C LYS L 47 -30.68 6.54 -30.73
N ASN L 48 -29.52 5.89 -30.88
CA ASN L 48 -28.23 6.51 -30.58
C ASN L 48 -27.20 5.77 -31.42
N THR L 49 -27.03 6.21 -32.68
CA THR L 49 -26.22 5.53 -33.68
C THR L 49 -26.99 4.33 -34.23
N VAL L 50 -27.63 3.57 -33.35
CA VAL L 50 -28.47 2.45 -33.73
C VAL L 50 -29.81 2.61 -33.03
N SER L 51 -30.85 2.01 -33.63
CA SER L 51 -32.21 2.07 -33.11
C SER L 51 -32.53 0.73 -32.45
N GLN L 52 -32.72 0.75 -31.13
CA GLN L 52 -32.99 -0.45 -30.36
C GLN L 52 -34.34 -0.33 -29.66
N MET L 53 -34.99 -1.47 -29.49
CA MET L 53 -36.30 -1.52 -28.84
C MET L 53 -36.13 -2.04 -27.42
N VAL L 54 -36.38 -1.16 -26.44
CA VAL L 54 -36.28 -1.51 -25.03
C VAL L 54 -37.68 -1.78 -24.50
N TYR L 55 -37.77 -2.76 -23.60
CA TYR L 55 -39.05 -3.18 -23.05
C TYR L 55 -39.39 -2.41 -21.79
N LYS L 56 -40.68 -2.17 -21.59
CA LYS L 56 -41.13 -1.43 -20.41
C LYS L 56 -40.79 -2.18 -19.12
N HIS L 57 -41.13 -3.46 -19.06
CA HIS L 57 -40.93 -4.23 -17.84
C HIS L 57 -39.46 -4.30 -17.44
N ALA L 58 -38.54 -4.08 -18.37
CA ALA L 58 -37.11 -4.15 -18.08
C ALA L 58 -36.51 -2.79 -17.71
N ILE L 59 -37.27 -1.71 -17.83
CA ILE L 59 -36.78 -0.38 -17.49
C ILE L 59 -37.10 -0.09 -16.04
N SER L 60 -36.17 0.59 -15.36
CA SER L 60 -36.35 0.99 -13.97
C SER L 60 -36.55 2.49 -13.82
N THR L 61 -35.75 3.30 -14.50
CA THR L 61 -35.89 4.76 -14.44
C THR L 61 -35.60 5.37 -15.80
N VAL L 62 -36.11 6.59 -15.99
CA VAL L 62 -35.93 7.34 -17.23
C VAL L 62 -35.61 8.78 -16.82
N VAL L 63 -34.35 9.17 -16.92
CA VAL L 63 -33.90 10.49 -16.48
C VAL L 63 -33.69 11.35 -17.72
N PRO L 64 -34.43 12.44 -17.90
CA PRO L 64 -34.11 13.38 -18.97
C PRO L 64 -32.81 14.12 -18.67
N SER L 65 -32.03 14.36 -19.72
CA SER L 65 -30.73 14.98 -19.55
C SER L 65 -30.86 16.41 -19.01
N ARG L 66 -31.97 17.07 -19.30
CA ARG L 66 -32.23 18.43 -18.85
C ARG L 66 -33.56 18.48 -18.13
N PRO L 67 -33.80 19.53 -17.33
CA PRO L 67 -35.07 19.59 -16.58
C PRO L 67 -36.27 19.63 -17.51
N VAL L 68 -37.24 18.77 -17.23
CA VAL L 68 -38.50 18.72 -17.98
C VAL L 68 -39.61 18.37 -17.00
N ARG L 69 -40.79 18.93 -17.26
CA ARG L 69 -41.94 18.70 -16.38
C ARG L 69 -42.85 17.61 -16.94
N LEU L 70 -43.77 18.00 -17.82
CA LEU L 70 -44.71 17.05 -18.40
C LEU L 70 -44.08 16.32 -19.59
N GLY M 1 -1.85 -5.98 -40.52
CA GLY M 1 -2.01 -6.51 -39.14
C GLY M 1 -3.12 -5.83 -38.37
N PRO M 2 -3.34 -6.24 -37.11
CA PRO M 2 -4.39 -5.66 -36.27
C PRO M 2 -4.01 -4.31 -35.66
N ALA M 3 -3.53 -3.40 -36.51
CA ALA M 3 -3.11 -2.09 -36.05
C ALA M 3 -4.32 -1.17 -35.88
N MET M 4 -4.23 -0.29 -34.90
CA MET M 4 -5.29 0.68 -34.62
C MET M 4 -4.64 2.03 -34.34
N ARG M 5 -4.88 3.00 -35.22
CA ARG M 5 -4.26 4.32 -35.11
C ARG M 5 -5.31 5.33 -34.65
N ILE M 6 -4.92 6.18 -33.69
CA ILE M 6 -5.78 7.22 -33.16
C ILE M 6 -5.03 8.55 -33.23
N ILE M 7 -5.72 9.58 -33.69
CA ILE M 7 -5.13 10.91 -33.87
C ILE M 7 -5.91 11.89 -33.00
N SER M 8 -5.20 12.58 -32.12
CA SER M 8 -5.77 13.63 -31.28
C SER M 8 -5.14 14.95 -31.67
N VAL M 9 -5.92 15.86 -32.21
CA VAL M 9 -5.44 17.14 -32.73
C VAL M 9 -6.38 18.24 -32.24
N ASN M 10 -5.90 19.07 -31.32
CA ASN M 10 -6.64 20.24 -30.89
C ASN M 10 -6.46 21.35 -31.92
N VAL M 11 -7.57 21.97 -32.32
CA VAL M 11 -7.55 22.94 -33.40
C VAL M 11 -7.76 24.37 -32.93
N ASN M 12 -8.31 24.59 -31.74
CA ASN M 12 -8.65 25.93 -31.27
C ASN M 12 -9.50 26.65 -32.31
N GLY M 13 -10.56 25.98 -32.75
CA GLY M 13 -11.41 26.49 -33.80
C GLY M 13 -11.26 25.68 -35.07
N ILE M 14 -12.29 24.89 -35.41
CA ILE M 14 -12.21 24.02 -36.58
C ILE M 14 -12.07 24.84 -37.86
N GLN M 15 -12.51 26.09 -37.85
CA GLN M 15 -12.42 26.92 -39.06
CA GLN M 15 -12.42 26.92 -39.06
C GLN M 15 -10.97 27.13 -39.47
N ALA M 16 -10.12 27.52 -38.52
CA ALA M 16 -8.72 27.77 -38.83
C ALA M 16 -8.03 26.50 -39.32
N ALA M 17 -8.29 25.37 -38.65
CA ALA M 17 -7.66 24.13 -39.05
C ALA M 17 -8.11 23.69 -40.44
N ALA M 18 -9.41 23.84 -40.73
CA ALA M 18 -9.90 23.49 -42.06
C ALA M 18 -9.30 24.41 -43.12
N GLU M 19 -9.09 25.69 -42.77
CA GLU M 19 -8.46 26.60 -43.71
C GLU M 19 -7.01 26.21 -43.96
N ARG M 20 -6.30 25.78 -42.92
CA ARG M 20 -4.92 25.34 -43.08
C ARG M 20 -4.81 23.96 -43.73
N GLY M 21 -5.92 23.25 -43.88
CA GLY M 21 -5.93 21.97 -44.54
C GLY M 21 -5.97 20.77 -43.63
N LEU M 22 -6.56 20.88 -42.44
CA LEU M 22 -6.64 19.73 -41.55
C LEU M 22 -7.56 18.66 -42.11
N LEU M 23 -8.63 19.06 -42.78
CA LEU M 23 -9.58 18.08 -43.31
C LEU M 23 -8.90 17.16 -44.31
N SER M 24 -8.21 17.72 -45.31
CA SER M 24 -7.54 16.90 -46.31
C SER M 24 -6.42 16.08 -45.69
N TRP M 25 -5.65 16.68 -44.77
CA TRP M 25 -4.57 15.94 -44.13
C TRP M 25 -5.10 14.73 -43.37
N LEU M 26 -6.22 14.90 -42.67
CA LEU M 26 -6.82 13.78 -41.95
C LEU M 26 -7.35 12.73 -42.92
N GLN M 27 -8.07 13.17 -43.96
CA GLN M 27 -8.59 12.22 -44.95
C GLN M 27 -7.46 11.42 -45.58
N ALA M 28 -6.27 12.02 -45.72
CA ALA M 28 -5.13 11.30 -46.26
C ALA M 28 -4.43 10.49 -45.20
N GLN M 29 -4.26 11.05 -44.00
CA GLN M 29 -3.59 10.35 -42.91
C GLN M 29 -4.46 9.20 -42.44
N ASN M 30 -4.03 7.98 -42.72
CA ASN M 30 -4.81 6.80 -42.33
C ASN M 30 -4.94 6.73 -40.80
N ALA M 31 -6.15 6.48 -40.35
CA ALA M 31 -6.43 6.36 -38.92
C ALA M 31 -7.83 5.77 -38.76
N ASP M 32 -8.18 5.49 -37.51
CA ASP M 32 -9.47 4.89 -37.17
C ASP M 32 -10.44 5.90 -36.55
N VAL M 33 -9.97 6.68 -35.58
CA VAL M 33 -10.80 7.66 -34.89
C VAL M 33 -9.95 8.89 -34.63
N ILE M 34 -10.46 10.05 -35.02
CA ILE M 34 -9.76 11.32 -34.85
C ILE M 34 -10.39 12.04 -33.67
N CYS M 35 -9.63 12.17 -32.58
CA CYS M 35 -10.11 12.80 -31.35
C CYS M 35 -10.00 14.33 -31.40
N LEU M 36 -10.29 14.96 -32.53
CA LEU M 36 -10.13 16.40 -32.63
C LEU M 36 -11.06 17.08 -31.63
N GLN M 37 -10.53 18.09 -30.93
CA GLN M 37 -11.25 18.81 -29.89
C GLN M 37 -11.25 20.30 -30.19
N ASP M 38 -11.91 21.05 -29.31
CA ASP M 38 -11.98 22.51 -29.41
C ASP M 38 -12.51 22.94 -30.78
N THR M 39 -13.73 22.48 -31.08
CA THR M 39 -14.33 22.80 -32.36
C THR M 39 -14.75 24.26 -32.43
N ARG M 40 -15.33 24.79 -31.36
CA ARG M 40 -15.79 26.18 -31.31
C ARG M 40 -16.91 26.44 -32.31
N ALA M 41 -17.71 25.40 -32.60
CA ALA M 41 -18.80 25.51 -33.55
C ALA M 41 -19.93 24.61 -33.10
N SER M 42 -21.15 25.01 -33.45
CA SER M 42 -22.34 24.25 -33.06
C SER M 42 -22.49 23.00 -33.93
N ALA M 43 -23.41 22.12 -33.50
CA ALA M 43 -23.65 20.90 -34.25
C ALA M 43 -24.13 21.20 -35.67
N PHE M 44 -24.96 22.23 -35.82
CA PHE M 44 -25.45 22.59 -37.15
C PHE M 44 -24.30 23.01 -38.06
N ASP M 45 -23.21 23.50 -37.49
CA ASP M 45 -22.04 23.88 -38.29
C ASP M 45 -21.24 22.66 -38.70
N LEU M 46 -21.00 21.73 -37.76
CA LEU M 46 -20.29 20.51 -38.11
C LEU M 46 -21.09 19.66 -39.10
N ASP M 47 -22.42 19.77 -39.07
CA ASP M 47 -23.25 19.02 -40.01
C ASP M 47 -22.94 19.38 -41.46
N ASP M 48 -22.38 20.57 -41.70
CA ASP M 48 -22.01 20.98 -43.05
C ASP M 48 -21.11 19.92 -43.68
N PRO M 49 -21.48 19.37 -44.84
CA PRO M 49 -20.63 18.33 -45.46
C PRO M 49 -19.21 18.78 -45.74
N SER M 50 -18.93 20.08 -45.71
CA SER M 50 -17.56 20.54 -45.93
C SER M 50 -16.61 19.96 -44.88
N PHE M 51 -17.06 19.89 -43.62
CA PHE M 51 -16.23 19.31 -42.57
C PHE M 51 -16.29 17.79 -42.58
N GLN M 52 -17.45 17.22 -42.88
CA GLN M 52 -17.60 15.78 -42.91
C GLN M 52 -16.65 15.17 -43.93
N LEU M 53 -15.85 14.22 -43.49
CA LEU M 53 -14.90 13.54 -44.35
C LEU M 53 -15.53 12.28 -44.95
N ASP M 54 -14.89 11.75 -45.99
CA ASP M 54 -15.35 10.54 -46.63
C ASP M 54 -14.82 9.31 -45.89
N GLY M 55 -15.70 8.34 -45.66
CA GLY M 55 -15.32 7.15 -44.94
C GLY M 55 -15.17 7.33 -43.45
N TYR M 56 -15.56 8.48 -42.91
CA TYR M 56 -15.45 8.74 -41.48
C TYR M 56 -16.75 9.39 -41.00
N PHE M 57 -17.29 8.87 -39.91
CA PHE M 57 -18.51 9.41 -39.33
C PHE M 57 -18.20 10.71 -38.58
N LEU M 58 -19.26 11.40 -38.17
CA LEU M 58 -19.15 12.68 -37.49
C LEU M 58 -20.04 12.68 -36.27
N TYR M 59 -19.49 13.09 -35.12
CA TYR M 59 -20.26 13.31 -33.92
C TYR M 59 -19.74 14.58 -33.26
N ALA M 60 -20.64 15.33 -32.63
CA ALA M 60 -20.24 16.61 -32.06
C ALA M 60 -21.18 16.98 -30.92
N CYS M 61 -20.61 17.64 -29.90
CA CYS M 61 -21.40 18.16 -28.79
C CYS M 61 -20.86 19.53 -28.44
N ASP M 62 -21.70 20.55 -28.53
CA ASP M 62 -21.32 21.94 -28.29
C ASP M 62 -22.03 22.46 -27.04
N ALA M 63 -21.49 23.54 -26.49
CA ALA M 63 -22.08 24.20 -25.34
C ALA M 63 -23.25 25.07 -25.80
N GLU M 64 -23.80 25.83 -24.85
CA GLU M 64 -24.89 26.75 -25.20
C GLU M 64 -24.44 27.75 -26.25
N LEU M 65 -23.20 28.23 -26.16
CA LEU M 65 -22.63 29.12 -27.15
C LEU M 65 -21.66 28.35 -28.03
N PRO M 66 -21.72 28.49 -29.37
CA PRO M 66 -20.79 27.72 -30.22
C PRO M 66 -19.33 27.96 -29.89
N GLU M 67 -18.95 29.20 -29.59
CA GLU M 67 -17.56 29.54 -29.30
C GLU M 67 -17.15 29.23 -27.87
N GLN M 68 -18.11 29.00 -26.97
CA GLN M 68 -17.77 28.70 -25.58
C GLN M 68 -16.97 27.42 -25.45
N GLY M 69 -17.11 26.49 -26.41
CA GLY M 69 -16.38 25.24 -26.35
C GLY M 69 -16.86 24.23 -27.37
N GLY M 70 -17.09 23.01 -26.94
CA GLY M 70 -17.57 21.96 -27.82
C GLY M 70 -16.44 21.04 -28.26
N VAL M 71 -16.79 19.78 -28.50
CA VAL M 71 -15.84 18.77 -28.92
C VAL M 71 -16.51 17.83 -29.91
N ALA M 72 -15.75 17.39 -30.91
CA ALA M 72 -16.24 16.49 -31.96
C ALA M 72 -15.39 15.22 -31.99
N LEU M 73 -15.79 14.30 -32.86
CA LEU M 73 -15.15 13.00 -32.94
C LEU M 73 -15.50 12.35 -34.26
N TYR M 74 -14.51 11.76 -34.92
CA TYR M 74 -14.69 10.96 -36.12
C TYR M 74 -14.43 9.49 -35.78
N SER M 75 -14.83 8.61 -36.69
CA SER M 75 -14.65 7.19 -36.49
C SER M 75 -14.80 6.47 -37.82
N ARG M 76 -14.02 5.40 -38.01
CA ARG M 76 -14.09 4.62 -39.23
C ARG M 76 -15.44 3.93 -39.36
N LEU M 77 -15.75 3.05 -38.41
CA LEU M 77 -17.01 2.32 -38.40
C LEU M 77 -17.96 2.91 -37.37
N GLN M 78 -19.25 2.68 -37.58
CA GLN M 78 -20.28 3.19 -36.68
C GLN M 78 -20.07 2.63 -35.28
N PRO M 79 -19.76 3.47 -34.28
CA PRO M 79 -19.56 2.95 -32.93
C PRO M 79 -20.81 2.26 -32.41
N LYS M 80 -20.61 1.39 -31.42
CA LYS M 80 -21.73 0.72 -30.78
C LYS M 80 -22.72 1.73 -30.22
N ALA M 81 -22.22 2.81 -29.62
CA ALA M 81 -23.07 3.86 -29.08
C ALA M 81 -22.20 5.04 -28.68
N VAL M 82 -22.75 6.23 -28.83
CA VAL M 82 -22.07 7.47 -28.45
C VAL M 82 -22.87 8.15 -27.35
N ILE M 83 -22.15 8.77 -26.42
CA ILE M 83 -22.75 9.44 -25.27
C ILE M 83 -22.06 10.79 -25.10
N SER M 84 -22.86 11.85 -24.97
CA SER M 84 -22.33 13.20 -24.82
C SER M 84 -22.66 13.76 -23.44
N GLY M 85 -22.28 13.04 -22.40
CA GLY M 85 -22.56 13.48 -21.04
C GLY M 85 -21.56 12.89 -20.06
N LEU M 86 -21.29 13.64 -19.00
CA LEU M 86 -20.37 13.20 -17.96
C LEU M 86 -21.04 13.29 -16.59
N GLY M 87 -21.98 14.23 -16.45
CA GLY M 87 -22.71 14.42 -15.21
C GLY M 87 -22.27 15.61 -14.39
N PHE M 88 -21.36 16.44 -14.91
CA PHE M 88 -20.85 17.60 -14.20
C PHE M 88 -21.26 18.87 -14.93
N GLU M 89 -21.56 19.92 -14.16
CA GLU M 89 -21.91 21.20 -14.76
C GLU M 89 -20.74 21.75 -15.57
N THR M 90 -19.51 21.51 -15.13
CA THR M 90 -18.34 21.99 -15.84
C THR M 90 -18.03 21.18 -17.10
N ALA M 91 -18.72 20.06 -17.32
CA ALA M 91 -18.50 19.22 -18.49
C ALA M 91 -19.67 19.28 -19.47
N ASP M 92 -20.90 19.14 -19.00
CA ASP M 92 -22.05 19.17 -19.90
C ASP M 92 -22.32 20.57 -20.40
N ARG M 93 -22.29 21.56 -19.50
CA ARG M 93 -22.58 22.94 -19.89
C ARG M 93 -21.58 23.47 -20.89
N TYR M 94 -20.37 22.91 -20.94
CA TYR M 94 -19.33 23.35 -21.86
C TYR M 94 -19.13 22.38 -23.02
N GLY M 95 -19.81 21.24 -23.02
CA GLY M 95 -19.64 20.26 -24.07
C GLY M 95 -18.18 19.85 -24.24
N ARG M 96 -17.58 19.35 -23.15
CA ARG M 96 -16.18 19.01 -23.13
C ARG M 96 -15.94 17.50 -23.11
N TYR M 97 -16.99 16.69 -23.27
CA TYR M 97 -16.85 15.24 -23.20
C TYR M 97 -17.77 14.58 -24.22
N LEU M 98 -17.23 13.59 -24.93
CA LEU M 98 -18.00 12.78 -25.85
C LEU M 98 -17.30 11.44 -25.99
N GLN M 99 -18.04 10.36 -25.77
CA GLN M 99 -17.48 9.02 -25.71
C GLN M 99 -18.15 8.13 -26.75
N ALA M 100 -17.35 7.30 -27.42
CA ALA M 100 -17.82 6.34 -28.40
C ALA M 100 -17.37 4.96 -27.98
N ASP M 101 -18.26 3.97 -28.13
CA ASP M 101 -18.06 2.63 -27.62
C ASP M 101 -17.92 1.64 -28.78
N PHE M 102 -16.82 0.92 -28.81
CA PHE M 102 -16.65 -0.29 -29.61
C PHE M 102 -16.52 -1.47 -28.65
N ASP M 103 -16.38 -2.67 -29.22
CA ASP M 103 -16.30 -3.88 -28.42
C ASP M 103 -15.35 -3.71 -27.25
N LYS M 104 -15.91 -3.56 -26.05
CA LYS M 104 -15.14 -3.43 -24.79
C LYS M 104 -13.99 -2.43 -24.93
N VAL M 105 -14.20 -1.34 -25.67
CA VAL M 105 -13.22 -0.26 -25.72
C VAL M 105 -13.94 1.06 -25.97
N SER M 106 -13.78 2.02 -25.07
CA SER M 106 -14.43 3.31 -25.16
C SER M 106 -13.39 4.40 -25.37
N ILE M 107 -13.60 5.24 -26.37
CA ILE M 107 -12.73 6.37 -26.68
C ILE M 107 -13.46 7.65 -26.33
N ALA M 108 -12.84 8.49 -25.52
CA ALA M 108 -13.46 9.72 -25.04
C ALA M 108 -12.61 10.91 -25.44
N THR M 109 -13.27 11.96 -25.93
CA THR M 109 -12.61 13.21 -26.33
C THR M 109 -12.74 14.19 -25.17
N LEU M 110 -11.77 14.16 -24.27
CA LEU M 110 -11.77 15.02 -23.10
C LEU M 110 -11.12 16.36 -23.44
N LEU M 111 -11.65 17.43 -22.86
CA LEU M 111 -11.17 18.78 -23.12
C LEU M 111 -11.23 19.58 -21.83
N LEU M 112 -10.07 19.84 -21.23
CA LEU M 112 -10.03 20.67 -20.03
C LEU M 112 -9.85 22.13 -20.41
N PRO M 113 -10.48 23.06 -19.69
CA PRO M 113 -10.30 24.49 -20.02
C PRO M 113 -8.85 24.91 -19.83
N SER M 114 -8.39 25.80 -20.71
CA SER M 114 -7.00 26.23 -20.70
C SER M 114 -6.64 26.82 -19.34
N GLY M 115 -7.36 27.84 -18.90
CA GLY M 115 -7.11 28.51 -17.65
C GLY M 115 -6.28 29.78 -17.78
N GLN M 116 -5.52 29.92 -18.86
CA GLN M 116 -4.71 31.12 -19.05
C GLN M 116 -5.54 32.36 -19.35
N SER M 117 -6.82 32.19 -19.69
CA SER M 117 -7.64 33.35 -20.02
C SER M 117 -7.88 34.24 -18.81
N GLY M 118 -7.90 33.67 -17.62
CA GLY M 118 -8.12 34.46 -16.41
C GLY M 118 -8.17 33.57 -15.20
N ASP M 119 -8.50 34.20 -14.07
CA ASP M 119 -8.58 33.46 -12.81
C ASP M 119 -9.83 32.60 -12.75
N GLU M 120 -10.95 33.11 -13.29
CA GLU M 120 -12.17 32.31 -13.31
C GLU M 120 -11.97 31.03 -14.11
N SER M 121 -11.24 31.11 -15.23
CA SER M 121 -10.96 29.92 -16.01
C SER M 121 -10.11 28.94 -15.23
N LEU M 122 -9.15 29.45 -14.45
CA LEU M 122 -8.33 28.56 -13.63
C LEU M 122 -9.17 27.89 -12.54
N ASN M 123 -10.10 28.61 -11.94
CA ASN M 123 -10.98 28.01 -10.94
C ASN M 123 -11.87 26.95 -11.56
N GLN M 124 -12.42 27.24 -12.74
CA GLN M 124 -13.23 26.23 -13.44
C GLN M 124 -12.39 25.01 -13.78
N LYS M 125 -11.13 25.20 -14.18
CA LYS M 125 -10.25 24.09 -14.47
C LYS M 125 -10.01 23.24 -13.23
N PHE M 126 -9.76 23.89 -12.09
CA PHE M 126 -9.53 23.14 -10.86
C PHE M 126 -10.78 22.37 -10.45
N LYS M 127 -11.96 22.99 -10.57
CA LYS M 127 -13.19 22.27 -10.26
C LYS M 127 -13.38 21.08 -11.19
N PHE M 128 -13.12 21.27 -12.48
CA PHE M 128 -13.27 20.17 -13.44
C PHE M 128 -12.32 19.04 -13.11
N MET M 129 -11.08 19.36 -12.71
CA MET M 129 -10.13 18.32 -12.35
C MET M 129 -10.57 17.58 -11.09
N ASP M 130 -11.05 18.32 -10.09
CA ASP M 130 -11.47 17.69 -8.84
C ASP M 130 -12.69 16.80 -9.07
N ASP M 131 -13.52 17.13 -10.07
CA ASP M 131 -14.66 16.28 -10.38
C ASP M 131 -14.27 15.10 -11.27
N PHE M 132 -13.31 15.30 -12.16
CA PHE M 132 -12.90 14.25 -13.08
C PHE M 132 -12.10 13.17 -12.35
N THR M 133 -11.29 13.54 -11.36
CA THR M 133 -10.61 12.52 -10.57
C THR M 133 -11.62 11.62 -9.87
N HIS M 134 -12.70 12.19 -9.35
CA HIS M 134 -13.74 11.38 -8.72
C HIS M 134 -14.46 10.53 -9.75
N TYR M 135 -14.75 11.08 -10.94
CA TYR M 135 -15.36 10.29 -11.99
C TYR M 135 -14.49 9.08 -12.34
N LEU M 136 -13.18 9.29 -12.47
CA LEU M 136 -12.27 8.19 -12.75
C LEU M 136 -12.28 7.16 -11.64
N SER M 137 -12.13 7.63 -10.39
CA SER M 137 -12.18 6.70 -9.25
C SER M 137 -13.46 5.89 -9.25
N LYS M 138 -14.55 6.47 -9.75
CA LYS M 138 -15.80 5.72 -9.85
C LYS M 138 -15.80 4.77 -11.03
N GLN M 139 -15.06 5.09 -12.10
CA GLN M 139 -15.04 4.25 -13.29
C GLN M 139 -14.07 3.08 -13.18
N ARG M 140 -13.28 3.00 -12.11
CA ARG M 140 -12.35 1.89 -11.97
C ARG M 140 -13.06 0.55 -11.85
N ARG M 141 -14.37 0.55 -11.58
CA ARG M 141 -15.11 -0.69 -11.43
C ARG M 141 -15.39 -1.36 -12.78
N LYS M 142 -15.57 -0.58 -13.83
CA LYS M 142 -15.89 -1.14 -15.13
C LYS M 142 -14.70 -1.92 -15.68
N ARG M 143 -14.99 -2.85 -16.59
CA ARG M 143 -13.98 -3.69 -17.20
C ARG M 143 -13.55 -3.22 -18.59
N ARG M 144 -14.28 -2.28 -19.19
CA ARG M 144 -13.91 -1.78 -20.50
C ARG M 144 -12.66 -0.93 -20.42
N GLU M 145 -11.74 -1.15 -21.36
CA GLU M 145 -10.54 -0.35 -21.45
C GLU M 145 -10.87 0.99 -22.10
N TYR M 146 -10.46 2.08 -21.45
CA TYR M 146 -10.80 3.42 -21.89
C TYR M 146 -9.61 4.08 -22.56
N ILE M 147 -9.88 4.91 -23.57
CA ILE M 147 -8.85 5.63 -24.30
C ILE M 147 -9.22 7.11 -24.32
N TYR M 148 -8.87 7.84 -23.27
CA TYR M 148 -9.22 9.25 -23.17
C TYR M 148 -8.23 10.07 -24.00
N CYS M 149 -8.74 10.74 -25.04
CA CYS M 149 -7.95 11.66 -25.85
C CYS M 149 -8.02 13.03 -25.19
N GLY M 150 -7.17 13.24 -24.18
CA GLY M 150 -7.28 14.39 -23.32
C GLY M 150 -6.38 15.54 -23.77
N SER M 151 -6.94 16.75 -23.72
CA SER M 151 -6.16 17.98 -23.85
C SER M 151 -6.10 18.65 -22.48
N LEU M 152 -5.30 18.03 -21.60
CA LEU M 152 -5.34 18.37 -20.19
C LEU M 152 -4.79 19.77 -19.88
N TYR M 153 -4.00 20.34 -20.78
CA TYR M 153 -3.35 21.63 -20.54
C TYR M 153 -2.48 21.58 -19.29
N VAL M 154 -1.84 20.44 -19.04
CA VAL M 154 -1.02 20.24 -17.85
C VAL M 154 0.15 19.35 -18.22
N ALA M 155 1.37 19.78 -17.88
CA ALA M 155 2.56 18.98 -18.09
C ALA M 155 2.83 18.15 -16.84
N HIS M 156 3.17 16.87 -17.03
CA HIS M 156 3.32 15.96 -15.91
C HIS M 156 4.68 16.14 -15.23
N GLN M 157 5.76 15.80 -15.93
CA GLN M 157 7.10 15.79 -15.37
C GLN M 157 7.97 16.83 -16.07
N LYS M 158 9.24 16.86 -15.68
CA LYS M 158 10.17 17.85 -16.23
C LYS M 158 10.35 17.67 -17.73
N MET M 159 10.57 16.42 -18.17
CA MET M 159 10.82 16.17 -19.58
C MET M 159 9.67 16.66 -20.45
N ASP M 160 8.46 16.76 -19.90
CA ASP M 160 7.31 17.17 -20.67
C ASP M 160 7.29 18.67 -20.99
N VAL M 161 8.28 19.43 -20.52
CA VAL M 161 8.35 20.85 -20.78
C VAL M 161 9.81 21.29 -20.73
N LYS M 162 10.18 22.18 -21.64
CA LYS M 162 11.53 22.74 -21.67
C LYS M 162 11.59 24.01 -20.83
N ASN M 163 12.74 24.23 -20.20
CA ASN M 163 12.95 25.41 -19.35
C ASN M 163 11.88 25.47 -18.26
N TRP M 164 11.68 24.34 -17.58
CA TRP M 164 10.69 24.29 -16.51
C TRP M 164 10.98 25.32 -15.43
N ARG M 165 12.26 25.67 -15.24
CA ARG M 165 12.62 26.65 -14.23
C ARG M 165 11.83 27.94 -14.38
N GLU M 166 11.53 28.34 -15.61
CA GLU M 166 10.73 29.54 -15.86
C GLU M 166 9.24 29.25 -15.92
N CYS M 167 8.86 28.02 -16.25
CA CYS M 167 7.45 27.66 -16.38
C CYS M 167 6.82 27.26 -15.05
N GLN M 168 7.59 27.19 -13.96
CA GLN M 168 7.03 26.80 -12.68
C GLN M 168 5.98 27.78 -12.15
N GLN M 169 5.88 28.97 -12.76
CA GLN M 169 4.91 29.97 -12.34
C GLN M 169 3.76 30.14 -13.33
N MET M 170 3.99 29.90 -14.61
CA MET M 170 2.94 30.08 -15.60
C MET M 170 1.87 29.00 -15.44
N PRO M 171 0.59 29.31 -15.71
CA PRO M 171 -0.44 28.28 -15.63
C PRO M 171 -0.13 27.07 -16.49
N GLY M 172 -0.82 25.96 -16.24
CA GLY M 172 -0.53 24.72 -16.92
C GLY M 172 0.65 23.95 -16.39
N PHE M 173 1.24 24.40 -15.29
CA PHE M 173 2.40 23.71 -14.73
C PHE M 173 2.53 23.94 -13.22
N LEU M 174 1.49 24.41 -12.53
CA LEU M 174 1.58 24.72 -11.13
C LEU M 174 1.62 23.43 -10.30
N ALA M 175 1.66 23.60 -8.97
CA ALA M 175 1.77 22.43 -8.09
C ALA M 175 0.48 21.62 -8.05
N PRO M 176 -0.71 22.21 -7.84
CA PRO M 176 -1.91 21.37 -7.76
C PRO M 176 -2.23 20.64 -9.05
N GLU M 177 -2.05 21.29 -10.20
CA GLU M 177 -2.28 20.60 -11.47
C GLU M 177 -1.33 19.43 -11.63
N ARG M 178 -0.05 19.63 -11.31
CA ARG M 178 0.91 18.52 -11.37
C ARG M 178 0.50 17.39 -10.44
N ALA M 179 0.08 17.72 -9.22
CA ALA M 179 -0.33 16.68 -8.27
C ALA M 179 -1.52 15.90 -8.80
N TRP M 180 -2.50 16.60 -9.37
CA TRP M 180 -3.68 15.92 -9.91
C TRP M 180 -3.28 15.01 -11.06
N LEU M 181 -2.46 15.50 -11.98
CA LEU M 181 -2.07 14.69 -13.13
C LEU M 181 -1.24 13.49 -12.69
N ASP M 182 -0.45 13.63 -11.63
CA ASP M 182 0.31 12.50 -11.13
C ASP M 182 -0.60 11.50 -10.43
N GLU M 183 -1.62 11.98 -9.72
CA GLU M 183 -2.57 11.07 -9.10
C GLU M 183 -3.34 10.28 -10.16
N VAL M 184 -3.69 10.92 -11.27
CA VAL M 184 -4.36 10.21 -12.35
C VAL M 184 -3.47 9.09 -12.86
N PHE M 185 -2.21 9.40 -13.13
CA PHE M 185 -1.23 8.41 -13.57
C PHE M 185 -0.59 7.65 -12.42
N GLY M 186 -0.98 7.94 -11.18
CA GLY M 186 -0.38 7.31 -10.03
C GLY M 186 -1.31 6.33 -9.33
N ASN M 187 -1.92 6.78 -8.23
CA ASN M 187 -2.75 5.88 -7.43
C ASN M 187 -3.84 5.23 -8.26
N LEU M 188 -4.54 6.02 -9.08
CA LEU M 188 -5.66 5.49 -9.86
C LEU M 188 -5.21 4.36 -10.79
N GLY M 189 -3.93 4.26 -11.11
CA GLY M 189 -3.40 3.19 -11.92
C GLY M 189 -3.31 3.47 -13.40
N TYR M 190 -3.95 4.53 -13.88
CA TYR M 190 -3.88 4.85 -15.29
C TYR M 190 -2.43 5.15 -15.70
N ALA M 191 -2.18 5.06 -17.01
CA ALA M 191 -0.85 5.31 -17.55
C ALA M 191 -0.98 5.98 -18.91
N ASP M 192 -0.08 6.92 -19.18
CA ASP M 192 -0.09 7.63 -20.45
C ASP M 192 0.49 6.76 -21.55
N ALA M 193 -0.05 6.91 -22.76
CA ALA M 193 0.40 6.09 -23.89
C ALA M 193 1.73 6.59 -24.43
N LEU M 194 1.85 7.91 -24.65
CA LEU M 194 3.06 8.45 -25.26
C LEU M 194 4.28 8.18 -24.39
N ARG M 195 4.18 8.45 -23.09
CA ARG M 195 5.31 8.25 -22.19
C ARG M 195 5.67 6.78 -22.01
N GLU M 196 4.84 5.86 -22.50
CA GLU M 196 5.12 4.44 -22.32
C GLU M 196 6.14 3.93 -23.33
N VAL M 197 6.01 4.32 -24.59
CA VAL M 197 6.89 3.82 -25.65
C VAL M 197 8.13 4.71 -25.79
N SER M 198 7.99 6.01 -25.63
CA SER M 198 9.08 6.97 -25.81
C SER M 198 9.29 7.70 -24.48
N ARG M 199 10.30 7.27 -23.73
CA ARG M 199 10.65 7.91 -22.46
C ARG M 199 11.75 8.95 -22.64
N GLU M 200 11.62 9.78 -23.67
CA GLU M 200 12.60 10.81 -24.00
C GLU M 200 11.93 12.17 -23.96
N GLY M 201 12.74 13.20 -23.74
CA GLY M 201 12.24 14.55 -23.66
C GLY M 201 12.16 15.23 -25.03
N ASP M 202 11.82 16.51 -25.00
CA ASP M 202 11.69 17.37 -26.17
C ASP M 202 10.48 17.03 -27.02
N GLN M 203 9.66 16.06 -26.61
CA GLN M 203 8.46 15.69 -27.37
C GLN M 203 7.28 16.51 -26.83
N PHE M 204 7.18 17.73 -27.33
CA PHE M 204 6.16 18.68 -26.90
C PHE M 204 5.01 18.70 -27.90
N SER M 205 3.86 19.21 -27.43
CA SER M 205 2.66 19.25 -28.26
C SER M 205 1.94 20.60 -28.15
N TRP M 206 2.63 21.66 -27.77
CA TRP M 206 2.02 22.98 -27.71
C TRP M 206 3.11 24.03 -27.63
N TRP M 207 2.85 25.17 -28.29
CA TRP M 207 3.78 26.29 -28.28
C TRP M 207 2.98 27.58 -28.34
N PRO M 208 3.41 28.64 -27.65
CA PRO M 208 2.67 29.90 -27.73
C PRO M 208 2.63 30.42 -29.16
N ASP M 209 1.83 31.49 -29.33
CA ASP M 209 1.69 32.09 -30.66
C ASP M 209 3.01 32.67 -31.14
N SER M 210 3.87 33.14 -30.23
CA SER M 210 5.14 33.72 -30.62
C SER M 210 6.02 32.67 -31.27
N GLU M 211 6.49 32.97 -32.49
CA GLU M 211 7.36 32.04 -33.21
C GLU M 211 8.70 31.82 -32.52
N GLN M 212 9.05 32.66 -31.53
CA GLN M 212 10.31 32.48 -30.84
C GLN M 212 10.36 31.14 -30.11
N ALA M 213 9.29 30.82 -29.38
CA ALA M 213 9.24 29.54 -28.69
C ALA M 213 9.28 28.37 -29.66
N GLU M 214 8.61 28.52 -30.82
CA GLU M 214 8.64 27.46 -31.82
C GLU M 214 10.05 27.25 -32.35
N MET M 215 10.77 28.34 -32.63
CA MET M 215 12.15 28.21 -33.08
C MET M 215 13.01 27.56 -32.01
N LEU M 216 12.83 27.97 -30.75
CA LEU M 216 13.56 27.39 -29.63
C LEU M 216 12.95 26.08 -29.14
N ASN M 217 11.80 25.68 -29.69
CA ASN M 217 11.12 24.45 -29.30
C ASN M 217 10.64 24.50 -27.85
N LEU M 218 10.48 25.69 -27.30
CA LEU M 218 9.99 25.84 -25.92
C LEU M 218 8.49 25.58 -25.93
N GLY M 219 8.11 24.35 -25.59
CA GLY M 219 6.71 23.97 -25.60
C GLY M 219 6.39 22.99 -24.49
N TRP M 220 5.09 22.74 -24.33
CA TRP M 220 4.57 21.82 -23.34
C TRP M 220 3.97 20.60 -24.03
N ARG M 221 3.47 19.67 -23.23
CA ARG M 221 2.82 18.46 -23.71
C ARG M 221 1.40 18.45 -23.17
N PHE M 222 0.54 19.26 -23.78
CA PHE M 222 -0.84 19.41 -23.34
C PHE M 222 -1.78 18.38 -23.97
N ASP M 223 -1.25 17.33 -24.58
CA ASP M 223 -2.04 16.27 -25.20
C ASP M 223 -1.62 14.92 -24.64
N TYR M 224 -2.61 14.14 -24.18
CA TYR M 224 -2.35 12.84 -23.61
C TYR M 224 -3.36 11.84 -24.14
N GLN M 225 -2.96 10.57 -24.15
CA GLN M 225 -3.84 9.45 -24.49
C GLN M 225 -3.87 8.57 -23.24
N VAL M 226 -4.77 8.88 -22.32
CA VAL M 226 -4.85 8.13 -21.08
C VAL M 226 -5.48 6.77 -21.34
N LEU M 227 -4.80 5.71 -20.91
CA LEU M 227 -5.22 4.35 -21.17
C LEU M 227 -5.42 3.59 -19.87
N THR M 228 -6.52 2.85 -19.78
CA THR M 228 -6.71 1.94 -18.67
C THR M 228 -5.54 0.95 -18.62
N PRO M 229 -5.10 0.54 -17.42
CA PRO M 229 -3.99 -0.43 -17.33
C PRO M 229 -4.20 -1.66 -18.21
N GLY M 230 -5.45 -1.95 -18.57
CA GLY M 230 -5.70 -3.07 -19.46
C GLY M 230 -5.11 -2.85 -20.85
N LEU M 231 -5.16 -1.61 -21.34
CA LEU M 231 -4.64 -1.27 -22.65
C LEU M 231 -3.18 -0.83 -22.62
N ARG M 232 -2.58 -0.73 -21.44
CA ARG M 232 -1.19 -0.28 -21.35
C ARG M 232 -0.26 -1.18 -22.14
N ARG M 233 -0.56 -2.48 -22.21
CA ARG M 233 0.31 -3.42 -22.91
C ARG M 233 0.16 -3.35 -24.42
N PHE M 234 -0.93 -2.80 -24.92
CA PHE M 234 -1.20 -2.77 -26.36
C PHE M 234 -0.64 -1.53 -27.05
N VAL M 235 0.11 -0.69 -26.34
CA VAL M 235 0.65 0.53 -26.92
C VAL M 235 1.84 0.16 -27.80
N ARG M 236 1.67 0.28 -29.11
CA ARG M 236 2.75 -0.04 -30.04
C ARG M 236 3.71 1.14 -30.20
N ASN M 237 3.18 2.30 -30.58
CA ASN M 237 4.06 3.46 -30.79
C ASN M 237 3.23 4.74 -30.68
N ALA M 238 3.95 5.86 -30.53
CA ALA M 238 3.35 7.17 -30.44
C ALA M 238 4.25 8.19 -31.13
N LYS M 239 3.65 9.23 -31.67
CA LYS M 239 4.37 10.24 -32.43
C LYS M 239 3.68 11.59 -32.25
N LEU M 240 4.48 12.65 -32.34
CA LEU M 240 4.01 14.04 -32.21
C LEU M 240 4.59 14.86 -33.35
N PRO M 241 4.14 14.62 -34.59
CA PRO M 241 4.64 15.42 -35.72
C PRO M 241 4.34 16.89 -35.53
N ARG M 242 5.39 17.71 -35.53
CA ARG M 242 5.25 19.15 -35.30
C ARG M 242 5.13 19.93 -36.61
N GLN M 243 5.79 19.49 -37.68
CA GLN M 243 5.75 20.24 -38.92
C GLN M 243 4.34 20.39 -39.47
N PRO M 244 3.54 19.33 -39.60
CA PRO M 244 2.16 19.48 -40.13
C PRO M 244 1.18 19.93 -39.04
N ARG M 245 1.51 21.04 -38.38
CA ARG M 245 0.66 21.58 -37.32
C ARG M 245 -0.36 22.55 -37.89
N PHE M 246 -1.60 22.42 -37.44
CA PHE M 246 -2.70 23.25 -37.92
C PHE M 246 -3.22 24.20 -36.85
N SER M 247 -2.57 24.27 -35.70
CA SER M 247 -2.99 25.16 -34.61
C SER M 247 -1.87 25.19 -33.58
N GLN M 248 -2.17 25.68 -32.39
CA GLN M 248 -1.15 25.74 -31.33
C GLN M 248 -0.69 24.35 -30.92
N HIS M 249 -1.58 23.37 -30.96
CA HIS M 249 -1.25 22.00 -30.62
C HIS M 249 -0.83 21.23 -31.87
N ALA M 250 -0.11 20.14 -31.66
CA ALA M 250 0.36 19.29 -32.73
C ALA M 250 -0.38 17.95 -32.73
N PRO M 251 -0.65 17.37 -33.90
CA PRO M 251 -1.33 16.07 -33.93
C PRO M 251 -0.55 15.01 -33.16
N LEU M 252 -1.24 14.32 -32.27
CA LEU M 252 -0.67 13.22 -31.50
C LEU M 252 -1.23 11.92 -32.06
N ILE M 253 -0.36 11.09 -32.63
CA ILE M 253 -0.76 9.89 -33.34
C ILE M 253 -0.24 8.69 -32.55
N VAL M 254 -1.16 7.86 -32.05
CA VAL M 254 -0.80 6.67 -31.27
C VAL M 254 -1.32 5.44 -32.00
N ASP M 255 -0.45 4.48 -32.25
CA ASP M 255 -0.84 3.22 -32.88
C ASP M 255 -0.68 2.08 -31.88
N TYR M 256 -1.67 1.20 -31.87
CA TYR M 256 -1.72 0.03 -31.01
C TYR M 256 -1.83 -1.23 -31.86
N ASP M 257 -1.56 -2.37 -31.24
CA ASP M 257 -1.80 -3.66 -31.86
C ASP M 257 -3.23 -4.16 -31.64
N TRP M 258 -4.03 -3.43 -30.88
CA TRP M 258 -5.43 -3.78 -30.69
C TRP M 258 -6.21 -3.58 -31.98
N GLN M 259 -7.22 -4.42 -32.18
CA GLN M 259 -8.08 -4.36 -33.36
C GLN M 259 -9.51 -4.11 -32.90
N LEU M 260 -9.98 -2.88 -33.07
CA LEU M 260 -11.35 -2.55 -32.72
C LEU M 260 -12.32 -3.28 -33.65
N SER M 261 -13.61 -3.16 -33.33
CA SER M 261 -14.65 -3.78 -34.13
C SER M 261 -16.00 -3.20 -33.72
N ILE M 262 -16.95 -3.25 -34.64
CA ILE M 262 -18.29 -2.74 -34.40
C ILE M 262 -18.90 -3.42 -33.17
N GLY N 4 41.90 6.30 42.06
CA GLY N 4 40.54 6.79 42.09
C GLY N 4 39.57 5.80 42.70
N HIS N 5 38.34 5.79 42.19
CA HIS N 5 37.29 4.89 42.64
C HIS N 5 36.93 5.11 44.11
N SER N 6 37.24 6.29 44.65
CA SER N 6 36.92 6.57 46.04
C SER N 6 35.41 6.51 46.28
N LEU N 7 34.62 6.79 45.25
CA LEU N 7 33.16 6.75 45.35
C LEU N 7 32.53 5.56 44.66
N GLN N 8 33.13 5.05 43.59
CA GLN N 8 32.54 3.94 42.86
C GLN N 8 32.52 2.66 43.68
N ASP N 9 33.37 2.55 44.70
CA ASP N 9 33.43 1.33 45.49
C ASP N 9 32.37 1.33 46.59
N PRO N 10 32.29 2.37 47.42
CA PRO N 10 31.24 2.40 48.45
C PRO N 10 29.85 2.17 47.88
N TYR N 11 29.45 2.96 46.88
CA TYR N 11 28.13 2.84 46.31
C TYR N 11 27.88 1.51 45.62
N LEU N 12 28.93 0.74 45.34
CA LEU N 12 28.79 -0.59 44.74
C LEU N 12 28.86 -1.70 45.77
N ASN N 13 29.85 -1.65 46.67
CA ASN N 13 29.93 -2.67 47.71
C ASN N 13 28.71 -2.61 48.63
N THR N 14 28.14 -1.42 48.83
CA THR N 14 26.92 -1.31 49.63
C THR N 14 25.78 -2.06 48.97
N LEU N 15 25.53 -1.79 47.68
CA LEU N 15 24.48 -2.51 46.97
C LEU N 15 24.77 -4.00 46.91
N ARG N 16 26.04 -4.39 46.91
CA ARG N 16 26.39 -5.80 46.89
C ARG N 16 26.03 -6.48 48.20
N LYS N 17 26.51 -5.93 49.32
CA LYS N 17 26.27 -6.55 50.62
C LYS N 17 24.81 -6.46 51.03
N GLU N 18 24.10 -5.41 50.61
CA GLU N 18 22.71 -5.22 50.99
C GLU N 18 21.74 -5.93 50.05
N ARG N 19 22.19 -6.35 48.88
CA ARG N 19 21.34 -7.08 47.93
C ARG N 19 20.14 -6.23 47.51
N VAL N 20 20.45 -5.05 46.96
CA VAL N 20 19.42 -4.12 46.50
C VAL N 20 19.16 -4.38 45.02
N PRO N 21 17.90 -4.54 44.59
CA PRO N 21 17.64 -4.69 43.15
C PRO N 21 18.04 -3.46 42.36
N VAL N 22 19.04 -3.57 41.50
CA VAL N 22 19.54 -2.45 40.73
C VAL N 22 19.11 -2.61 39.27
N SER N 23 18.98 -1.47 38.60
CA SER N 23 18.65 -1.41 37.18
C SER N 23 19.81 -0.75 36.44
N ILE N 24 20.47 -1.51 35.58
CA ILE N 24 21.63 -1.04 34.83
C ILE N 24 21.17 -0.63 33.45
N TYR N 25 21.33 0.66 33.12
CA TYR N 25 21.07 1.15 31.78
C TYR N 25 22.39 1.17 31.02
N LEU N 26 22.42 0.46 29.89
CA LEU N 26 23.62 0.38 29.08
C LEU N 26 23.72 1.57 28.12
N VAL N 27 24.71 1.51 27.24
CA VAL N 27 24.92 2.60 26.29
C VAL N 27 24.09 2.44 25.03
N ASN N 28 23.59 1.24 24.74
CA ASN N 28 22.79 1.01 23.54
C ASN N 28 21.30 1.25 23.77
N GLY N 29 20.83 1.18 25.02
CA GLY N 29 19.46 1.47 25.35
C GLY N 29 18.75 0.39 26.15
N ILE N 30 19.26 -0.84 26.13
CA ILE N 30 18.61 -1.93 26.85
C ILE N 30 18.86 -1.78 28.34
N LYS N 31 17.93 -2.30 29.15
CA LYS N 31 17.98 -2.18 30.60
C LYS N 31 18.05 -3.57 31.21
N LEU N 32 19.10 -3.81 32.00
CA LEU N 32 19.22 -5.03 32.77
C LEU N 32 18.71 -4.78 34.19
N GLN N 33 18.20 -5.83 34.82
CA GLN N 33 17.66 -5.74 36.17
C GLN N 33 18.22 -6.87 37.02
N GLY N 34 18.41 -6.59 38.32
CA GLY N 34 18.84 -7.62 39.24
C GLY N 34 19.80 -7.12 40.29
N GLN N 35 20.21 -8.02 41.19
CA GLN N 35 21.11 -7.67 42.28
C GLN N 35 22.56 -7.95 41.87
N ILE N 36 23.46 -7.09 42.35
CA ILE N 36 24.88 -7.23 42.04
C ILE N 36 25.46 -8.34 42.90
N GLU N 37 25.97 -9.40 42.25
CA GLU N 37 26.55 -10.52 42.99
C GLU N 37 27.98 -10.23 43.40
N SER N 38 28.82 -9.80 42.44
CA SER N 38 30.20 -9.47 42.73
C SER N 38 30.73 -8.62 41.57
N PHE N 39 31.39 -7.51 41.92
CA PHE N 39 31.86 -6.55 40.94
C PHE N 39 33.38 -6.50 40.93
N ASP N 40 33.94 -6.27 39.75
CA ASP N 40 35.38 -6.13 39.57
C ASP N 40 35.69 -4.78 38.95
N GLN N 41 36.99 -4.46 38.87
CA GLN N 41 37.40 -3.19 38.29
C GLN N 41 36.92 -3.05 36.84
N PHE N 42 36.68 -4.17 36.16
CA PHE N 42 36.32 -4.15 34.75
C PHE N 42 34.97 -4.77 34.43
N VAL N 43 34.36 -5.52 35.36
CA VAL N 43 33.09 -6.20 35.09
C VAL N 43 32.26 -6.19 36.35
N ILE N 44 30.94 -6.22 36.17
CA ILE N 44 29.98 -6.22 37.26
C ILE N 44 29.00 -7.37 37.02
N LEU N 45 29.07 -8.38 37.87
CA LEU N 45 28.19 -9.54 37.72
C LEU N 45 26.84 -9.28 38.36
N LEU N 46 25.77 -9.52 37.61
CA LEU N 46 24.42 -9.39 38.13
C LEU N 46 23.91 -10.73 38.66
N LYS N 47 22.92 -10.66 39.53
CA LYS N 47 22.32 -11.83 40.15
C LYS N 47 20.87 -11.99 39.74
N ASN N 48 20.59 -11.87 38.45
CA ASN N 48 19.25 -12.10 37.92
C ASN N 48 18.99 -13.60 37.87
N THR N 49 17.95 -13.99 37.14
CA THR N 49 17.66 -15.41 36.96
C THR N 49 18.86 -16.16 36.39
N VAL N 50 19.69 -15.47 35.61
CA VAL N 50 20.89 -16.04 35.02
C VAL N 50 22.03 -15.05 35.19
N SER N 51 23.20 -15.54 35.60
CA SER N 51 24.36 -14.68 35.78
C SER N 51 24.63 -13.88 34.53
N GLN N 52 24.41 -12.56 34.61
CA GLN N 52 24.47 -11.70 33.44
C GLN N 52 25.90 -11.36 33.03
N MET N 53 26.71 -10.86 33.96
CA MET N 53 28.04 -10.36 33.66
C MET N 53 27.98 -9.24 32.62
N VAL N 54 27.72 -8.04 33.13
CA VAL N 54 27.64 -6.84 32.29
C VAL N 54 28.94 -6.07 32.45
N TYR N 55 29.55 -5.72 31.33
CA TYR N 55 30.82 -5.00 31.35
C TYR N 55 30.62 -3.56 31.82
N LYS N 56 31.67 -3.00 32.41
CA LYS N 56 31.59 -1.63 32.92
C LYS N 56 31.78 -0.60 31.83
N HIS N 57 32.55 -0.92 30.78
CA HIS N 57 32.77 0.02 29.70
C HIS N 57 31.57 0.15 28.77
N ALA N 58 30.46 -0.54 29.06
CA ALA N 58 29.25 -0.46 28.25
C ALA N 58 28.02 -0.22 29.13
N ILE N 59 28.21 0.43 30.28
CA ILE N 59 27.14 0.75 31.20
C ILE N 59 26.99 2.27 31.26
N SER N 60 25.76 2.75 31.03
CA SER N 60 25.52 4.19 31.08
C SER N 60 25.23 4.64 32.51
N THR N 61 24.29 3.98 33.18
CA THR N 61 23.91 4.39 34.53
C THR N 61 23.53 3.18 35.36
N VAL N 62 23.60 3.36 36.68
CA VAL N 62 23.22 2.34 37.65
C VAL N 62 22.29 3.01 38.64
N VAL N 63 20.99 2.78 38.51
CA VAL N 63 19.99 3.43 39.35
C VAL N 63 19.34 2.40 40.27
N PRO N 64 19.70 2.37 41.56
CA PRO N 64 19.01 1.45 42.48
C PRO N 64 17.60 1.95 42.79
N SER N 65 16.63 1.04 42.68
CA SER N 65 15.24 1.40 42.97
C SER N 65 15.04 1.76 44.43
N ARG N 66 15.97 1.38 45.31
CA ARG N 66 15.89 1.68 46.72
C ARG N 66 16.87 2.79 47.09
N PRO N 67 16.45 3.77 47.92
CA PRO N 67 17.39 4.84 48.28
C PRO N 67 18.55 4.34 49.11
N VAL N 68 19.54 3.75 48.44
CA VAL N 68 20.69 3.19 49.15
C VAL N 68 21.48 4.31 49.83
N ARG N 69 21.82 4.10 51.08
CA ARG N 69 22.63 5.08 51.81
C ARG N 69 24.01 5.18 51.19
N LEU N 70 24.64 6.34 51.37
CA LEU N 70 25.98 6.59 50.85
C LEU N 70 26.98 6.65 51.99
N PRO N 71 27.46 5.49 52.48
CA PRO N 71 28.43 5.47 53.58
C PRO N 71 29.82 5.95 53.12
N GLY O 4 44.02 -6.14 38.53
CA GLY O 4 42.57 -6.13 38.36
C GLY O 4 42.05 -7.39 37.71
N HIS O 5 40.88 -7.29 37.09
CA HIS O 5 40.22 -8.41 36.42
C HIS O 5 40.35 -9.69 37.23
N SER O 6 40.04 -9.58 38.52
CA SER O 6 40.10 -10.72 39.42
C SER O 6 38.84 -11.59 39.37
N LEU O 7 37.76 -11.08 38.78
CA LEU O 7 36.51 -11.82 38.68
C LEU O 7 36.13 -12.21 37.26
N GLN O 8 36.72 -11.55 36.25
CA GLN O 8 36.41 -11.89 34.87
C GLN O 8 37.10 -13.17 34.43
N ASP O 9 38.39 -13.29 34.73
CA ASP O 9 39.14 -14.48 34.33
C ASP O 9 38.55 -15.76 34.93
N PRO O 10 38.29 -15.84 36.25
CA PRO O 10 37.69 -17.07 36.79
C PRO O 10 36.28 -17.32 36.30
N TYR O 11 35.52 -16.27 35.96
CA TYR O 11 34.18 -16.47 35.44
C TYR O 11 34.20 -16.99 34.01
N LEU O 12 35.19 -16.57 33.20
CA LEU O 12 35.30 -17.10 31.85
C LEU O 12 35.93 -18.49 31.83
N ASN O 13 36.83 -18.77 32.77
CA ASN O 13 37.43 -20.10 32.83
C ASN O 13 36.38 -21.17 33.08
N THR O 14 35.41 -20.88 33.95
CA THR O 14 34.34 -21.84 34.21
C THR O 14 33.52 -22.11 32.96
N LEU O 15 33.13 -21.05 32.25
CA LEU O 15 32.36 -21.21 31.03
C LEU O 15 33.14 -21.99 29.99
N ARG O 16 34.45 -21.74 29.90
CA ARG O 16 35.27 -22.45 28.92
C ARG O 16 35.40 -23.92 29.27
N LYS O 17 35.58 -24.24 30.55
CA LYS O 17 35.77 -25.63 30.95
C LYS O 17 34.46 -26.41 30.88
N GLU O 18 33.33 -25.77 31.16
CA GLU O 18 32.04 -26.44 31.17
C GLU O 18 31.35 -26.43 29.81
N ARG O 19 31.90 -25.73 28.82
CA ARG O 19 31.32 -25.66 27.49
C ARG O 19 29.87 -25.18 27.55
N VAL O 20 29.70 -24.00 28.13
CA VAL O 20 28.37 -23.41 28.31
C VAL O 20 28.04 -22.56 27.09
N PRO O 21 26.84 -22.69 26.51
CA PRO O 21 26.47 -21.84 25.36
C PRO O 21 26.12 -20.44 25.81
N VAL O 22 27.00 -19.49 25.49
CA VAL O 22 26.82 -18.09 25.89
C VAL O 22 26.27 -17.30 24.72
N SER O 23 25.41 -16.33 25.04
CA SER O 23 24.82 -15.42 24.07
C SER O 23 25.40 -14.03 24.35
N ILE O 24 26.55 -13.74 23.74
CA ILE O 24 27.22 -12.47 23.96
C ILE O 24 26.44 -11.37 23.25
N TYR O 25 26.39 -10.19 23.88
CA TYR O 25 25.70 -9.03 23.33
C TYR O 25 26.72 -7.96 22.98
N LEU O 26 26.78 -7.59 21.70
CA LEU O 26 27.68 -6.54 21.27
C LEU O 26 27.11 -5.17 21.64
N VAL O 27 27.97 -4.15 21.56
CA VAL O 27 27.55 -2.80 21.92
C VAL O 27 26.45 -2.32 20.98
N ASN O 28 26.55 -2.65 19.70
CA ASN O 28 25.56 -2.22 18.73
C ASN O 28 24.24 -2.97 18.83
N GLY O 29 24.13 -3.94 19.74
CA GLY O 29 22.89 -4.64 19.97
C GLY O 29 22.79 -6.01 19.34
N ILE O 30 23.71 -6.37 18.45
CA ILE O 30 23.67 -7.65 17.77
C ILE O 30 24.16 -8.74 18.70
N LYS O 31 23.56 -9.93 18.59
CA LYS O 31 23.85 -11.05 19.46
C LYS O 31 24.73 -12.07 18.75
N LEU O 32 25.58 -12.73 19.53
CA LEU O 32 26.46 -13.79 19.04
C LEU O 32 26.29 -15.01 19.95
N GLN O 33 25.72 -16.07 19.41
CA GLN O 33 25.44 -17.29 20.18
C GLN O 33 26.55 -18.30 19.93
N GLY O 34 27.06 -18.89 20.99
CA GLY O 34 28.10 -19.89 20.86
C GLY O 34 28.87 -20.06 22.16
N GLN O 35 29.74 -21.06 22.16
CA GLN O 35 30.55 -21.38 23.33
C GLN O 35 31.89 -20.67 23.26
N ILE O 36 32.44 -20.37 24.44
CA ILE O 36 33.73 -19.69 24.54
C ILE O 36 34.82 -20.74 24.36
N GLU O 37 35.53 -20.68 23.22
CA GLU O 37 36.61 -21.64 22.97
C GLU O 37 37.90 -21.23 23.66
N SER O 38 38.14 -19.93 23.79
CA SER O 38 39.33 -19.42 24.45
C SER O 38 39.13 -17.95 24.76
N PHE O 39 39.96 -17.44 25.66
CA PHE O 39 39.87 -16.04 26.07
C PHE O 39 41.24 -15.53 26.45
N ASP O 40 41.53 -14.29 26.07
CA ASP O 40 42.77 -13.64 26.42
C ASP O 40 42.50 -12.15 26.55
N GLN O 41 43.47 -11.42 27.10
CA GLN O 41 43.31 -9.99 27.30
C GLN O 41 42.86 -9.31 26.01
N PHE O 42 41.65 -8.74 26.05
CA PHE O 42 41.05 -8.01 24.93
C PHE O 42 40.66 -8.91 23.77
N VAL O 43 40.20 -10.13 24.02
CA VAL O 43 39.81 -11.02 22.93
C VAL O 43 39.14 -12.27 23.50
N ILE O 44 38.11 -12.73 22.81
CA ILE O 44 37.42 -13.98 23.13
C ILE O 44 37.14 -14.70 21.82
N LEU O 45 37.10 -16.03 21.87
CA LEU O 45 36.86 -16.85 20.70
C LEU O 45 35.51 -17.54 20.86
N LEU O 46 34.61 -17.31 19.90
CA LEU O 46 33.28 -17.90 19.91
C LEU O 46 33.12 -18.77 18.67
N LYS O 47 32.91 -20.07 18.88
CA LYS O 47 32.80 -21.03 17.79
C LYS O 47 31.41 -21.64 17.81
N ASN O 48 30.54 -21.15 16.92
CA ASN O 48 29.22 -21.74 16.71
C ASN O 48 29.05 -22.10 15.26
N THR O 49 28.87 -21.09 14.40
CA THR O 49 28.89 -21.29 12.96
C THR O 49 30.27 -21.04 12.36
N VAL O 50 31.14 -20.34 13.08
CA VAL O 50 32.49 -20.05 12.62
C VAL O 50 33.26 -19.44 13.78
N SER O 51 34.57 -19.71 13.85
CA SER O 51 35.41 -19.27 14.97
C SER O 51 35.62 -17.76 14.86
N GLN O 52 34.65 -17.01 15.40
CA GLN O 52 34.75 -15.56 15.43
C GLN O 52 35.62 -15.12 16.60
N MET O 53 36.29 -13.98 16.42
CA MET O 53 37.12 -13.37 17.45
C MET O 53 36.46 -12.07 17.86
N VAL O 54 35.81 -12.08 19.02
CA VAL O 54 35.08 -10.92 19.52
C VAL O 54 35.98 -10.15 20.48
N TYR O 55 36.09 -8.84 20.27
CA TYR O 55 36.89 -8.00 21.14
C TYR O 55 36.11 -7.68 22.41
N LYS O 56 36.82 -7.65 23.54
CA LYS O 56 36.16 -7.40 24.82
C LYS O 56 35.57 -6.00 24.87
N HIS O 57 36.25 -5.02 24.29
CA HIS O 57 35.77 -3.65 24.31
C HIS O 57 34.47 -3.47 23.53
N ALA O 58 34.06 -4.48 22.75
CA ALA O 58 32.82 -4.43 21.99
C ALA O 58 31.71 -5.29 22.60
N ILE O 59 31.98 -5.95 23.72
CA ILE O 59 31.00 -6.81 24.38
C ILE O 59 30.33 -6.02 25.50
N SER O 60 29.03 -6.23 25.65
CA SER O 60 28.24 -5.59 26.71
C SER O 60 27.79 -6.57 27.78
N THR O 61 27.31 -7.75 27.40
CA THR O 61 26.88 -8.75 28.37
C THR O 61 27.22 -10.13 27.85
N VAL O 62 27.45 -11.06 28.79
CA VAL O 62 27.77 -12.44 28.46
C VAL O 62 26.83 -13.36 29.23
N VAL O 63 25.63 -13.57 28.69
CA VAL O 63 24.61 -14.37 29.35
C VAL O 63 24.83 -15.84 29.01
N PRO O 64 25.17 -16.71 29.98
CA PRO O 64 25.33 -18.13 29.68
C PRO O 64 24.05 -18.93 29.67
N SER O 65 22.93 -18.34 30.08
CA SER O 65 21.63 -19.03 30.11
C SER O 65 21.68 -20.30 30.95
N ARG O 66 22.50 -20.30 31.99
CA ARG O 66 22.62 -21.45 32.88
C ARG O 66 23.35 -21.04 34.15
N PRO O 67 22.86 -21.46 35.34
CA PRO O 67 23.53 -21.07 36.58
C PRO O 67 24.86 -21.80 36.76
N VAL O 68 25.94 -21.23 36.24
CA VAL O 68 27.27 -21.79 36.35
C VAL O 68 28.15 -20.77 37.07
N ARG O 69 28.61 -21.13 38.26
CA ARG O 69 29.43 -20.24 39.09
C ARG O 69 30.49 -21.07 39.80
N LEU O 70 31.73 -20.58 39.78
CA LEU O 70 32.83 -21.27 40.44
C LEU O 70 32.54 -21.42 41.92
N HIS P 5 47.79 -10.29 25.19
CA HIS P 5 47.97 -10.55 23.77
C HIS P 5 48.55 -11.93 23.53
N SER P 6 48.30 -12.85 24.47
CA SER P 6 48.83 -14.21 24.34
C SER P 6 48.13 -14.98 23.23
N LEU P 7 46.90 -14.61 22.89
CA LEU P 7 46.14 -15.30 21.86
C LEU P 7 45.76 -14.41 20.69
N GLN P 8 45.63 -13.09 20.89
CA GLN P 8 45.31 -12.20 19.79
C GLN P 8 46.42 -12.20 18.75
N ASP P 9 47.68 -12.07 19.20
CA ASP P 9 48.79 -12.00 18.27
C ASP P 9 48.96 -13.30 17.47
N PRO P 10 49.00 -14.49 18.09
CA PRO P 10 49.06 -15.71 17.29
C PRO P 10 47.89 -15.85 16.32
N TYR P 11 46.68 -15.50 16.75
CA TYR P 11 45.52 -15.63 15.87
C TYR P 11 45.67 -14.73 14.64
N LEU P 12 46.00 -13.46 14.86
CA LEU P 12 46.16 -12.55 13.74
C LEU P 12 47.32 -12.96 12.84
N ASN P 13 48.41 -13.45 13.43
CA ASN P 13 49.54 -13.89 12.62
C ASN P 13 49.17 -15.08 11.75
N THR P 14 48.41 -16.03 12.31
CA THR P 14 47.97 -17.17 11.51
C THR P 14 47.02 -16.73 10.41
N LEU P 15 46.09 -15.83 10.71
CA LEU P 15 45.18 -15.35 9.68
C LEU P 15 45.92 -14.60 8.58
N ARG P 16 47.01 -13.91 8.93
CA ARG P 16 47.79 -13.19 7.92
C ARG P 16 48.60 -14.17 7.06
N LYS P 17 49.27 -15.13 7.70
CA LYS P 17 50.11 -16.06 6.95
C LYS P 17 49.26 -16.95 6.04
N GLU P 18 48.08 -17.37 6.52
CA GLU P 18 47.22 -18.22 5.71
C GLU P 18 46.49 -17.45 4.62
N ARG P 19 46.41 -16.12 4.73
CA ARG P 19 45.80 -15.29 3.71
C ARG P 19 44.33 -15.67 3.50
N VAL P 20 43.65 -16.00 4.58
CA VAL P 20 42.24 -16.39 4.50
C VAL P 20 41.40 -15.12 4.32
N PRO P 21 40.47 -15.08 3.36
CA PRO P 21 39.59 -13.91 3.24
C PRO P 21 38.76 -13.68 4.49
N VAL P 22 39.20 -12.78 5.36
CA VAL P 22 38.50 -12.51 6.59
C VAL P 22 37.47 -11.41 6.36
N SER P 23 36.53 -11.31 7.29
CA SER P 23 35.49 -10.28 7.27
C SER P 23 35.48 -9.62 8.65
N ILE P 24 35.80 -8.33 8.70
CA ILE P 24 35.84 -7.58 9.94
C ILE P 24 34.53 -6.81 10.08
N TYR P 25 33.80 -7.09 11.15
CA TYR P 25 32.62 -6.32 11.53
C TYR P 25 33.04 -5.26 12.54
N LEU P 26 32.61 -4.03 12.31
CA LEU P 26 32.98 -2.90 13.14
C LEU P 26 31.90 -2.61 14.18
N VAL P 27 32.23 -1.73 15.13
CA VAL P 27 31.28 -1.33 16.16
C VAL P 27 30.06 -0.66 15.55
N ASN P 28 30.25 0.06 14.44
CA ASN P 28 29.12 0.70 13.78
C ASN P 28 28.21 -0.31 13.10
N GLY P 29 28.70 -1.51 12.81
CA GLY P 29 27.92 -2.54 12.16
C GLY P 29 28.31 -2.80 10.72
N ILE P 30 29.15 -1.96 10.13
CA ILE P 30 29.54 -2.15 8.73
C ILE P 30 30.50 -3.32 8.62
N LYS P 31 30.44 -4.01 7.49
CA LYS P 31 31.32 -5.13 7.19
C LYS P 31 32.46 -4.66 6.29
N LEU P 32 33.62 -5.31 6.45
CA LEU P 32 34.78 -5.04 5.61
C LEU P 32 35.43 -6.37 5.29
N GLN P 33 35.31 -6.83 4.04
CA GLN P 33 35.92 -8.09 3.62
C GLN P 33 37.29 -7.82 3.02
N GLY P 34 38.29 -8.54 3.52
CA GLY P 34 39.64 -8.35 3.02
C GLY P 34 40.60 -9.33 3.66
N GLN P 35 41.89 -9.11 3.40
CA GLN P 35 42.95 -9.94 3.91
C GLN P 35 43.85 -9.12 4.82
N ILE P 36 44.35 -9.74 5.89
CA ILE P 36 45.21 -9.07 6.84
C ILE P 36 46.58 -8.88 6.19
N GLU P 37 46.94 -7.63 5.88
CA GLU P 37 48.25 -7.35 5.33
C GLU P 37 49.30 -7.25 6.42
N SER P 38 49.02 -6.48 7.47
CA SER P 38 49.93 -6.35 8.60
C SER P 38 49.14 -5.77 9.77
N PHE P 39 49.41 -6.29 10.96
CA PHE P 39 48.70 -5.89 12.16
C PHE P 39 49.68 -5.36 13.21
N ASP P 40 49.13 -4.70 14.21
CA ASP P 40 49.91 -4.15 15.31
C ASP P 40 49.01 -4.06 16.54
N GLN P 41 49.48 -3.35 17.57
CA GLN P 41 48.69 -3.21 18.79
C GLN P 41 47.46 -2.35 18.59
N PHE P 42 47.39 -1.57 17.52
CA PHE P 42 46.28 -0.65 17.31
C PHE P 42 45.74 -0.61 15.89
N VAL P 43 46.31 -1.38 14.96
CA VAL P 43 45.90 -1.33 13.56
C VAL P 43 45.95 -2.73 12.96
N ILE P 44 45.06 -2.97 11.99
CA ILE P 44 45.03 -4.22 11.25
C ILE P 44 44.82 -3.89 9.78
N LEU P 45 45.91 -3.60 9.07
CA LEU P 45 45.81 -3.20 7.67
C LEU P 45 45.14 -4.28 6.83
N LEU P 46 44.14 -3.88 6.06
CA LEU P 46 43.45 -4.78 5.15
C LEU P 46 44.25 -4.91 3.85
N LYS P 47 43.65 -5.53 2.84
CA LYS P 47 44.31 -5.71 1.55
C LYS P 47 43.26 -6.01 0.48
N ASN P 48 42.49 -5.01 0.10
CA ASN P 48 41.38 -5.19 -0.83
C ASN P 48 41.43 -4.05 -1.85
N THR P 49 42.10 -4.28 -2.97
CA THR P 49 42.37 -3.25 -3.97
C THR P 49 43.51 -2.37 -3.51
N VAL P 50 43.46 -1.94 -2.24
CA VAL P 50 44.51 -1.15 -1.63
C VAL P 50 44.66 -1.56 -0.17
N SER P 51 45.52 -0.87 0.57
CA SER P 51 45.72 -1.12 1.99
C SER P 51 44.88 -0.13 2.78
N GLN P 52 43.95 -0.66 3.59
CA GLN P 52 43.02 0.15 4.36
C GLN P 52 43.30 -0.07 5.84
N MET P 53 43.72 0.98 6.53
CA MET P 53 44.01 0.88 7.96
C MET P 53 42.70 0.82 8.75
N VAL P 54 42.59 -0.16 9.64
CA VAL P 54 41.43 -0.33 10.50
C VAL P 54 41.90 -0.30 11.95
N TYR P 55 41.29 0.57 12.75
CA TYR P 55 41.71 0.76 14.13
C TYR P 55 41.18 -0.37 15.02
N LYS P 56 41.98 -0.75 16.02
CA LYS P 56 41.57 -1.81 16.92
C LYS P 56 40.32 -1.42 17.71
N HIS P 57 40.26 -0.18 18.19
CA HIS P 57 39.15 0.25 19.03
C HIS P 57 37.85 0.42 18.26
N ALA P 58 37.81 0.10 16.97
CA ALA P 58 36.59 0.18 16.18
C ALA P 58 36.10 -1.17 15.68
N ILE P 59 36.93 -2.21 15.76
CA ILE P 59 36.54 -3.53 15.26
C ILE P 59 35.64 -4.20 16.29
N SER P 60 34.53 -4.77 15.82
CA SER P 60 33.67 -5.57 16.67
C SER P 60 34.10 -7.04 16.69
N THR P 61 34.45 -7.58 15.53
CA THR P 61 34.84 -8.98 15.48
C THR P 61 35.48 -9.30 14.13
N VAL P 62 36.28 -10.35 14.11
CA VAL P 62 36.93 -10.84 12.89
C VAL P 62 36.41 -12.25 12.63
N VAL P 63 35.79 -12.45 11.48
CA VAL P 63 35.21 -13.73 11.08
C VAL P 63 36.04 -14.29 9.93
N PRO P 64 36.82 -15.35 10.14
CA PRO P 64 37.52 -15.99 9.00
C PRO P 64 36.53 -16.77 8.15
N SER P 65 36.42 -16.40 6.88
CA SER P 65 35.49 -17.08 5.98
C SER P 65 35.82 -18.56 5.84
N ARG P 66 37.05 -18.96 6.15
CA ARG P 66 37.46 -20.36 6.10
C ARG P 66 37.90 -20.82 7.48
N PRO P 67 37.52 -22.04 7.88
CA PRO P 67 37.94 -22.53 9.20
C PRO P 67 39.45 -22.45 9.36
N VAL P 68 39.89 -22.01 10.54
CA VAL P 68 41.30 -21.83 10.84
C VAL P 68 41.64 -22.62 12.09
N ARG P 69 42.88 -23.12 12.14
CA ARG P 69 43.38 -23.90 13.27
C ARG P 69 44.39 -23.06 14.04
N LEU P 70 44.18 -22.93 15.35
CA LEU P 70 45.09 -22.17 16.17
C LEU P 70 46.48 -22.81 16.17
N PRO P 71 47.52 -22.03 16.48
CA PRO P 71 48.89 -22.56 16.50
C PRO P 71 49.17 -23.40 17.74
N LYS Q 3 53.04 4.42 21.21
CA LYS Q 3 54.15 3.84 21.97
C LYS Q 3 54.78 2.68 21.21
N GLY Q 4 55.66 3.02 20.27
CA GLY Q 4 56.33 2.00 19.48
C GLY Q 4 55.45 1.36 18.42
N HIS Q 5 54.47 2.10 17.90
CA HIS Q 5 53.60 1.56 16.88
C HIS Q 5 54.40 1.24 15.62
N SER Q 6 54.36 -0.02 15.20
CA SER Q 6 55.16 -0.45 14.06
C SER Q 6 54.50 -0.12 12.73
N LEU Q 7 53.18 0.05 12.71
CA LEU Q 7 52.43 0.31 11.48
C LEU Q 7 51.72 1.65 11.48
N GLN Q 8 51.05 2.02 12.58
CA GLN Q 8 50.30 3.27 12.59
C GLN Q 8 51.20 4.46 12.29
N ASP Q 9 52.27 4.63 13.07
CA ASP Q 9 53.14 5.78 12.91
C ASP Q 9 53.74 5.87 11.52
N PRO Q 10 54.44 4.85 11.01
CA PRO Q 10 55.03 4.99 9.67
C PRO Q 10 53.98 5.09 8.57
N TYR Q 11 52.86 4.39 8.71
CA TYR Q 11 51.80 4.50 7.70
C TYR Q 11 51.27 5.92 7.60
N LEU Q 12 50.95 6.53 8.75
CA LEU Q 12 50.46 7.90 8.74
C LEU Q 12 51.54 8.86 8.26
N ASN Q 13 52.79 8.61 8.63
CA ASN Q 13 53.87 9.49 8.17
C ASN Q 13 54.03 9.45 6.66
N THR Q 14 53.90 8.25 6.08
CA THR Q 14 54.00 8.13 4.63
C THR Q 14 52.79 8.76 3.94
N LEU Q 15 51.59 8.58 4.51
CA LEU Q 15 50.41 9.23 3.95
C LEU Q 15 50.55 10.74 3.99
N ARG Q 16 51.20 11.28 5.02
CA ARG Q 16 51.38 12.72 5.14
C ARG Q 16 52.43 13.24 4.18
N LYS Q 17 53.62 12.62 4.17
CA LYS Q 17 54.71 13.11 3.34
C LYS Q 17 54.32 13.13 1.86
N GLU Q 18 53.61 12.09 1.41
CA GLU Q 18 53.24 12.00 0.00
C GLU Q 18 52.00 12.81 -0.34
N ARG Q 19 51.26 13.29 0.66
CA ARG Q 19 50.06 14.10 0.44
C ARG Q 19 49.03 13.34 -0.40
N VAL Q 20 48.62 12.19 0.13
CA VAL Q 20 47.64 11.34 -0.53
C VAL Q 20 46.24 11.79 -0.12
N PRO Q 21 45.27 11.85 -1.04
CA PRO Q 21 43.90 12.23 -0.65
C PRO Q 21 43.28 11.22 0.30
N VAL Q 22 43.78 11.19 1.54
CA VAL Q 22 43.26 10.25 2.52
C VAL Q 22 41.77 10.49 2.74
N SER Q 23 41.05 9.42 3.08
CA SER Q 23 39.63 9.47 3.37
C SER Q 23 39.38 8.77 4.69
N ILE Q 24 39.02 9.51 5.72
CA ILE Q 24 38.85 8.98 7.06
C ILE Q 24 37.37 8.69 7.28
N TYR Q 25 37.06 7.43 7.56
CA TYR Q 25 35.71 7.01 7.94
C TYR Q 25 35.64 6.93 9.45
N LEU Q 26 34.77 7.74 10.05
CA LEU Q 26 34.67 7.83 11.50
C LEU Q 26 33.84 6.66 12.04
N VAL Q 27 33.91 6.48 13.36
CA VAL Q 27 33.09 5.46 14.01
C VAL Q 27 31.62 5.81 13.91
N ASN Q 28 31.30 7.11 13.83
CA ASN Q 28 29.90 7.51 13.68
C ASN Q 28 29.32 7.01 12.37
N GLY Q 29 30.14 6.85 11.35
CA GLY Q 29 29.70 6.41 10.04
C GLY Q 29 29.75 7.46 8.96
N ILE Q 30 30.37 8.62 9.21
CA ILE Q 30 30.46 9.69 8.24
C ILE Q 30 31.86 9.70 7.65
N LYS Q 31 31.96 10.19 6.41
CA LYS Q 31 33.21 10.21 5.66
C LYS Q 31 33.79 11.62 5.64
N LEU Q 32 35.10 11.71 5.80
CA LEU Q 32 35.82 12.97 5.71
C LEU Q 32 36.93 12.84 4.67
N GLN Q 33 36.95 13.74 3.70
CA GLN Q 33 37.91 13.71 2.61
C GLN Q 33 38.84 14.91 2.73
N GLY Q 34 40.11 14.69 2.42
CA GLY Q 34 41.10 15.74 2.48
C GLY Q 34 42.46 15.17 2.86
N GLN Q 35 43.51 15.84 2.41
CA GLN Q 35 44.86 15.40 2.69
C GLN Q 35 45.14 15.46 4.19
N ILE Q 36 46.19 14.75 4.61
CA ILE Q 36 46.61 14.69 6.00
C ILE Q 36 47.68 15.74 6.22
N GLU Q 37 47.37 16.74 7.06
CA GLU Q 37 48.34 17.79 7.36
C GLU Q 37 49.33 17.32 8.42
N SER Q 38 48.84 16.73 9.49
CA SER Q 38 49.70 16.26 10.57
C SER Q 38 48.97 15.18 11.37
N PHE Q 39 49.72 14.44 12.16
CA PHE Q 39 49.16 13.37 12.99
C PHE Q 39 49.81 13.41 14.35
N ASP Q 40 49.09 12.85 15.33
CA ASP Q 40 49.57 12.79 16.70
C ASP Q 40 49.05 11.51 17.33
N GLN Q 41 49.46 11.25 18.58
CA GLN Q 41 49.06 10.03 19.26
C GLN Q 41 47.56 9.98 19.50
N PHE Q 42 46.87 11.12 19.49
CA PHE Q 42 45.44 11.14 19.79
C PHE Q 42 44.61 12.00 18.85
N VAL Q 43 45.21 12.62 17.83
CA VAL Q 43 44.48 13.51 16.92
C VAL Q 43 45.17 13.51 15.56
N ILE Q 44 44.42 13.90 14.54
CA ILE Q 44 44.92 14.00 13.17
C ILE Q 44 44.34 15.26 12.56
N LEU Q 45 45.22 16.13 12.06
CA LEU Q 45 44.81 17.35 11.37
C LEU Q 45 44.85 17.08 9.87
N LEU Q 46 43.68 17.11 9.23
CA LEU Q 46 43.58 16.95 7.79
C LEU Q 46 43.28 18.31 7.16
N LYS Q 47 44.00 18.63 6.09
CA LYS Q 47 43.89 19.94 5.45
C LYS Q 47 42.92 19.86 4.27
N ASN Q 48 41.63 19.88 4.61
CA ASN Q 48 40.57 19.94 3.60
C ASN Q 48 40.09 21.38 3.43
N THR Q 49 41.06 22.26 3.13
CA THR Q 49 40.86 23.70 3.05
C THR Q 49 40.65 24.33 4.42
N VAL Q 50 40.75 23.56 5.49
CA VAL Q 50 40.62 24.06 6.86
C VAL Q 50 41.57 23.28 7.74
N SER Q 51 41.67 23.68 9.01
CA SER Q 51 42.51 23.01 9.99
C SER Q 51 41.72 22.03 10.86
N GLN Q 52 40.82 21.26 10.24
CA GLN Q 52 40.01 20.32 11.00
C GLN Q 52 40.88 19.33 11.75
N MET Q 53 40.49 19.04 12.99
CA MET Q 53 41.18 18.09 13.85
C MET Q 53 40.21 16.97 14.20
N VAL Q 54 40.51 15.76 13.75
CA VAL Q 54 39.70 14.59 14.03
C VAL Q 54 40.39 13.77 15.12
N TYR Q 55 39.63 13.39 16.15
CA TYR Q 55 40.20 12.63 17.26
C TYR Q 55 40.39 11.17 16.85
N LYS Q 56 41.46 10.57 17.36
CA LYS Q 56 41.79 9.20 16.99
C LYS Q 56 40.67 8.25 17.37
N HIS Q 57 40.23 8.28 18.63
CA HIS Q 57 39.24 7.32 19.10
C HIS Q 57 37.95 7.37 18.30
N ALA Q 58 37.69 8.47 17.60
CA ALA Q 58 36.48 8.59 16.79
C ALA Q 58 36.68 8.14 15.35
N ILE Q 59 37.89 7.72 14.99
CA ILE Q 59 38.20 7.26 13.64
C ILE Q 59 38.05 5.75 13.59
N SER Q 60 37.35 5.24 12.57
CA SER Q 60 37.18 3.81 12.38
C SER Q 60 38.15 3.26 11.34
N THR Q 61 38.30 3.92 10.20
CA THR Q 61 39.23 3.46 9.18
C THR Q 61 39.81 4.66 8.44
N VAL Q 62 40.96 4.43 7.79
CA VAL Q 62 41.65 5.46 7.04
C VAL Q 62 41.90 4.98 5.62
N VAL Q 63 40.86 5.00 4.79
CA VAL Q 63 40.94 4.49 3.43
C VAL Q 63 41.79 5.46 2.59
N PRO Q 64 42.94 5.06 2.06
CA PRO Q 64 43.68 5.94 1.15
C PRO Q 64 43.05 5.94 -0.23
N SER Q 65 43.32 7.02 -0.96
CA SER Q 65 42.78 7.15 -2.31
C SER Q 65 43.59 6.35 -3.32
N ARG Q 66 44.92 6.43 -3.22
CA ARG Q 66 45.81 5.70 -4.10
C ARG Q 66 46.73 4.80 -3.26
N PRO Q 67 47.16 3.66 -3.81
CA PRO Q 67 48.01 2.76 -3.03
C PRO Q 67 49.33 3.42 -2.66
N VAL Q 68 49.72 3.24 -1.40
CA VAL Q 68 50.96 3.83 -0.88
C VAL Q 68 51.95 2.71 -0.61
N ARG Q 69 53.23 3.09 -0.61
CA ARG Q 69 54.32 2.16 -0.34
C ARG Q 69 54.65 2.19 1.14
N LEU Q 70 54.45 1.07 1.83
CA LEU Q 70 54.70 0.98 3.25
C LEU Q 70 56.19 0.72 3.50
N PRO Q 71 56.93 1.67 4.09
CA PRO Q 71 58.37 1.44 4.32
C PRO Q 71 58.62 0.45 5.45
N LYS R 3 54.30 14.17 24.79
CA LYS R 3 54.32 12.89 24.10
C LYS R 3 52.96 12.63 23.43
N GLY R 4 51.89 12.80 24.19
CA GLY R 4 50.54 12.62 23.69
C GLY R 4 49.77 13.89 23.43
N HIS R 5 50.34 15.05 23.75
CA HIS R 5 49.68 16.33 23.55
C HIS R 5 50.53 17.28 22.72
N SER R 6 51.51 16.77 21.98
CA SER R 6 52.39 17.62 21.20
C SER R 6 51.63 18.41 20.13
N LEU R 7 50.41 18.00 19.79
CA LEU R 7 49.64 18.67 18.75
C LEU R 7 48.25 19.04 19.25
N GLN R 8 47.71 18.25 20.18
CA GLN R 8 46.35 18.49 20.65
C GLN R 8 46.28 19.72 21.56
N ASP R 9 47.36 20.04 22.26
CA ASP R 9 47.35 21.15 23.20
C ASP R 9 47.62 22.47 22.49
N PRO R 10 48.65 22.57 21.65
CA PRO R 10 48.88 23.84 20.94
C PRO R 10 47.72 24.26 20.07
N TYR R 11 47.08 23.31 19.38
CA TYR R 11 45.94 23.65 18.52
C TYR R 11 44.81 24.26 19.34
N LEU R 12 44.44 23.61 20.44
CA LEU R 12 43.37 24.13 21.28
C LEU R 12 43.76 25.47 21.91
N ASN R 13 45.03 25.62 22.30
CA ASN R 13 45.46 26.89 22.87
C ASN R 13 45.36 28.02 21.86
N THR R 14 45.74 27.75 20.61
CA THR R 14 45.62 28.76 19.56
C THR R 14 44.15 29.09 19.30
N LEU R 15 43.29 28.07 19.25
CA LEU R 15 41.88 28.31 19.05
C LEU R 15 41.27 29.12 20.20
N ARG R 16 41.80 28.95 21.41
CA ARG R 16 41.27 29.65 22.56
C ARG R 16 41.74 31.11 22.60
N LYS R 17 43.05 31.32 22.42
CA LYS R 17 43.60 32.68 22.53
C LYS R 17 43.01 33.59 21.46
N GLU R 18 42.92 33.11 20.23
CA GLU R 18 42.44 33.92 19.12
C GLU R 18 40.92 34.10 19.12
N ARG R 19 40.21 33.51 20.09
CA ARG R 19 38.75 33.65 20.18
C ARG R 19 38.09 33.21 18.87
N VAL R 20 38.41 31.99 18.44
CA VAL R 20 37.90 31.46 17.18
C VAL R 20 36.60 30.72 17.46
N PRO R 21 35.52 31.00 16.72
CA PRO R 21 34.25 30.27 16.94
C PRO R 21 34.26 28.88 16.30
N VAL R 22 34.84 27.93 17.02
CA VAL R 22 35.02 26.57 16.51
C VAL R 22 33.71 25.81 16.60
N SER R 23 33.64 24.67 15.93
CA SER R 23 32.46 23.80 15.94
C SER R 23 32.92 22.39 16.27
N ILE R 24 32.38 21.83 17.34
CA ILE R 24 32.74 20.50 17.81
C ILE R 24 31.69 19.51 17.35
N TYR R 25 32.12 18.28 17.09
CA TYR R 25 31.23 17.20 16.66
C TYR R 25 31.35 16.05 17.65
N LEU R 26 30.22 15.66 18.24
CA LEU R 26 30.19 14.55 19.18
C LEU R 26 30.01 13.23 18.44
N VAL R 27 30.43 12.15 19.09
CA VAL R 27 30.26 10.83 18.51
C VAL R 27 28.79 10.54 18.24
N ASN R 28 27.90 11.15 19.02
CA ASN R 28 26.47 11.00 18.80
C ASN R 28 26.02 11.61 17.48
N GLY R 29 26.84 12.44 16.85
CA GLY R 29 26.49 13.10 15.61
C GLY R 29 26.10 14.55 15.77
N ILE R 30 25.81 14.98 17.00
CA ILE R 30 25.43 16.37 17.22
C ILE R 30 26.59 17.29 16.85
N LYS R 31 26.27 18.51 16.46
CA LYS R 31 27.25 19.53 16.09
C LYS R 31 27.09 20.70 17.04
N LEU R 32 27.93 20.75 18.07
CA LEU R 32 27.90 21.85 19.02
C LEU R 32 28.70 23.03 18.49
N GLN R 33 28.24 24.23 18.83
CA GLN R 33 28.86 25.47 18.40
C GLN R 33 29.19 26.32 19.62
N GLY R 34 30.19 27.18 19.46
CA GLY R 34 30.59 28.10 20.50
C GLY R 34 32.09 28.19 20.63
N GLN R 35 32.55 29.32 21.17
CA GLN R 35 33.98 29.52 21.38
C GLN R 35 34.48 28.64 22.51
N ILE R 36 35.76 28.29 22.45
CA ILE R 36 36.41 27.51 23.49
C ILE R 36 36.93 28.46 24.55
N GLU R 37 36.53 28.23 25.80
CA GLU R 37 36.99 29.03 26.93
C GLU R 37 38.20 28.44 27.63
N SER R 38 38.24 27.11 27.78
CA SER R 38 39.37 26.44 28.41
C SER R 38 39.39 24.99 27.92
N PHE R 39 40.38 24.24 28.39
CA PHE R 39 40.51 22.84 28.02
C PHE R 39 41.45 22.17 29.00
N ASP R 40 41.50 20.85 28.93
CA ASP R 40 42.37 20.05 29.79
C ASP R 40 42.64 18.72 29.09
N GLN R 41 43.03 17.71 29.86
CA GLN R 41 43.33 16.40 29.30
C GLN R 41 42.08 15.61 28.97
N PHE R 42 40.91 15.97 29.52
CA PHE R 42 39.71 15.21 29.23
C PHE R 42 38.44 16.08 29.21
N VAL R 43 38.55 17.38 28.95
CA VAL R 43 37.40 18.26 29.06
C VAL R 43 37.66 19.53 28.26
N ILE R 44 36.59 20.13 27.75
CA ILE R 44 36.64 21.40 27.03
C ILE R 44 35.42 22.22 27.44
N LEU R 45 35.64 23.50 27.74
CA LEU R 45 34.58 24.39 28.18
C LEU R 45 34.19 25.30 27.02
N LEU R 46 32.98 25.13 26.50
CA LEU R 46 32.47 25.99 25.44
C LEU R 46 31.97 27.30 26.04
N LYS R 47 31.50 28.20 25.17
CA LYS R 47 30.96 29.47 25.61
C LYS R 47 29.58 29.70 25.01
N ASN R 48 29.50 30.40 23.89
CA ASN R 48 28.24 30.71 23.23
C ASN R 48 27.34 31.42 24.26
N THR R 49 26.05 31.07 24.31
CA THR R 49 25.14 31.76 25.24
C THR R 49 25.41 31.34 26.68
N VAL R 50 25.63 30.05 26.93
CA VAL R 50 25.87 29.54 28.27
C VAL R 50 27.00 28.53 28.19
N SER R 51 28.05 28.74 28.98
CA SER R 51 29.20 27.85 28.97
C SER R 51 28.79 26.46 29.44
N GLN R 52 29.03 25.46 28.59
CA GLN R 52 28.75 24.08 28.92
C GLN R 52 30.02 23.25 28.78
N MET R 53 30.04 22.12 29.49
CA MET R 53 31.21 21.25 29.48
C MET R 53 31.03 20.15 28.43
N VAL R 54 32.15 19.76 27.81
CA VAL R 54 32.17 18.66 26.85
C VAL R 54 33.36 17.78 27.18
N TYR R 55 33.22 16.48 26.95
CA TYR R 55 34.27 15.52 27.27
C TYR R 55 35.00 15.10 26.00
N LYS R 56 36.32 14.97 26.12
CA LYS R 56 37.14 14.63 24.97
C LYS R 56 36.72 13.29 24.36
N HIS R 57 36.46 12.30 25.20
CA HIS R 57 36.15 10.95 24.72
C HIS R 57 34.83 10.93 23.97
N ALA R 58 34.08 12.03 23.99
CA ALA R 58 32.83 12.14 23.26
C ALA R 58 32.94 13.01 22.02
N ILE R 59 34.10 13.63 21.77
CA ILE R 59 34.29 14.50 20.62
C ILE R 59 34.91 13.70 19.48
N SER R 60 34.58 14.08 18.25
CA SER R 60 35.13 13.44 17.07
C SER R 60 35.94 14.39 16.21
N THR R 61 35.43 15.58 15.91
CA THR R 61 36.14 16.54 15.08
C THR R 61 35.88 17.95 15.59
N VAL R 62 36.95 18.76 15.64
CA VAL R 62 36.85 20.15 16.06
C VAL R 62 37.22 21.05 14.89
N VAL R 63 36.23 21.41 14.08
CA VAL R 63 36.50 22.18 12.87
C VAL R 63 36.48 23.67 13.21
N PRO R 64 37.52 24.43 12.84
CA PRO R 64 37.49 25.88 13.11
C PRO R 64 36.74 26.65 12.03
N SER R 65 35.74 27.44 12.44
CA SER R 65 34.97 28.21 11.48
C SER R 65 35.86 29.10 10.64
N ARG R 66 36.72 29.89 11.29
CA ARG R 66 37.65 30.76 10.59
C ARG R 66 39.03 30.10 10.51
N PRO R 67 39.84 30.47 9.53
CA PRO R 67 41.17 29.85 9.41
C PRO R 67 42.03 30.16 10.62
N VAL R 68 42.67 29.12 11.15
CA VAL R 68 43.51 29.22 12.35
C VAL R 68 44.95 29.01 11.94
N ARG R 69 45.86 29.76 12.58
CA ARG R 69 47.29 29.67 12.31
C ARG R 69 47.99 29.30 13.62
N LEU R 70 48.50 28.07 13.70
CA LEU R 70 49.20 27.60 14.88
C LEU R 70 50.68 27.43 14.55
N PRO R 71 51.57 28.30 15.06
CA PRO R 71 53.01 28.14 14.80
C PRO R 71 53.56 26.82 15.35
N GLY S 4 42.03 19.57 41.41
CA GLY S 4 43.43 19.73 41.69
C GLY S 4 44.30 19.44 40.48
N HIS S 5 45.00 20.47 40.00
CA HIS S 5 45.88 20.35 38.83
C HIS S 5 45.09 19.93 37.60
N SER S 6 43.89 20.49 37.45
CA SER S 6 43.03 20.19 36.32
C SER S 6 41.84 21.13 36.36
N LEU S 7 41.02 21.07 35.31
CA LEU S 7 39.84 21.91 35.20
C LEU S 7 38.55 21.17 35.50
N GLN S 8 38.52 19.86 35.33
CA GLN S 8 37.31 19.09 35.61
C GLN S 8 36.99 19.08 37.10
N ASP S 9 38.01 18.85 37.93
CA ASP S 9 37.77 18.73 39.36
C ASP S 9 37.26 20.02 39.98
N PRO S 10 37.87 21.19 39.75
CA PRO S 10 37.30 22.42 40.31
C PRO S 10 35.89 22.71 39.83
N TYR S 11 35.62 22.47 38.54
CA TYR S 11 34.29 22.73 38.01
C TYR S 11 33.26 21.84 38.69
N LEU S 12 33.57 20.55 38.83
CA LEU S 12 32.64 19.64 39.49
C LEU S 12 32.47 19.99 40.96
N ASN S 13 33.55 20.40 41.61
CA ASN S 13 33.45 20.81 43.02
C ASN S 13 32.54 22.01 43.17
N THR S 14 32.67 22.99 42.27
CA THR S 14 31.79 24.16 42.33
C THR S 14 30.34 23.76 42.05
N LEU S 15 30.11 22.91 41.05
CA LEU S 15 28.76 22.45 40.77
C LEU S 15 28.15 21.77 41.99
N ARG S 16 28.93 20.95 42.69
CA ARG S 16 28.40 20.24 43.85
C ARG S 16 28.15 21.20 45.02
N LYS S 17 29.06 22.15 45.25
CA LYS S 17 28.90 23.07 46.36
C LYS S 17 27.71 24.00 46.16
N GLU S 18 27.57 24.56 44.97
CA GLU S 18 26.45 25.46 44.70
C GLU S 18 25.14 24.71 44.46
N ARG S 19 25.20 23.41 44.20
CA ARG S 19 24.00 22.60 43.98
C ARG S 19 23.17 23.16 42.82
N VAL S 20 23.85 23.56 41.75
CA VAL S 20 23.15 24.09 40.58
C VAL S 20 22.56 22.94 39.78
N PRO S 21 21.30 23.02 39.35
CA PRO S 21 20.73 21.92 38.54
C PRO S 21 21.44 21.77 37.21
N VAL S 22 22.10 20.62 37.01
CA VAL S 22 22.79 20.33 35.76
C VAL S 22 21.97 19.30 34.99
N SER S 23 22.14 19.29 33.68
CA SER S 23 21.44 18.37 32.78
C SER S 23 22.49 17.62 31.98
N ILE S 24 22.97 16.50 32.53
CA ILE S 24 24.01 15.72 31.86
C ILE S 24 23.41 15.02 30.65
N TYR S 25 24.13 15.08 29.54
CA TYR S 25 23.75 14.41 28.30
C TYR S 25 24.70 13.24 28.06
N LEU S 26 24.14 12.05 27.87
CA LEU S 26 24.96 10.87 27.65
C LEU S 26 25.35 10.78 26.18
N VAL S 27 26.32 9.89 25.90
CA VAL S 27 26.75 9.69 24.52
C VAL S 27 25.62 9.11 23.69
N ASN S 28 24.73 8.32 24.29
CA ASN S 28 23.61 7.75 23.57
C ASN S 28 22.64 8.82 23.08
N GLY S 29 22.70 10.03 23.64
CA GLY S 29 21.82 11.12 23.27
C GLY S 29 20.79 11.46 24.32
N ILE S 30 20.55 10.57 25.29
CA ILE S 30 19.58 10.83 26.33
C ILE S 30 20.21 11.71 27.41
N LYS S 31 19.35 12.43 28.13
CA LYS S 31 19.77 13.34 29.19
C LYS S 31 19.30 12.82 30.54
N LEU S 32 19.90 13.36 31.60
CA LEU S 32 19.61 12.96 32.98
C LEU S 32 19.45 14.23 33.82
N GLN S 33 18.22 14.74 33.89
CA GLN S 33 17.95 15.91 34.68
C GLN S 33 18.17 15.61 36.16
N GLY S 34 18.87 16.49 36.84
CA GLY S 34 19.15 16.34 38.26
C GLY S 34 20.47 16.97 38.63
N GLN S 35 20.57 17.36 39.89
CA GLN S 35 21.79 18.01 40.39
C GLN S 35 22.81 16.96 40.82
N ILE S 36 24.05 17.40 40.97
CA ILE S 36 25.15 16.53 41.37
C ILE S 36 25.24 16.52 42.89
N GLU S 37 25.58 15.36 43.44
CA GLU S 37 25.75 15.19 44.88
C GLU S 37 27.19 14.87 45.27
N SER S 38 27.90 14.07 44.49
CA SER S 38 29.28 13.74 44.80
C SER S 38 29.95 13.05 43.61
N PHE S 39 31.22 13.37 43.37
CA PHE S 39 31.96 12.83 42.25
C PHE S 39 33.35 12.42 42.72
N ASP S 40 34.02 11.63 41.88
CA ASP S 40 35.40 11.23 42.15
C ASP S 40 36.10 10.85 40.85
N GLN S 41 35.89 9.61 40.39
CA GLN S 41 36.46 9.14 39.14
C GLN S 41 35.52 8.11 38.54
N PHE S 42 35.17 8.30 37.27
CA PHE S 42 34.23 7.42 36.57
C PHE S 42 32.84 7.43 37.21
N VAL S 43 32.47 8.52 37.86
CA VAL S 43 31.19 8.58 38.55
C VAL S 43 30.85 10.04 38.85
N ILE S 44 29.58 10.38 38.67
CA ILE S 44 29.05 11.70 39.04
C ILE S 44 27.62 11.50 39.55
N LEU S 45 27.48 11.20 40.83
CA LEU S 45 26.18 10.84 41.38
C LEU S 45 25.19 11.98 41.18
N LEU S 46 24.05 11.65 40.56
CA LEU S 46 22.94 12.58 40.39
C LEU S 46 21.87 12.27 41.43
N LYS S 47 21.23 13.33 41.93
CA LYS S 47 20.17 13.21 42.94
C LYS S 47 18.96 13.99 42.44
N ASN S 48 18.11 13.34 41.65
CA ASN S 48 16.88 13.93 41.16
C ASN S 48 15.70 13.37 41.94
N THR S 49 14.94 12.45 41.32
CA THR S 49 13.90 11.73 42.04
C THR S 49 14.37 10.38 42.55
N VAL S 50 15.35 9.77 41.86
CA VAL S 50 15.94 8.51 42.28
C VAL S 50 17.45 8.60 42.04
N SER S 51 18.23 8.29 43.06
CA SER S 51 19.68 8.39 42.95
C SER S 51 20.19 7.43 41.89
N GLN S 52 21.07 7.94 41.02
CA GLN S 52 21.67 7.13 39.97
C GLN S 52 23.18 7.31 39.95
N MET S 53 23.87 6.67 39.00
CA MET S 53 25.33 6.73 38.94
C MET S 53 25.74 6.70 37.47
N VAL S 54 26.02 7.89 36.93
CA VAL S 54 26.62 7.97 35.60
C VAL S 54 28.08 7.52 35.67
N TYR S 55 28.63 7.14 34.52
CA TYR S 55 29.97 6.56 34.46
C TYR S 55 30.98 7.48 33.76
N LYS S 56 30.66 8.76 33.62
CA LYS S 56 31.59 9.70 32.98
C LYS S 56 31.86 9.31 31.54
N HIS S 57 32.53 8.16 31.34
CA HIS S 57 32.87 7.74 29.99
C HIS S 57 31.64 7.60 29.11
N ALA S 58 30.44 7.53 29.69
CA ALA S 58 29.19 7.53 28.95
C ALA S 58 28.54 8.90 28.91
N ILE S 59 29.23 9.94 29.37
CA ILE S 59 28.71 11.31 29.38
C ILE S 59 29.29 12.06 28.19
N SER S 60 28.47 12.90 27.55
CA SER S 60 28.90 13.72 26.45
C SER S 60 29.10 15.18 26.86
N THR S 61 28.12 15.77 27.55
CA THR S 61 28.22 17.15 27.97
C THR S 61 27.51 17.31 29.31
N VAL S 62 27.97 18.29 30.09
CA VAL S 62 27.36 18.65 31.37
C VAL S 62 26.96 20.11 31.27
N VAL S 63 25.66 20.38 31.16
CA VAL S 63 25.16 21.72 30.92
C VAL S 63 24.44 22.24 32.15
N PRO S 64 25.07 23.09 32.96
CA PRO S 64 24.34 23.69 34.09
C PRO S 64 23.23 24.60 33.61
N SER S 65 22.16 24.66 34.39
CA SER S 65 21.01 25.49 34.07
C SER S 65 21.21 26.96 34.41
N ARG S 66 22.35 27.32 35.01
CA ARG S 66 22.66 28.70 35.34
C ARG S 66 24.15 28.92 35.19
N PRO S 67 24.58 30.08 34.73
CA PRO S 67 26.03 30.32 34.58
C PRO S 67 26.76 30.15 35.90
N VAL S 68 27.88 29.45 35.84
CA VAL S 68 28.72 29.21 37.01
C VAL S 68 30.17 29.58 36.66
N ARG S 69 30.86 30.18 37.62
CA ARG S 69 32.25 30.58 37.46
C ARG S 69 33.12 29.80 38.43
N LEU S 70 34.03 29.00 37.90
CA LEU S 70 34.92 28.19 38.73
C LEU S 70 35.78 29.07 39.62
N GLY T 1 28.20 12.59 -23.30
CA GLY T 1 27.57 12.59 -21.95
C GLY T 1 28.02 11.41 -21.10
N PRO T 2 27.49 11.32 -19.87
CA PRO T 2 27.88 10.22 -18.99
C PRO T 2 27.29 8.89 -19.45
N ALA T 3 27.99 8.22 -20.37
CA ALA T 3 27.54 6.95 -20.93
C ALA T 3 28.36 5.83 -20.29
N MET T 4 27.72 5.04 -19.43
CA MET T 4 28.36 3.90 -18.78
C MET T 4 27.88 2.64 -19.49
N ARG T 5 28.77 2.01 -20.25
CA ARG T 5 28.44 0.81 -21.03
C ARG T 5 28.93 -0.42 -20.27
N ILE T 6 28.00 -1.28 -19.89
CA ILE T 6 28.30 -2.55 -19.24
C ILE T 6 28.13 -3.66 -20.27
N ILE T 7 29.12 -4.54 -20.36
CA ILE T 7 29.09 -5.65 -21.31
C ILE T 7 29.12 -6.94 -20.52
N SER T 8 27.98 -7.63 -20.46
CA SER T 8 27.88 -8.93 -19.80
C SER T 8 27.89 -10.02 -20.85
N VAL T 9 28.64 -11.10 -20.57
CA VAL T 9 28.75 -12.21 -21.50
C VAL T 9 29.07 -13.49 -20.73
N ASN T 10 28.60 -14.61 -21.25
CA ASN T 10 28.91 -15.93 -20.70
C ASN T 10 29.93 -16.59 -21.62
N VAL T 11 31.17 -16.70 -21.15
CA VAL T 11 32.24 -17.23 -22.00
C VAL T 11 32.16 -18.75 -22.12
N ASN T 12 31.47 -19.43 -21.21
CA ASN T 12 31.38 -20.89 -21.22
C ASN T 12 32.77 -21.51 -21.37
N GLY T 13 33.70 -21.00 -20.58
CA GLY T 13 35.09 -21.41 -20.67
C GLY T 13 35.94 -20.35 -21.34
N ILE T 14 36.85 -19.74 -20.58
CA ILE T 14 37.68 -18.67 -21.12
C ILE T 14 38.54 -19.16 -22.28
N GLN T 15 38.83 -20.46 -22.33
CA GLN T 15 39.64 -20.98 -23.43
C GLN T 15 38.93 -20.82 -24.77
N ALA T 16 37.66 -21.22 -24.84
CA ALA T 16 36.91 -21.08 -26.08
C ALA T 16 36.74 -19.61 -26.46
N ALA T 17 36.50 -18.75 -25.47
CA ALA T 17 36.36 -17.33 -25.74
C ALA T 17 37.63 -16.75 -26.32
N ALA T 18 38.79 -17.11 -25.75
CA ALA T 18 40.06 -16.63 -26.29
C ALA T 18 40.33 -17.19 -27.67
N GLU T 19 39.95 -18.45 -27.90
CA GLU T 19 40.16 -19.05 -29.22
C GLU T 19 39.33 -18.35 -30.29
N ARG T 20 38.05 -18.08 -29.99
CA ARG T 20 37.19 -17.42 -30.96
C ARG T 20 37.49 -15.94 -31.10
N GLY T 21 38.25 -15.36 -30.16
CA GLY T 21 38.61 -13.97 -30.23
C GLY T 21 37.74 -13.03 -29.41
N LEU T 22 37.26 -13.46 -28.24
CA LEU T 22 36.43 -12.60 -27.42
C LEU T 22 37.22 -11.41 -26.89
N LEU T 23 38.50 -11.62 -26.58
CA LEU T 23 39.30 -10.56 -25.96
C LEU T 23 39.41 -9.36 -26.88
N SER T 24 39.73 -9.58 -28.16
CA SER T 24 39.91 -8.46 -29.08
C SER T 24 38.61 -7.69 -29.27
N TRP T 25 37.51 -8.41 -29.53
CA TRP T 25 36.22 -7.74 -29.72
C TRP T 25 35.83 -6.96 -28.47
N LEU T 26 36.02 -7.55 -27.30
CA LEU T 26 35.66 -6.87 -26.06
C LEU T 26 36.49 -5.61 -25.86
N GLN T 27 37.80 -5.69 -26.13
CA GLN T 27 38.65 -4.51 -26.00
C GLN T 27 38.24 -3.43 -26.99
N ALA T 28 37.83 -3.83 -28.20
CA ALA T 28 37.40 -2.85 -29.19
C ALA T 28 36.16 -2.11 -28.73
N GLN T 29 35.20 -2.83 -28.16
CA GLN T 29 33.96 -2.20 -27.70
C GLN T 29 34.24 -1.37 -26.45
N ASN T 30 34.03 -0.06 -26.56
CA ASN T 30 34.20 0.82 -25.42
C ASN T 30 33.18 0.50 -24.34
N ALA T 31 33.66 0.22 -23.12
CA ALA T 31 32.78 -0.14 -22.03
C ALA T 31 33.48 0.14 -20.71
N ASP T 32 32.68 0.48 -19.69
CA ASP T 32 33.24 0.76 -18.38
C ASP T 32 33.52 -0.50 -17.59
N VAL T 33 32.68 -1.52 -17.72
CA VAL T 33 32.86 -2.77 -16.98
C VAL T 33 32.35 -3.92 -17.83
N ILE T 34 33.07 -5.05 -17.76
CA ILE T 34 32.73 -6.26 -18.51
C ILE T 34 32.65 -7.42 -17.53
N CYS T 35 31.53 -8.13 -17.58
CA CYS T 35 31.27 -9.30 -16.74
C CYS T 35 31.41 -10.55 -17.59
N LEU T 36 32.19 -11.51 -17.10
CA LEU T 36 32.42 -12.78 -17.78
C LEU T 36 31.95 -13.91 -16.88
N GLN T 37 30.78 -14.46 -17.17
CA GLN T 37 30.22 -15.55 -16.38
C GLN T 37 30.74 -16.89 -16.87
N ASP T 38 30.96 -17.82 -15.93
CA ASP T 38 31.38 -19.17 -16.26
C ASP T 38 32.77 -19.16 -16.88
N THR T 39 33.78 -18.82 -16.09
CA THR T 39 35.16 -18.79 -16.61
C THR T 39 35.72 -20.20 -16.77
N ARG T 40 35.36 -21.10 -15.85
CA ARG T 40 35.86 -22.47 -15.89
C ARG T 40 37.38 -22.51 -15.80
N ALA T 41 37.94 -21.64 -14.97
CA ALA T 41 39.39 -21.57 -14.81
C ALA T 41 39.69 -20.99 -13.43
N SER T 42 40.85 -21.37 -12.89
CA SER T 42 41.26 -20.90 -11.58
C SER T 42 41.78 -19.47 -11.65
N ALA T 43 41.86 -18.83 -10.49
CA ALA T 43 42.37 -17.46 -10.43
C ALA T 43 43.78 -17.38 -10.97
N PHE T 44 44.60 -18.41 -10.70
CA PHE T 44 45.97 -18.42 -11.22
C PHE T 44 45.98 -18.53 -12.74
N ASP T 45 45.02 -19.26 -13.32
CA ASP T 45 44.94 -19.34 -14.76
C ASP T 45 44.63 -17.98 -15.37
N LEU T 46 43.71 -17.24 -14.77
CA LEU T 46 43.40 -15.89 -15.24
C LEU T 46 44.57 -14.94 -15.03
N ASP T 47 45.55 -15.30 -14.22
CA ASP T 47 46.70 -14.44 -13.99
C ASP T 47 47.52 -14.23 -15.28
N ASP T 48 47.39 -15.13 -16.24
CA ASP T 48 48.14 -14.99 -17.48
C ASP T 48 47.84 -13.63 -18.11
N PRO T 49 48.87 -12.91 -18.59
CA PRO T 49 48.61 -11.59 -19.20
C PRO T 49 47.80 -11.66 -20.48
N SER T 50 47.60 -12.84 -21.06
CA SER T 50 46.81 -12.94 -22.28
C SER T 50 45.40 -12.41 -22.07
N PHE T 51 44.82 -12.69 -20.89
CA PHE T 51 43.48 -12.21 -20.57
C PHE T 51 43.47 -10.80 -20.01
N GLN T 52 44.62 -10.27 -19.60
CA GLN T 52 44.69 -8.93 -19.03
C GLN T 52 44.72 -7.91 -20.16
N LEU T 53 43.71 -7.04 -20.20
CA LEU T 53 43.59 -6.03 -21.22
C LEU T 53 44.20 -4.72 -20.74
N ASP T 54 44.58 -3.88 -21.70
CA ASP T 54 45.16 -2.58 -21.40
C ASP T 54 44.06 -1.61 -20.98
N GLY T 55 44.27 -0.93 -19.85
CA GLY T 55 43.28 -0.03 -19.31
C GLY T 55 42.17 -0.70 -18.53
N TYR T 56 42.33 -1.97 -18.18
CA TYR T 56 41.33 -2.72 -17.43
C TYR T 56 42.01 -3.53 -16.35
N PHE T 57 41.30 -3.74 -15.24
CA PHE T 57 41.80 -4.51 -14.12
C PHE T 57 41.25 -5.92 -14.16
N LEU T 58 41.96 -6.84 -13.52
CA LEU T 58 41.66 -8.27 -13.53
C LEU T 58 41.10 -8.67 -12.17
N TYR T 59 39.81 -9.01 -12.13
CA TYR T 59 39.20 -9.57 -10.94
C TYR T 59 38.50 -10.86 -11.31
N ALA T 60 38.51 -11.83 -10.39
CA ALA T 60 37.91 -13.12 -10.69
C ALA T 60 37.77 -13.94 -9.42
N CYS T 61 36.70 -14.73 -9.35
CA CYS T 61 36.47 -15.69 -8.28
C CYS T 61 36.35 -17.06 -8.91
N ASP T 62 37.20 -17.99 -8.48
CA ASP T 62 37.25 -19.34 -9.05
C ASP T 62 36.50 -20.31 -8.16
N ALA T 63 35.79 -21.24 -8.80
CA ALA T 63 35.06 -22.27 -8.06
C ALA T 63 36.03 -23.23 -7.37
N GLU T 64 35.50 -23.95 -6.38
CA GLU T 64 36.29 -25.00 -5.74
C GLU T 64 36.76 -26.00 -6.77
N LEU T 65 35.85 -26.48 -7.61
CA LEU T 65 36.19 -27.32 -8.75
C LEU T 65 36.31 -26.43 -9.98
N PRO T 66 37.52 -26.13 -10.47
CA PRO T 66 37.65 -25.14 -11.56
C PRO T 66 36.70 -25.38 -12.73
N GLU T 67 36.56 -26.63 -13.17
CA GLU T 67 35.72 -26.91 -14.33
C GLU T 67 34.24 -26.72 -14.03
N GLN T 68 33.83 -26.78 -12.76
CA GLN T 68 32.41 -26.67 -12.43
C GLN T 68 31.89 -25.26 -12.67
N GLY T 69 32.72 -24.24 -12.46
CA GLY T 69 32.27 -22.87 -12.65
C GLY T 69 33.38 -21.84 -12.53
N GLY T 70 33.04 -20.64 -12.07
CA GLY T 70 33.98 -19.56 -11.97
C GLY T 70 33.50 -18.32 -12.70
N VAL T 71 33.78 -17.15 -12.14
CA VAL T 71 33.35 -15.88 -12.71
C VAL T 71 34.52 -14.91 -12.74
N ALA T 72 34.46 -13.95 -13.67
CA ALA T 72 35.49 -12.93 -13.77
C ALA T 72 34.80 -11.56 -13.88
N LEU T 73 35.63 -10.52 -13.99
CA LEU T 73 35.13 -9.16 -14.04
C LEU T 73 36.29 -8.19 -14.27
N TYR T 74 36.16 -7.34 -15.28
CA TYR T 74 37.14 -6.27 -15.52
C TYR T 74 36.45 -4.92 -15.48
N SER T 75 37.17 -3.93 -14.99
CA SER T 75 36.68 -2.55 -14.92
C SER T 75 37.79 -1.61 -15.33
N ARG T 76 37.40 -0.41 -15.76
CA ARG T 76 38.37 0.56 -16.26
C ARG T 76 39.15 1.23 -15.14
N LEU T 77 38.57 1.35 -13.95
CA LEU T 77 39.24 1.98 -12.82
C LEU T 77 39.17 1.06 -11.61
N GLN T 78 40.17 1.18 -10.74
CA GLN T 78 40.27 0.37 -9.54
C GLN T 78 39.01 0.52 -8.70
N PRO T 79 38.16 -0.50 -8.61
CA PRO T 79 36.94 -0.37 -7.80
C PRO T 79 37.27 -0.13 -6.33
N LYS T 80 36.24 0.30 -5.60
CA LYS T 80 36.42 0.58 -4.18
C LYS T 80 36.90 -0.66 -3.44
N ALA T 81 36.23 -1.80 -3.63
CA ALA T 81 36.61 -3.03 -2.98
C ALA T 81 35.86 -4.18 -3.62
N VAL T 82 36.53 -5.32 -3.76
CA VAL T 82 35.96 -6.52 -4.36
C VAL T 82 35.44 -7.42 -3.26
N ILE T 83 34.26 -7.99 -3.47
CA ILE T 83 33.60 -8.86 -2.50
C ILE T 83 33.36 -10.19 -3.21
N SER T 84 34.35 -11.08 -3.16
CA SER T 84 34.26 -12.38 -3.82
C SER T 84 33.60 -13.40 -2.88
N GLY T 85 32.30 -13.21 -2.69
CA GLY T 85 31.54 -14.10 -1.82
C GLY T 85 30.07 -13.74 -1.86
N LEU T 86 29.27 -14.62 -1.28
CA LEU T 86 27.82 -14.43 -1.21
C LEU T 86 27.30 -14.81 0.16
N GLY T 87 27.69 -15.99 0.65
CA GLY T 87 27.28 -16.44 1.97
C GLY T 87 26.77 -17.86 1.97
N PHE T 88 26.11 -18.27 0.88
CA PHE T 88 25.55 -19.61 0.80
C PHE T 88 26.66 -20.62 0.53
N GLU T 89 26.34 -21.90 0.79
CA GLU T 89 27.31 -22.96 0.54
C GLU T 89 27.57 -23.12 -0.96
N THR T 90 26.51 -23.09 -1.76
CA THR T 90 26.68 -23.27 -3.21
C THR T 90 27.53 -22.17 -3.80
N ALA T 91 27.24 -20.91 -3.45
CA ALA T 91 28.00 -19.80 -4.01
C ALA T 91 29.46 -19.87 -3.58
N ASP T 92 29.71 -20.03 -2.28
CA ASP T 92 31.09 -20.09 -1.79
C ASP T 92 31.85 -21.26 -2.40
N ARG T 93 31.17 -22.38 -2.67
CA ARG T 93 31.84 -23.55 -3.19
C ARG T 93 32.14 -23.41 -4.68
N TYR T 94 31.18 -22.90 -5.46
CA TYR T 94 31.31 -22.79 -6.90
C TYR T 94 31.71 -21.39 -7.36
N GLY T 95 32.04 -20.50 -6.42
CA GLY T 95 32.47 -19.16 -6.77
C GLY T 95 31.60 -18.51 -7.83
N ARG T 96 30.28 -18.61 -7.69
CA ARG T 96 29.34 -18.11 -8.67
C ARG T 96 28.92 -16.67 -8.41
N TYR T 97 29.75 -15.89 -7.72
CA TYR T 97 29.39 -14.51 -7.41
C TYR T 97 30.66 -13.71 -7.14
N LEU T 98 30.69 -12.50 -7.70
CA LEU T 98 31.78 -11.56 -7.48
C LEU T 98 31.24 -10.15 -7.66
N GLN T 99 31.54 -9.27 -6.72
CA GLN T 99 30.95 -7.95 -6.68
C GLN T 99 32.04 -6.88 -6.70
N ALA T 100 31.72 -5.75 -7.30
CA ALA T 100 32.60 -4.60 -7.37
C ALA T 100 31.81 -3.35 -7.00
N ASP T 101 32.30 -2.62 -6.01
CA ASP T 101 31.60 -1.46 -5.47
C ASP T 101 32.07 -0.18 -6.16
N PHE T 102 31.15 0.77 -6.30
CA PHE T 102 31.46 2.08 -6.86
C PHE T 102 30.62 3.12 -6.12
N ASP T 103 30.57 4.33 -6.67
CA ASP T 103 29.84 5.43 -6.04
C ASP T 103 28.35 5.18 -6.16
N LYS T 104 27.73 4.71 -5.07
CA LYS T 104 26.28 4.52 -5.01
C LYS T 104 25.80 3.49 -6.03
N VAL T 105 26.73 2.72 -6.60
CA VAL T 105 26.39 1.67 -7.56
C VAL T 105 27.39 0.54 -7.39
N SER T 106 26.90 -0.70 -7.46
CA SER T 106 27.73 -1.88 -7.32
C SER T 106 27.30 -2.91 -8.37
N ILE T 107 28.27 -3.48 -9.06
CA ILE T 107 28.01 -4.45 -10.13
C ILE T 107 28.33 -5.84 -9.62
N ALA T 108 27.43 -6.79 -9.86
CA ALA T 108 27.58 -8.16 -9.41
C ALA T 108 27.55 -9.10 -10.62
N THR T 109 28.52 -10.00 -10.67
CA THR T 109 28.60 -10.98 -11.76
C THR T 109 27.96 -12.28 -11.32
N LEU T 110 26.62 -12.23 -11.23
CA LEU T 110 25.86 -13.39 -10.79
C LEU T 110 25.91 -14.50 -11.83
N LEU T 111 25.76 -15.73 -11.37
CA LEU T 111 25.77 -16.89 -12.28
C LEU T 111 24.98 -18.01 -11.62
N LEU T 112 23.74 -18.20 -12.08
CA LEU T 112 22.95 -19.33 -11.60
C LEU T 112 23.27 -20.58 -12.43
N PRO T 113 23.38 -21.74 -11.79
CA PRO T 113 23.71 -22.96 -12.56
C PRO T 113 22.64 -23.25 -13.60
N SER T 114 23.09 -23.66 -14.79
CA SER T 114 22.16 -23.89 -15.89
C SER T 114 21.13 -24.96 -15.54
N GLY T 115 21.56 -26.03 -14.89
CA GLY T 115 20.66 -27.13 -14.60
C GLY T 115 20.29 -27.97 -15.79
N GLN T 116 21.02 -27.86 -16.90
CA GLN T 116 20.73 -28.61 -18.11
C GLN T 116 21.45 -29.95 -18.15
N SER T 117 22.38 -30.20 -17.23
CA SER T 117 23.15 -31.44 -17.26
C SER T 117 22.33 -32.62 -16.76
N GLY T 118 21.83 -32.54 -15.52
CA GLY T 118 21.09 -33.63 -14.96
C GLY T 118 20.15 -33.16 -13.87
N ASP T 119 19.67 -34.12 -13.07
CA ASP T 119 18.72 -33.80 -12.01
C ASP T 119 19.41 -33.12 -10.83
N GLU T 120 20.61 -33.58 -10.48
CA GLU T 120 21.34 -32.95 -9.38
C GLU T 120 21.61 -31.47 -9.69
N SER T 121 21.90 -31.16 -10.95
CA SER T 121 22.11 -29.76 -11.33
C SER T 121 20.83 -28.96 -11.16
N LEU T 122 19.69 -29.53 -11.54
CA LEU T 122 18.43 -28.81 -11.37
C LEU T 122 18.12 -28.59 -9.90
N ASN T 123 18.44 -29.57 -9.04
CA ASN T 123 18.22 -29.39 -7.61
C ASN T 123 19.14 -28.31 -7.05
N GLN T 124 20.41 -28.32 -7.47
CA GLN T 124 21.32 -27.25 -7.04
C GLN T 124 20.82 -25.89 -7.49
N LYS T 125 20.26 -25.82 -8.70
CA LYS T 125 19.73 -24.56 -9.20
C LYS T 125 18.52 -24.10 -8.39
N PHE T 126 17.62 -25.04 -8.05
CA PHE T 126 16.48 -24.69 -7.23
C PHE T 126 16.93 -24.17 -5.87
N LYS T 127 17.92 -24.83 -5.26
CA LYS T 127 18.43 -24.37 -3.97
C LYS T 127 19.07 -22.99 -4.10
N PHE T 128 19.86 -22.79 -5.14
CA PHE T 128 20.50 -21.49 -5.34
C PHE T 128 19.48 -20.39 -5.52
N MET T 129 18.37 -20.68 -6.20
CA MET T 129 17.33 -19.67 -6.39
C MET T 129 16.58 -19.40 -5.09
N ASP T 130 16.25 -20.47 -4.35
CA ASP T 130 15.56 -20.31 -3.07
C ASP T 130 16.43 -19.61 -2.04
N ASP T 131 17.74 -19.57 -2.25
CA ASP T 131 18.63 -18.81 -1.38
C ASP T 131 18.84 -17.38 -1.88
N PHE T 132 18.92 -17.21 -3.21
CA PHE T 132 19.11 -15.88 -3.77
C PHE T 132 17.88 -15.02 -3.58
N THR T 133 16.69 -15.63 -3.49
CA THR T 133 15.51 -14.84 -3.14
C THR T 133 15.69 -14.20 -1.77
N HIS T 134 16.18 -14.96 -0.79
CA HIS T 134 16.47 -14.38 0.52
C HIS T 134 17.55 -13.32 0.42
N TYR T 135 18.61 -13.60 -0.35
CA TYR T 135 19.68 -12.62 -0.49
C TYR T 135 19.15 -11.29 -1.02
N LEU T 136 18.33 -11.34 -2.08
CA LEU T 136 17.77 -10.13 -2.64
C LEU T 136 16.79 -9.46 -1.68
N SER T 137 16.06 -10.25 -0.89
CA SER T 137 15.20 -9.66 0.13
C SER T 137 16.01 -8.94 1.19
N LYS T 138 17.25 -9.38 1.42
CA LYS T 138 18.11 -8.72 2.39
C LYS T 138 18.73 -7.44 1.82
N GLN T 139 19.29 -7.53 0.61
CA GLN T 139 19.89 -6.36 -0.02
C GLN T 139 18.88 -5.27 -0.35
N ARG T 140 17.58 -5.56 -0.23
CA ARG T 140 16.55 -4.58 -0.55
C ARG T 140 16.56 -3.38 0.38
N ARG T 141 17.35 -3.41 1.46
CA ARG T 141 17.34 -2.34 2.45
C ARG T 141 18.43 -1.30 2.20
N LYS T 142 19.63 -1.73 1.85
CA LYS T 142 20.74 -0.80 1.70
C LYS T 142 20.42 0.26 0.64
N ARG T 143 21.13 1.38 0.73
CA ARG T 143 20.86 2.52 -0.14
C ARG T 143 21.44 2.31 -1.54
N ARG T 144 22.71 1.88 -1.61
CA ARG T 144 23.37 1.75 -2.90
C ARG T 144 22.61 0.82 -3.83
N GLU T 145 22.48 1.24 -5.08
CA GLU T 145 21.82 0.41 -6.09
C GLU T 145 22.80 -0.61 -6.65
N TYR T 146 22.25 -1.74 -7.11
CA TYR T 146 23.04 -2.85 -7.61
C TYR T 146 22.71 -3.11 -9.08
N ILE T 147 23.68 -3.65 -9.80
CA ILE T 147 23.54 -4.01 -11.20
C ILE T 147 24.07 -5.44 -11.34
N TYR T 148 23.17 -6.41 -11.29
CA TYR T 148 23.55 -7.81 -11.42
C TYR T 148 23.62 -8.15 -12.90
N CYS T 149 24.84 -8.23 -13.42
CA CYS T 149 25.09 -8.66 -14.79
C CYS T 149 25.22 -10.17 -14.83
N GLY T 150 24.11 -10.89 -14.68
CA GLY T 150 24.14 -12.31 -14.40
C GLY T 150 23.47 -13.14 -15.48
N SER T 151 24.03 -14.33 -15.72
CA SER T 151 23.44 -15.31 -16.62
C SER T 151 22.53 -16.21 -15.79
N LEU T 152 21.28 -15.77 -15.63
CA LEU T 152 20.34 -16.49 -14.77
C LEU T 152 19.97 -17.85 -15.33
N TYR T 153 20.14 -18.07 -16.64
CA TYR T 153 19.79 -19.34 -17.26
C TYR T 153 18.30 -19.66 -17.06
N VAL T 154 17.47 -18.62 -17.05
CA VAL T 154 16.03 -18.78 -16.91
C VAL T 154 15.33 -17.71 -17.73
N ALA T 155 14.49 -18.13 -18.67
CA ALA T 155 13.71 -17.20 -19.46
C ALA T 155 12.49 -16.74 -18.66
N HIS T 156 12.15 -15.46 -18.78
CA HIS T 156 11.09 -14.87 -17.98
C HIS T 156 9.73 -14.98 -18.66
N GLN T 157 9.54 -14.27 -19.77
CA GLN T 157 8.25 -14.21 -20.45
C GLN T 157 8.35 -14.83 -21.83
N LYS T 158 7.19 -14.98 -22.48
CA LYS T 158 7.15 -15.56 -23.81
C LYS T 158 7.99 -14.78 -24.80
N MET T 159 8.05 -13.45 -24.65
CA MET T 159 8.88 -12.63 -25.54
C MET T 159 10.33 -13.10 -25.55
N ASP T 160 10.78 -13.79 -24.50
CA ASP T 160 12.15 -14.26 -24.41
C ASP T 160 12.37 -15.60 -25.11
N VAL T 161 11.31 -16.27 -25.55
CA VAL T 161 11.43 -17.61 -26.12
C VAL T 161 10.40 -17.76 -27.23
N LYS T 162 10.84 -18.24 -28.39
CA LYS T 162 9.93 -18.57 -29.48
C LYS T 162 9.53 -20.03 -29.40
N ASN T 163 8.34 -20.33 -29.91
CA ASN T 163 7.78 -21.68 -29.83
C ASN T 163 7.73 -22.15 -28.37
N TRP T 164 7.29 -21.24 -27.49
CA TRP T 164 7.22 -21.55 -26.07
C TRP T 164 6.44 -22.84 -25.81
N ARG T 165 5.49 -23.17 -26.68
CA ARG T 165 4.71 -24.39 -26.50
C ARG T 165 5.60 -25.62 -26.42
N GLU T 166 6.76 -25.60 -27.11
CA GLU T 166 7.63 -26.75 -27.13
C GLU T 166 8.53 -26.78 -25.89
N CYS T 167 9.00 -25.62 -25.43
CA CYS T 167 9.92 -25.55 -24.31
C CYS T 167 9.20 -25.46 -22.97
N GLN T 168 7.94 -25.89 -22.90
CA GLN T 168 7.19 -25.83 -21.64
C GLN T 168 7.72 -26.82 -20.60
N GLN T 169 8.61 -27.74 -20.98
CA GLN T 169 9.15 -28.73 -20.06
C GLN T 169 10.67 -28.75 -20.05
N MET T 170 11.34 -27.96 -20.88
CA MET T 170 12.79 -27.93 -20.89
C MET T 170 13.29 -27.15 -19.67
N PRO T 171 14.38 -27.60 -19.03
CA PRO T 171 14.90 -26.86 -17.87
C PRO T 171 15.16 -25.40 -18.22
N GLY T 172 14.92 -24.53 -17.24
CA GLY T 172 15.06 -23.10 -17.44
C GLY T 172 13.80 -22.39 -17.85
N PHE T 173 12.65 -23.07 -17.82
CA PHE T 173 11.39 -22.43 -18.20
C PHE T 173 10.19 -23.02 -17.49
N LEU T 174 10.38 -23.95 -16.54
CA LEU T 174 9.26 -24.60 -15.89
C LEU T 174 8.50 -23.59 -15.03
N ALA T 175 7.41 -24.07 -14.42
CA ALA T 175 6.56 -23.19 -13.62
C ALA T 175 7.28 -22.56 -12.45
N PRO T 176 7.99 -23.31 -11.59
CA PRO T 176 8.62 -22.66 -10.42
C PRO T 176 9.66 -21.62 -10.79
N GLU T 177 10.46 -21.87 -11.82
CA GLU T 177 11.44 -20.88 -12.25
C GLU T 177 10.76 -19.62 -12.75
N ARG T 178 9.70 -19.78 -13.57
CA ARG T 178 8.95 -18.62 -14.03
C ARG T 178 8.38 -17.83 -12.88
N ALA T 179 7.82 -18.53 -11.87
CA ALA T 179 7.24 -17.83 -10.72
C ALA T 179 8.33 -17.09 -9.94
N TRP T 180 9.48 -17.74 -9.73
CA TRP T 180 10.56 -17.07 -9.01
C TRP T 180 11.03 -15.82 -9.75
N LEU T 181 11.18 -15.91 -11.07
CA LEU T 181 11.60 -14.73 -11.83
C LEU T 181 10.56 -13.63 -11.78
N ASP T 182 9.28 -14.00 -11.91
CA ASP T 182 8.22 -13.00 -11.86
C ASP T 182 8.15 -12.33 -10.48
N GLU T 183 8.47 -13.07 -9.42
CA GLU T 183 8.46 -12.49 -8.08
C GLU T 183 9.67 -11.59 -7.87
N VAL T 184 10.84 -12.00 -8.38
CA VAL T 184 12.04 -11.19 -8.21
C VAL T 184 11.94 -9.91 -9.03
N PHE T 185 11.29 -9.96 -10.19
CA PHE T 185 11.16 -8.81 -11.06
C PHE T 185 9.86 -8.04 -10.85
N GLY T 186 8.99 -8.49 -9.95
CA GLY T 186 7.74 -7.83 -9.70
C GLY T 186 7.51 -7.52 -8.23
N ASN T 187 7.46 -8.56 -7.41
CA ASN T 187 7.21 -8.38 -5.98
C ASN T 187 8.33 -7.57 -5.33
N LEU T 188 9.58 -7.96 -5.58
CA LEU T 188 10.71 -7.26 -4.98
C LEU T 188 10.95 -5.90 -5.64
N GLY T 189 10.64 -5.77 -6.92
CA GLY T 189 10.79 -4.52 -7.63
C GLY T 189 12.03 -4.39 -8.48
N TYR T 190 12.81 -5.46 -8.66
CA TYR T 190 14.02 -5.42 -9.47
C TYR T 190 13.61 -5.45 -10.93
N ALA T 191 13.35 -4.27 -11.48
CA ALA T 191 12.94 -4.16 -12.87
C ALA T 191 14.07 -4.58 -13.80
N ASP T 192 13.71 -5.25 -14.89
CA ASP T 192 14.69 -5.70 -15.86
C ASP T 192 15.24 -4.52 -16.66
N ALA T 193 16.29 -4.79 -17.43
CA ALA T 193 16.91 -3.76 -18.26
C ALA T 193 16.36 -3.76 -19.68
N LEU T 194 16.06 -4.94 -20.23
CA LEU T 194 15.58 -5.01 -21.61
C LEU T 194 14.09 -4.68 -21.69
N ARG T 195 13.28 -5.22 -20.78
CA ARG T 195 11.85 -4.99 -20.81
C ARG T 195 11.47 -3.54 -20.53
N GLU T 196 12.45 -2.69 -20.19
CA GLU T 196 12.19 -1.27 -19.96
C GLU T 196 12.73 -0.37 -21.06
N VAL T 197 13.71 -0.85 -21.84
CA VAL T 197 14.32 -0.04 -22.89
C VAL T 197 13.76 -0.43 -24.24
N SER T 198 13.46 -1.72 -24.42
CA SER T 198 12.94 -2.24 -25.68
C SER T 198 11.98 -3.37 -25.36
N ARG T 199 10.68 -3.07 -25.40
CA ARG T 199 9.65 -4.07 -25.11
C ARG T 199 9.24 -4.81 -26.38
N GLU T 200 10.23 -5.37 -27.05
CA GLU T 200 10.04 -6.13 -28.27
C GLU T 200 10.49 -7.58 -28.06
N GLY T 201 10.09 -8.44 -28.99
CA GLY T 201 10.41 -9.85 -28.94
C GLY T 201 11.61 -10.20 -29.82
N ASP T 202 11.89 -11.50 -29.86
CA ASP T 202 12.98 -12.09 -30.64
C ASP T 202 14.36 -11.72 -30.09
N GLN T 203 14.43 -11.06 -28.94
CA GLN T 203 15.70 -10.67 -28.33
C GLN T 203 16.25 -11.86 -27.55
N PHE T 204 16.82 -12.81 -28.28
CA PHE T 204 17.37 -14.02 -27.70
C PHE T 204 18.86 -13.85 -27.41
N SER T 205 19.34 -14.55 -26.38
CA SER T 205 20.73 -14.53 -25.98
C SER T 205 21.38 -15.91 -25.95
N TRP T 206 20.58 -16.98 -25.98
CA TRP T 206 21.09 -18.35 -25.94
C TRP T 206 20.64 -19.09 -27.19
N TRP T 207 21.46 -20.05 -27.62
CA TRP T 207 21.17 -20.83 -28.80
C TRP T 207 21.76 -22.23 -28.63
N PRO T 208 20.97 -23.29 -28.79
CA PRO T 208 21.52 -24.63 -28.67
C PRO T 208 22.69 -24.85 -29.63
N ASP T 209 23.49 -25.87 -29.33
CA ASP T 209 24.64 -26.18 -30.17
C ASP T 209 24.23 -26.54 -31.58
N SER T 210 23.03 -27.10 -31.76
CA SER T 210 22.56 -27.48 -33.08
C SER T 210 22.46 -26.25 -33.98
N GLU T 211 23.13 -26.29 -35.12
CA GLU T 211 23.09 -25.17 -36.06
C GLU T 211 21.68 -24.92 -36.58
N GLN T 212 20.80 -25.91 -36.53
CA GLN T 212 19.44 -25.73 -37.01
C GLN T 212 18.74 -24.63 -36.22
N ALA T 213 18.88 -24.64 -34.90
CA ALA T 213 18.26 -23.60 -34.08
C ALA T 213 18.85 -22.23 -34.40
N GLU T 214 20.16 -22.18 -34.64
CA GLU T 214 20.80 -20.91 -34.97
C GLU T 214 20.24 -20.35 -36.28
N MET T 215 20.15 -21.19 -37.31
CA MET T 215 19.61 -20.74 -38.59
C MET T 215 18.14 -20.34 -38.45
N LEU T 216 17.38 -21.08 -37.66
CA LEU T 216 15.97 -20.78 -37.46
C LEU T 216 15.73 -19.64 -36.47
N ASN T 217 16.78 -19.16 -35.82
CA ASN T 217 16.71 -18.11 -34.80
C ASN T 217 16.11 -18.60 -33.49
N LEU T 218 15.93 -19.92 -33.33
CA LEU T 218 15.41 -20.47 -32.09
C LEU T 218 16.39 -20.24 -30.96
N GLY T 219 16.11 -19.27 -30.09
CA GLY T 219 17.00 -18.94 -29.01
C GLY T 219 16.25 -18.53 -27.77
N TRP T 220 16.96 -18.58 -26.64
CA TRP T 220 16.43 -18.21 -25.35
C TRP T 220 17.22 -17.03 -24.79
N ARG T 221 16.57 -16.22 -23.96
CA ARG T 221 17.21 -15.11 -23.29
C ARG T 221 17.55 -15.53 -21.87
N PHE T 222 18.84 -15.67 -21.57
CA PHE T 222 19.32 -16.08 -20.26
C PHE T 222 20.08 -14.99 -19.53
N ASP T 223 20.84 -14.16 -20.24
CA ASP T 223 21.53 -13.06 -19.60
C ASP T 223 20.54 -12.02 -19.10
N TYR T 224 20.91 -11.32 -18.03
CA TYR T 224 20.02 -10.34 -17.43
C TYR T 224 20.85 -9.29 -16.68
N GLN T 225 20.54 -8.02 -16.96
CA GLN T 225 21.10 -6.90 -16.20
C GLN T 225 20.04 -6.47 -15.19
N VAL T 226 19.98 -7.18 -14.07
CA VAL T 226 19.00 -6.86 -13.03
C VAL T 226 19.38 -5.55 -12.37
N LEU T 227 18.44 -4.62 -12.32
CA LEU T 227 18.69 -3.27 -11.82
C LEU T 227 17.77 -2.97 -10.64
N THR T 228 18.35 -2.37 -9.60
CA THR T 228 17.54 -1.85 -8.51
C THR T 228 16.61 -0.78 -9.04
N PRO T 229 15.37 -0.67 -8.54
CA PRO T 229 14.45 0.35 -9.04
C PRO T 229 15.06 1.74 -9.08
N GLY T 230 16.06 1.99 -8.25
CA GLY T 230 16.73 3.28 -8.27
C GLY T 230 17.46 3.57 -9.56
N LEU T 231 17.89 2.53 -10.26
CA LEU T 231 18.66 2.68 -11.50
C LEU T 231 17.83 2.46 -12.75
N ARG T 232 16.57 2.03 -12.61
CA ARG T 232 15.74 1.77 -13.79
C ARG T 232 15.69 2.98 -14.71
N ARG T 233 15.51 4.18 -14.14
CA ARG T 233 15.42 5.39 -14.95
C ARG T 233 16.70 5.67 -15.72
N PHE T 234 17.83 5.09 -15.31
CA PHE T 234 19.12 5.38 -15.91
C PHE T 234 19.46 4.43 -17.07
N VAL T 235 18.46 3.84 -17.71
CA VAL T 235 18.67 2.96 -18.85
C VAL T 235 18.46 3.76 -20.12
N ARG T 236 19.21 3.42 -21.17
CA ARG T 236 19.14 4.13 -22.43
C ARG T 236 19.00 3.17 -23.61
N ASN T 237 19.97 2.28 -23.79
CA ASN T 237 19.97 1.35 -24.91
C ASN T 237 20.52 0.01 -24.47
N ALA T 238 20.01 -1.06 -25.09
CA ALA T 238 20.48 -2.42 -24.82
C ALA T 238 20.10 -3.27 -26.02
N LYS T 239 21.11 -3.72 -26.76
CA LYS T 239 20.90 -4.57 -27.94
C LYS T 239 21.85 -5.75 -27.86
N LEU T 240 21.36 -6.93 -28.25
CA LEU T 240 22.13 -8.15 -28.15
C LEU T 240 22.74 -8.48 -29.50
N PRO T 241 24.05 -8.29 -29.70
CA PRO T 241 24.66 -8.69 -30.98
C PRO T 241 25.00 -10.17 -31.02
N ARG T 242 24.46 -10.88 -32.02
CA ARG T 242 24.70 -12.30 -32.15
C ARG T 242 25.78 -12.65 -33.18
N GLN T 243 26.17 -11.70 -34.02
CA GLN T 243 27.20 -11.97 -35.03
C GLN T 243 28.59 -12.13 -34.42
N PRO T 244 28.90 -11.52 -33.24
CA PRO T 244 30.21 -11.73 -32.61
C PRO T 244 30.17 -12.87 -31.59
N ARG T 245 29.51 -13.96 -31.94
CA ARG T 245 29.35 -15.08 -31.02
C ARG T 245 30.71 -15.66 -30.65
N PHE T 246 31.00 -15.68 -29.36
CA PHE T 246 32.24 -16.23 -28.83
C PHE T 246 32.01 -17.39 -27.86
N SER T 247 30.77 -17.79 -27.64
CA SER T 247 30.45 -18.89 -26.74
C SER T 247 29.00 -19.30 -26.99
N GLN T 248 28.49 -20.18 -26.13
CA GLN T 248 27.11 -20.63 -26.27
C GLN T 248 26.12 -19.45 -26.21
N HIS T 249 26.49 -18.38 -25.52
CA HIS T 249 25.66 -17.21 -25.37
C HIS T 249 26.21 -16.09 -26.26
N ALA T 250 25.70 -14.88 -26.05
CA ALA T 250 26.15 -13.70 -26.77
C ALA T 250 26.20 -12.51 -25.83
N PRO T 251 27.05 -11.53 -26.09
CA PRO T 251 27.13 -10.36 -25.21
C PRO T 251 25.78 -9.67 -25.07
N LEU T 252 25.70 -8.77 -24.07
CA LEU T 252 24.49 -8.01 -23.78
C LEU T 252 24.90 -6.61 -23.35
N ILE T 253 25.34 -5.80 -24.32
CA ILE T 253 25.79 -4.45 -24.02
C ILE T 253 24.60 -3.60 -23.60
N VAL T 254 24.78 -2.82 -22.53
CA VAL T 254 23.74 -1.94 -22.02
C VAL T 254 24.39 -0.61 -21.61
N ASP T 255 23.85 0.50 -22.11
CA ASP T 255 24.38 1.81 -21.78
C ASP T 255 23.43 2.52 -20.80
N TYR T 256 24.02 3.14 -19.77
CA TYR T 256 23.29 3.85 -18.75
C TYR T 256 23.77 5.30 -18.69
N ASP T 257 22.90 6.16 -18.17
CA ASP T 257 23.28 7.56 -17.97
C ASP T 257 24.13 7.74 -16.72
N TRP T 258 24.02 6.82 -15.75
CA TRP T 258 24.83 6.89 -14.55
C TRP T 258 26.31 6.76 -14.91
N GLN T 259 27.15 7.47 -14.17
CA GLN T 259 28.59 7.46 -14.36
C GLN T 259 29.27 7.00 -13.07
N LEU T 260 30.10 5.98 -13.18
CA LEU T 260 30.79 5.42 -12.03
C LEU T 260 32.12 6.15 -11.79
N SER T 261 32.61 6.04 -10.56
CA SER T 261 33.87 6.67 -10.17
C SER T 261 34.31 6.07 -8.85
N ILE T 262 35.63 6.01 -8.66
CA ILE T 262 36.20 5.46 -7.43
C ILE T 262 35.65 6.23 -6.22
N GLY V 1 -3.06 38.45 23.93
CA GLY V 1 -3.00 37.00 23.61
C GLY V 1 -1.61 36.55 23.18
N PRO V 2 -1.47 35.26 22.88
CA PRO V 2 -0.16 34.74 22.46
C PRO V 2 0.22 35.25 21.08
N ALA V 3 1.38 35.88 20.98
CA ALA V 3 1.86 36.41 19.71
C ALA V 3 3.36 36.66 19.81
N MET V 4 4.04 36.57 18.68
CA MET V 4 5.48 36.77 18.61
C MET V 4 5.78 37.68 17.43
N ARG V 5 6.29 38.88 17.70
CA ARG V 5 6.59 39.86 16.66
C ARG V 5 8.07 39.80 16.32
N ILE V 6 8.37 39.92 15.02
CA ILE V 6 9.73 39.86 14.50
C ILE V 6 9.89 40.97 13.47
N ILE V 7 10.99 41.71 13.58
CA ILE V 7 11.32 42.80 12.67
C ILE V 7 12.53 42.39 11.85
N SER V 8 12.51 42.72 10.55
CA SER V 8 13.63 42.45 9.65
C SER V 8 13.79 43.67 8.75
N VAL V 9 14.84 44.45 8.99
CA VAL V 9 15.11 45.68 8.25
C VAL V 9 16.59 45.71 7.90
N ASN V 10 16.88 45.79 6.61
CA ASN V 10 18.27 45.91 6.15
C ASN V 10 18.69 47.37 6.28
N VAL V 11 19.55 47.65 7.26
CA VAL V 11 19.90 49.04 7.55
C VAL V 11 20.98 49.55 6.61
N ASN V 12 21.86 48.67 6.13
CA ASN V 12 22.97 49.07 5.26
C ASN V 12 23.82 50.14 5.94
N GLY V 13 24.18 49.88 7.20
CA GLY V 13 24.91 50.84 8.00
C GLY V 13 24.15 51.20 9.26
N ILE V 14 24.39 50.47 10.34
CA ILE V 14 23.66 50.71 11.59
C ILE V 14 23.88 52.14 12.07
N GLN V 15 25.04 52.73 11.78
CA GLN V 15 25.31 54.09 12.21
CA GLN V 15 25.30 54.10 12.22
C GLN V 15 24.31 55.07 11.61
N ALA V 16 24.12 55.01 10.29
CA ALA V 16 23.21 55.94 9.62
C ALA V 16 21.77 55.73 10.10
N ALA V 17 21.33 54.48 10.17
CA ALA V 17 19.96 54.20 10.58
C ALA V 17 19.71 54.65 12.01
N ALA V 18 20.69 54.46 12.90
CA ALA V 18 20.54 54.90 14.27
C ALA V 18 20.50 56.43 14.36
N GLU V 19 21.38 57.09 13.61
CA GLU V 19 21.34 58.56 13.58
C GLU V 19 20.01 59.07 13.08
N ARG V 20 19.31 58.29 12.24
CA ARG V 20 17.99 58.66 11.76
C ARG V 20 16.89 58.27 12.74
N GLY V 21 17.19 57.49 13.77
CA GLY V 21 16.23 57.10 14.77
C GLY V 21 15.83 55.62 14.76
N LEU V 22 16.65 54.74 14.16
CA LEU V 22 16.30 53.32 14.13
C LEU V 22 16.25 52.74 15.53
N LEU V 23 17.27 53.03 16.35
CA LEU V 23 17.34 52.45 17.69
C LEU V 23 16.13 52.86 18.52
N SER V 24 15.84 54.16 18.56
CA SER V 24 14.69 54.63 19.33
C SER V 24 13.38 54.12 18.74
N TRP V 25 13.27 54.10 17.42
CA TRP V 25 12.05 53.60 16.78
C TRP V 25 11.80 52.15 17.17
N LEU V 26 12.85 51.34 17.23
CA LEU V 26 12.68 49.93 17.61
C LEU V 26 12.39 49.80 19.10
N GLN V 27 13.09 50.56 19.94
CA GLN V 27 12.87 50.47 21.38
C GLN V 27 11.44 50.87 21.74
N ALA V 28 10.89 51.86 21.04
CA ALA V 28 9.53 52.30 21.32
C ALA V 28 8.52 51.25 20.87
N GLN V 29 8.75 50.62 19.73
CA GLN V 29 7.84 49.60 19.22
C GLN V 29 8.07 48.27 19.93
N ASN V 30 6.98 47.58 20.23
CA ASN V 30 7.07 46.26 20.84
C ASN V 30 7.61 45.26 19.84
N ALA V 31 8.50 44.38 20.30
CA ALA V 31 9.09 43.38 19.44
C ALA V 31 9.84 42.38 20.30
N ASP V 32 9.99 41.17 19.77
CA ASP V 32 10.69 40.09 20.47
C ASP V 32 12.12 39.88 19.99
N VAL V 33 12.34 39.84 18.67
CA VAL V 33 13.67 39.64 18.12
C VAL V 33 13.82 40.46 16.85
N ILE V 34 14.79 41.37 16.85
CA ILE V 34 15.09 42.20 15.68
C ILE V 34 16.23 41.53 14.93
N CYS V 35 15.96 41.04 13.73
CA CYS V 35 16.93 40.36 12.89
C CYS V 35 17.31 41.30 11.75
N LEU V 36 18.14 42.29 12.07
CA LEU V 36 18.61 43.22 11.06
C LEU V 36 19.79 42.63 10.30
N GLN V 37 20.00 43.16 9.09
CA GLN V 37 21.06 42.68 8.22
C GLN V 37 21.93 43.85 7.78
N ASP V 38 23.14 43.52 7.33
CA ASP V 38 24.11 44.49 6.82
C ASP V 38 24.43 45.53 7.90
N THR V 39 25.30 45.10 8.82
CA THR V 39 25.73 45.98 9.90
C THR V 39 26.74 47.02 9.40
N ARG V 40 27.55 46.67 8.42
CA ARG V 40 28.60 47.53 7.89
C ARG V 40 29.67 47.87 8.92
N ALA V 41 29.72 47.14 10.04
CA ALA V 41 30.67 47.41 11.10
C ALA V 41 31.10 46.09 11.72
N SER V 42 31.94 46.17 12.74
CA SER V 42 32.46 45.00 13.42
C SER V 42 31.62 44.67 14.64
N ALA V 43 31.81 43.46 15.16
CA ALA V 43 31.07 43.04 16.35
C ALA V 43 31.35 43.95 17.53
N PHE V 44 32.56 44.50 17.63
CA PHE V 44 32.87 45.42 18.71
C PHE V 44 32.04 46.69 18.60
N ASP V 45 31.86 47.20 17.38
CA ASP V 45 31.02 48.38 17.19
C ASP V 45 29.60 48.13 17.67
N LEU V 46 29.08 46.91 17.44
CA LEU V 46 27.77 46.56 17.96
C LEU V 46 27.79 46.48 19.48
N ASP V 47 28.84 45.89 20.05
CA ASP V 47 28.93 45.74 21.50
C ASP V 47 28.88 47.09 22.23
N ASP V 48 29.22 48.17 21.55
CA ASP V 48 29.20 49.48 22.19
C ASP V 48 27.79 49.79 22.70
N PRO V 49 27.66 50.56 23.78
CA PRO V 49 26.31 50.84 24.30
C PRO V 49 25.46 51.68 23.36
N SER V 50 26.08 52.53 22.54
CA SER V 50 25.31 53.35 21.61
C SER V 50 24.50 52.50 20.65
N PHE V 51 24.96 51.29 20.36
CA PHE V 51 24.25 50.39 19.46
C PHE V 51 23.27 49.49 20.18
N GLN V 52 23.60 49.07 21.41
CA GLN V 52 22.73 48.16 22.15
C GLN V 52 21.38 48.80 22.43
N LEU V 53 20.36 47.95 22.54
CA LEU V 53 19.00 48.37 22.86
C LEU V 53 18.65 47.82 24.23
N ASP V 54 18.25 48.72 25.14
CA ASP V 54 17.91 48.31 26.49
C ASP V 54 16.80 47.26 26.46
N GLY V 55 17.05 46.14 27.13
CA GLY V 55 16.10 45.05 27.18
C GLY V 55 16.23 44.03 26.07
N TYR V 56 17.21 44.18 25.18
CA TYR V 56 17.42 43.26 24.07
C TYR V 56 18.87 42.81 24.08
N PHE V 57 19.10 41.50 24.21
CA PHE V 57 20.44 40.96 24.07
C PHE V 57 20.94 41.16 22.65
N LEU V 58 22.25 41.37 22.52
CA LEU V 58 22.87 41.72 21.25
C LEU V 58 23.94 40.70 20.89
N TYR V 59 23.84 40.15 19.68
CA TYR V 59 24.85 39.26 19.12
C TYR V 59 25.13 39.69 17.68
N ALA V 60 26.34 39.37 17.22
CA ALA V 60 26.75 39.80 15.89
C ALA V 60 27.86 38.89 15.39
N CYS V 61 27.88 38.68 14.08
CA CYS V 61 28.95 37.94 13.38
C CYS V 61 29.45 38.85 12.26
N ASP V 62 30.43 39.68 12.59
CA ASP V 62 30.93 40.66 11.64
C ASP V 62 31.56 39.98 10.43
N ALA V 63 31.82 40.78 9.40
CA ALA V 63 32.42 40.31 8.17
C ALA V 63 33.95 40.49 8.21
N GLU V 64 34.62 39.90 7.23
CA GLU V 64 36.06 40.10 7.11
C GLU V 64 36.39 41.57 6.95
N LEU V 65 35.63 42.28 6.12
CA LEU V 65 35.74 43.72 5.95
C LEU V 65 34.49 44.39 6.49
N PRO V 66 34.61 45.36 7.41
CA PRO V 66 33.41 45.96 8.01
C PRO V 66 32.39 46.44 6.98
N GLU V 67 32.83 47.32 6.07
CA GLU V 67 31.90 47.91 5.11
C GLU V 67 31.32 46.87 4.15
N GLN V 68 31.99 45.73 3.97
CA GLN V 68 31.53 44.75 3.00
C GLN V 68 30.20 44.09 3.40
N GLY V 69 29.81 44.16 4.66
CA GLY V 69 28.57 43.57 5.10
C GLY V 69 28.57 43.40 6.61
N GLY V 70 28.05 42.27 7.06
CA GLY V 70 27.93 41.97 8.47
C GLY V 70 26.46 41.79 8.86
N VAL V 71 26.25 40.99 9.91
CA VAL V 71 24.92 40.68 10.40
C VAL V 71 24.93 40.75 11.93
N ALA V 72 23.80 41.17 12.49
CA ALA V 72 23.66 41.29 13.94
C ALA V 72 22.22 41.02 14.32
N LEU V 73 22.03 40.35 15.46
CA LEU V 73 20.72 40.02 16.00
C LEU V 73 20.48 40.78 17.29
N TYR V 74 19.21 40.97 17.63
CA TYR V 74 18.81 41.64 18.87
C TYR V 74 17.70 40.80 19.49
N SER V 75 18.07 39.95 20.44
CA SER V 75 17.13 39.07 21.11
C SER V 75 16.69 39.67 22.44
N ARG V 76 15.42 39.43 22.79
CA ARG V 76 14.88 39.91 24.05
C ARG V 76 15.13 38.94 25.20
N LEU V 77 15.33 37.66 24.92
CA LEU V 77 15.64 36.67 25.93
C LEU V 77 16.81 35.82 25.47
N GLN V 78 17.67 35.45 26.41
CA GLN V 78 18.88 34.68 26.11
C GLN V 78 18.54 33.44 25.29
N PRO V 79 18.85 33.41 24.00
CA PRO V 79 18.53 32.22 23.20
C PRO V 79 19.23 30.99 23.72
N LYS V 80 18.78 29.83 23.22
CA LYS V 80 19.39 28.57 23.61
C LYS V 80 20.85 28.51 23.21
N ALA V 81 21.15 28.88 21.97
CA ALA V 81 22.52 28.85 21.48
C ALA V 81 22.62 29.68 20.21
N VAL V 82 23.71 30.44 20.09
CA VAL V 82 23.96 31.27 18.92
C VAL V 82 25.00 30.59 18.06
N ILE V 83 24.74 30.53 16.75
CA ILE V 83 25.61 29.88 15.78
C ILE V 83 25.98 30.90 14.72
N SER V 84 27.28 31.11 14.53
CA SER V 84 27.81 32.03 13.52
C SER V 84 28.42 31.23 12.38
N GLY V 85 28.20 31.70 11.16
CA GLY V 85 28.75 31.02 10.00
C GLY V 85 27.78 29.98 9.44
N LEU V 86 27.84 29.80 8.13
CA LEU V 86 26.98 28.86 7.42
C LEU V 86 27.74 27.69 6.83
N GLY V 87 29.07 27.74 6.78
CA GLY V 87 29.90 26.68 6.24
C GLY V 87 30.54 27.04 4.90
N PHE V 88 29.89 27.90 4.12
CA PHE V 88 30.44 28.30 2.84
C PHE V 88 31.58 29.30 3.04
N GLU V 89 32.37 29.48 1.98
CA GLU V 89 33.46 30.44 2.04
C GLU V 89 32.94 31.86 2.11
N THR V 90 32.08 32.23 1.15
CA THR V 90 31.52 33.58 1.14
C THR V 90 30.65 33.85 2.34
N ALA V 91 30.07 32.80 2.95
CA ALA V 91 29.22 32.98 4.11
C ALA V 91 30.05 33.26 5.35
N ASP V 92 31.04 32.41 5.63
CA ASP V 92 31.82 32.55 6.84
C ASP V 92 32.80 33.72 6.75
N ARG V 93 33.24 34.07 5.53
CA ARG V 93 34.21 35.14 5.38
C ARG V 93 33.56 36.50 5.59
N TYR V 94 32.41 36.74 4.97
CA TYR V 94 31.76 38.04 5.00
C TYR V 94 30.65 38.12 6.04
N GLY V 95 30.64 37.20 7.01
CA GLY V 95 29.66 37.23 8.08
C GLY V 95 28.25 37.53 7.62
N ARG V 96 27.69 36.67 6.77
CA ARG V 96 26.37 36.87 6.21
C ARG V 96 25.34 35.90 6.79
N TYR V 97 25.58 35.37 7.98
CA TYR V 97 24.65 34.43 8.59
C TYR V 97 24.87 34.39 10.09
N LEU V 98 23.77 34.33 10.84
CA LEU V 98 23.83 34.22 12.30
C LEU V 98 22.48 33.72 12.78
N GLN V 99 22.49 32.59 13.49
CA GLN V 99 21.26 31.93 13.93
C GLN V 99 21.22 31.91 15.45
N ALA V 100 20.00 31.97 16.00
CA ALA V 100 19.77 31.95 17.44
C ALA V 100 18.69 30.91 17.72
N ASP V 101 19.09 29.74 18.19
CA ASP V 101 18.14 28.66 18.43
C ASP V 101 17.29 28.95 19.67
N PHE V 102 16.03 28.56 19.60
CA PHE V 102 15.10 28.65 20.72
C PHE V 102 14.64 27.23 21.09
N ASP V 103 13.67 27.15 21.99
CA ASP V 103 13.13 25.86 22.40
C ASP V 103 12.76 25.00 21.19
N LYS V 104 12.18 25.61 20.17
CA LYS V 104 11.81 24.90 18.95
C LYS V 104 12.28 25.65 17.72
N VAL V 105 11.68 26.81 17.46
CA VAL V 105 12.05 27.63 16.31
C VAL V 105 13.49 28.10 16.48
N SER V 106 14.06 28.68 15.43
CA SER V 106 15.42 29.18 15.48
C SER V 106 15.62 30.28 14.46
N ILE V 107 15.27 31.53 14.83
CA ILE V 107 15.37 32.64 13.91
C ILE V 107 16.80 32.75 13.40
N ALA V 108 16.95 32.96 12.10
CA ALA V 108 18.24 33.18 11.46
C ALA V 108 18.27 34.60 10.90
N THR V 109 19.40 34.93 10.27
CA THR V 109 19.57 36.26 9.66
C THR V 109 20.55 36.11 8.49
N LEU V 110 20.00 36.01 7.28
CA LEU V 110 20.79 35.82 6.07
C LEU V 110 20.87 37.12 5.27
N LEU V 111 22.02 37.34 4.63
CA LEU V 111 22.27 38.56 3.85
C LEU V 111 23.03 38.15 2.58
N LEU V 112 22.29 38.02 1.48
CA LEU V 112 22.92 37.73 0.19
C LEU V 112 23.64 38.97 -0.33
N PRO V 113 24.66 38.79 -1.16
CA PRO V 113 25.32 39.96 -1.76
C PRO V 113 24.40 40.66 -2.74
N SER V 114 24.59 41.98 -2.86
CA SER V 114 23.74 42.79 -3.70
C SER V 114 23.77 42.30 -5.15
N GLY V 115 24.95 42.38 -5.79
CA GLY V 115 25.12 41.99 -7.16
C GLY V 115 25.13 43.16 -8.14
N GLN V 116 24.48 44.28 -7.78
CA GLN V 116 24.45 45.44 -8.64
C GLN V 116 25.78 46.17 -8.71
N SER V 117 26.73 45.85 -7.82
CA SER V 117 28.00 46.56 -7.81
C SER V 117 28.84 46.21 -9.04
N GLY V 118 28.72 44.99 -9.55
CA GLY V 118 29.52 44.59 -10.69
C GLY V 118 29.27 43.13 -11.02
N ASP V 119 29.86 42.70 -12.14
CA ASP V 119 29.70 41.32 -12.57
C ASP V 119 30.26 40.35 -11.53
N GLU V 120 31.34 40.74 -10.85
CA GLU V 120 31.92 39.88 -9.83
C GLU V 120 30.94 39.67 -8.68
N SER V 121 30.25 40.73 -8.26
CA SER V 121 29.24 40.58 -7.21
C SER V 121 28.11 39.68 -7.67
N LEU V 122 27.73 39.76 -8.95
CA LEU V 122 26.69 38.89 -9.47
C LEU V 122 27.12 37.43 -9.46
N ASN V 123 28.38 37.17 -9.83
CA ASN V 123 28.89 35.81 -9.79
C ASN V 123 28.95 35.28 -8.37
N GLN V 124 29.37 36.12 -7.42
CA GLN V 124 29.38 35.72 -6.02
C GLN V 124 27.96 35.41 -5.54
N LYS V 125 26.99 36.21 -5.95
CA LYS V 125 25.60 35.95 -5.58
C LYS V 125 25.12 34.63 -6.15
N PHE V 126 25.44 34.35 -7.42
CA PHE V 126 25.02 33.10 -8.03
C PHE V 126 25.65 31.91 -7.31
N LYS V 127 26.94 32.00 -7.00
CA LYS V 127 27.60 30.92 -6.27
C LYS V 127 26.97 30.71 -4.89
N PHE V 128 26.71 31.81 -4.17
CA PHE V 128 26.14 31.67 -2.84
C PHE V 128 24.76 31.05 -2.91
N MET V 129 23.98 31.40 -3.94
CA MET V 129 22.65 30.79 -4.08
C MET V 129 22.75 29.32 -4.45
N ASP V 130 23.69 28.96 -5.32
CA ASP V 130 23.88 27.56 -5.67
C ASP V 130 24.31 26.74 -4.47
N ASP V 131 24.98 27.37 -3.51
CA ASP V 131 25.35 26.66 -2.28
C ASP V 131 24.19 26.65 -1.28
N PHE V 132 23.42 27.74 -1.22
CA PHE V 132 22.34 27.83 -0.24
C PHE V 132 21.16 26.94 -0.61
N THR V 133 20.93 26.70 -1.90
CA THR V 133 19.90 25.74 -2.28
C THR V 133 20.23 24.36 -1.75
N HIS V 134 21.50 23.95 -1.84
CA HIS V 134 21.91 22.67 -1.27
C HIS V 134 21.81 22.69 0.24
N TYR V 135 22.22 23.80 0.86
CA TYR V 135 22.08 23.91 2.32
C TYR V 135 20.63 23.72 2.74
N LEU V 136 19.69 24.30 2.01
CA LEU V 136 18.28 24.17 2.36
C LEU V 136 17.78 22.76 2.09
N SER V 137 18.21 22.15 1.00
CA SER V 137 17.83 20.75 0.74
C SER V 137 18.33 19.84 1.85
N LYS V 138 19.46 20.17 2.46
CA LYS V 138 19.98 19.38 3.57
C LYS V 138 19.28 19.73 4.88
N GLN V 139 18.86 20.98 5.02
CA GLN V 139 18.28 21.45 6.28
C GLN V 139 16.81 21.07 6.42
N ARG V 140 16.10 20.89 5.31
CA ARG V 140 14.66 20.63 5.37
C ARG V 140 14.33 19.26 5.95
N ARG V 141 15.33 18.43 6.28
CA ARG V 141 15.06 17.12 6.84
C ARG V 141 15.04 17.10 8.37
N LYS V 142 15.66 18.08 9.01
CA LYS V 142 15.68 18.12 10.46
C LYS V 142 14.29 18.46 11.01
N ARG V 143 14.12 18.23 12.32
CA ARG V 143 12.80 18.37 12.93
C ARG V 143 12.46 19.83 13.20
N ARG V 144 13.35 20.54 13.91
CA ARG V 144 13.02 21.89 14.36
C ARG V 144 12.73 22.80 13.17
N GLU V 145 12.05 23.92 13.47
CA GLU V 145 11.61 24.88 12.47
C GLU V 145 12.53 26.11 12.49
N TYR V 146 12.54 26.82 11.36
CA TYR V 146 13.42 27.97 11.17
C TYR V 146 12.61 29.16 10.66
N ILE V 147 13.19 30.34 10.82
CA ILE V 147 12.59 31.59 10.35
C ILE V 147 13.70 32.47 9.80
N TYR V 148 14.09 32.25 8.55
CA TYR V 148 15.19 32.99 7.96
C TYR V 148 14.76 34.43 7.69
N CYS V 149 15.50 35.38 8.25
CA CYS V 149 15.34 36.79 7.93
C CYS V 149 16.22 37.17 6.74
N GLY V 150 16.09 36.42 5.66
CA GLY V 150 17.01 36.57 4.53
C GLY V 150 16.69 37.78 3.67
N SER V 151 17.75 38.44 3.21
CA SER V 151 17.66 39.54 2.26
C SER V 151 18.13 38.99 0.91
N LEU V 152 17.25 38.22 0.28
CA LEU V 152 17.65 37.49 -0.93
C LEU V 152 18.00 38.40 -2.10
N TYR V 153 17.63 39.69 -2.04
CA TYR V 153 17.92 40.65 -3.09
C TYR V 153 17.37 40.20 -4.45
N VAL V 154 16.36 39.33 -4.44
CA VAL V 154 15.78 38.77 -5.66
C VAL V 154 14.27 38.77 -5.51
N ALA V 155 13.58 39.32 -6.50
CA ALA V 155 12.12 39.27 -6.51
C ALA V 155 11.63 37.88 -6.84
N HIS V 156 10.49 37.51 -6.25
CA HIS V 156 9.95 36.17 -6.42
C HIS V 156 9.08 36.07 -7.68
N GLN V 157 8.04 36.89 -7.77
CA GLN V 157 7.10 36.85 -8.88
C GLN V 157 6.93 38.25 -9.44
N LYS V 158 6.31 38.31 -10.63
CA LYS V 158 6.09 39.60 -11.27
C LYS V 158 5.23 40.51 -10.40
N MET V 159 4.24 39.94 -9.72
CA MET V 159 3.35 40.74 -8.87
C MET V 159 4.13 41.46 -7.77
N ASP V 160 5.32 40.98 -7.41
CA ASP V 160 6.13 41.60 -6.39
C ASP V 160 6.85 42.86 -6.87
N VAL V 161 6.61 43.30 -8.11
CA VAL V 161 7.26 44.48 -8.65
C VAL V 161 6.37 45.05 -9.76
N LYS V 162 6.35 46.37 -9.86
CA LYS V 162 5.62 47.05 -10.92
C LYS V 162 6.55 47.30 -12.11
N ASN V 163 6.01 47.12 -13.31
CA ASN V 163 6.78 47.25 -14.55
C ASN V 163 7.93 46.25 -14.57
N TRP V 164 7.56 44.96 -14.48
CA TRP V 164 8.55 43.89 -14.49
C TRP V 164 9.27 43.77 -15.82
N ARG V 165 8.70 44.33 -16.90
CA ARG V 165 9.31 44.17 -18.22
C ARG V 165 10.65 44.89 -18.31
N GLU V 166 10.71 46.14 -17.82
CA GLU V 166 11.96 46.89 -17.91
C GLU V 166 13.03 46.32 -16.98
N CYS V 167 12.61 45.68 -15.89
CA CYS V 167 13.55 45.10 -14.94
C CYS V 167 14.17 43.80 -15.42
N GLN V 168 13.80 43.33 -16.62
CA GLN V 168 14.35 42.07 -17.12
C GLN V 168 15.86 42.10 -17.26
N GLN V 169 16.45 43.29 -17.39
CA GLN V 169 17.90 43.42 -17.56
C GLN V 169 18.62 43.79 -16.26
N MET V 170 17.93 44.41 -15.31
CA MET V 170 18.58 44.82 -14.08
C MET V 170 18.79 43.61 -13.17
N PRO V 171 19.88 43.60 -12.38
CA PRO V 171 20.09 42.48 -11.46
C PRO V 171 18.93 42.31 -10.50
N GLY V 172 18.90 41.15 -9.85
CA GLY V 172 17.84 40.82 -8.92
C GLY V 172 16.55 40.34 -9.56
N PHE V 173 16.49 40.28 -10.89
CA PHE V 173 15.30 39.80 -11.58
C PHE V 173 15.63 38.90 -12.76
N LEU V 174 16.88 38.46 -12.88
CA LEU V 174 17.27 37.63 -14.02
C LEU V 174 16.57 36.28 -13.97
N ALA V 175 16.65 35.56 -15.08
CA ALA V 175 16.00 34.25 -15.17
C ALA V 175 16.50 33.28 -14.11
N PRO V 176 17.81 33.02 -13.99
CA PRO V 176 18.26 32.07 -12.96
C PRO V 176 17.92 32.52 -11.55
N GLU V 177 17.91 33.81 -11.28
CA GLU V 177 17.55 34.29 -9.94
C GLU V 177 16.10 33.93 -9.62
N ARG V 178 15.18 34.26 -10.53
CA ARG V 178 13.78 33.88 -10.34
C ARG V 178 13.64 32.37 -10.20
N ALA V 179 14.37 31.62 -11.03
CA ALA V 179 14.29 30.16 -10.97
C ALA V 179 14.68 29.65 -9.59
N TRP V 180 15.82 30.12 -9.08
CA TRP V 180 16.28 29.67 -7.77
C TRP V 180 15.30 30.06 -6.69
N LEU V 181 14.82 31.31 -6.71
CA LEU V 181 13.92 31.76 -5.65
C LEU V 181 12.60 31.00 -5.69
N ASP V 182 12.13 30.63 -6.88
CA ASP V 182 10.89 29.86 -6.97
C ASP V 182 11.11 28.40 -6.58
N GLU V 183 12.30 27.86 -6.85
CA GLU V 183 12.58 26.49 -6.45
C GLU V 183 12.73 26.37 -4.94
N VAL V 184 13.27 27.41 -4.30
CA VAL V 184 13.38 27.40 -2.84
C VAL V 184 12.00 27.38 -2.21
N PHE V 185 11.00 27.98 -2.86
CA PHE V 185 9.63 27.98 -2.38
C PHE V 185 8.78 26.92 -3.06
N GLY V 186 9.38 26.07 -3.90
CA GLY V 186 8.65 25.05 -4.61
C GLY V 186 8.87 23.66 -4.04
N ASN V 187 9.73 22.89 -4.69
CA ASN V 187 9.95 21.51 -4.28
C ASN V 187 10.49 21.42 -2.85
N LEU V 188 11.41 22.32 -2.48
CA LEU V 188 11.96 22.28 -1.13
C LEU V 188 10.87 22.43 -0.08
N GLY V 189 9.85 23.24 -0.35
CA GLY V 189 8.71 23.39 0.54
C GLY V 189 8.75 24.63 1.40
N TYR V 190 9.89 25.31 1.49
CA TYR V 190 9.99 26.51 2.32
C TYR V 190 8.98 27.55 1.87
N ALA V 191 7.87 27.68 2.60
CA ALA V 191 6.85 28.65 2.25
C ALA V 191 7.34 30.07 2.53
N ASP V 192 6.51 31.04 2.20
CA ASP V 192 6.80 32.45 2.41
C ASP V 192 5.91 32.98 3.54
N ALA V 193 6.18 34.23 3.95
CA ALA V 193 5.44 34.86 5.03
C ALA V 193 4.64 36.06 4.55
N LEU V 194 5.27 37.01 3.86
CA LEU V 194 4.56 38.22 3.44
C LEU V 194 3.47 37.90 2.44
N ARG V 195 3.79 37.13 1.40
CA ARG V 195 2.84 36.76 0.37
C ARG V 195 2.02 35.53 0.74
N GLU V 196 2.00 35.17 2.03
CA GLU V 196 1.21 34.03 2.49
C GLU V 196 -0.05 34.44 3.24
N VAL V 197 -0.05 35.61 3.89
CA VAL V 197 -1.21 36.09 4.62
C VAL V 197 -1.97 37.17 3.85
N SER V 198 -1.29 37.91 2.96
CA SER V 198 -1.92 38.96 2.17
C SER V 198 -1.33 38.90 0.77
N ARG V 199 -2.05 38.25 -0.15
CA ARG V 199 -1.59 38.08 -1.53
C ARG V 199 -2.07 39.22 -2.42
N GLU V 200 -1.77 40.46 -2.01
CA GLU V 200 -2.14 41.65 -2.76
C GLU V 200 -0.87 42.33 -3.27
N GLY V 201 -0.94 42.84 -4.50
CA GLY V 201 0.20 43.51 -5.10
C GLY V 201 0.40 44.90 -4.53
N ASP V 202 1.28 45.65 -5.20
CA ASP V 202 1.64 47.02 -4.84
C ASP V 202 2.42 47.10 -3.53
N GLN V 203 2.87 45.96 -3.00
CA GLN V 203 3.63 45.93 -1.75
C GLN V 203 5.09 45.61 -2.08
N PHE V 204 5.98 46.52 -1.71
CA PHE V 204 7.40 46.34 -1.96
C PHE V 204 8.19 46.76 -0.73
N SER V 205 9.46 46.37 -0.68
CA SER V 205 10.34 46.68 0.44
C SER V 205 11.52 47.54 0.03
N TRP V 206 12.21 47.18 -1.05
CA TRP V 206 13.36 47.93 -1.50
C TRP V 206 12.95 49.01 -2.50
N TRP V 207 13.68 50.12 -2.48
CA TRP V 207 13.43 51.25 -3.37
C TRP V 207 14.77 51.81 -3.83
N PRO V 208 14.88 52.21 -5.09
CA PRO V 208 16.14 52.81 -5.56
C PRO V 208 16.49 54.06 -4.76
N ASP V 209 17.75 54.48 -4.89
CA ASP V 209 18.20 55.68 -4.19
C ASP V 209 17.49 56.93 -4.71
N SER V 210 17.12 56.94 -5.99
CA SER V 210 16.44 58.08 -6.56
C SER V 210 15.09 58.30 -5.88
N GLU V 211 14.91 59.48 -5.28
CA GLU V 211 13.66 59.78 -4.61
C GLU V 211 12.46 59.68 -5.56
N GLN V 212 12.69 59.96 -6.85
CA GLN V 212 11.59 59.85 -7.82
C GLN V 212 11.04 58.43 -7.86
N ALA V 213 11.92 57.43 -7.76
CA ALA V 213 11.45 56.04 -7.72
C ALA V 213 10.56 55.80 -6.51
N GLU V 214 10.89 56.41 -5.37
CA GLU V 214 10.05 56.27 -4.18
C GLU V 214 8.71 56.95 -4.39
N MET V 215 8.70 58.16 -4.98
CA MET V 215 7.44 58.83 -5.26
C MET V 215 6.57 57.98 -6.18
N LEU V 216 7.17 57.39 -7.21
CA LEU V 216 6.44 56.49 -8.10
C LEU V 216 6.32 55.08 -7.53
N ASN V 217 7.06 54.76 -6.48
CA ASN V 217 6.96 53.46 -5.79
C ASN V 217 7.36 52.31 -6.72
N LEU V 218 8.46 52.50 -7.46
CA LEU V 218 9.03 51.44 -8.29
C LEU V 218 10.07 50.70 -7.47
N GLY V 219 9.58 49.82 -6.60
CA GLY V 219 10.42 49.08 -5.67
C GLY V 219 10.37 47.58 -5.90
N TRP V 220 11.30 46.89 -5.27
CA TRP V 220 11.41 45.44 -5.33
C TRP V 220 11.33 44.86 -3.92
N ARG V 221 10.83 43.63 -3.83
CA ARG V 221 10.72 42.93 -2.56
C ARG V 221 11.95 42.07 -2.37
N PHE V 222 12.92 42.57 -1.61
CA PHE V 222 14.17 41.86 -1.36
C PHE V 222 14.23 41.23 0.02
N ASP V 223 13.56 41.80 1.01
CA ASP V 223 13.56 41.26 2.36
C ASP V 223 12.49 40.17 2.46
N TYR V 224 12.94 38.95 2.76
CA TYR V 224 12.06 37.79 2.85
C TYR V 224 12.09 37.22 4.26
N GLN V 225 10.95 36.69 4.69
CA GLN V 225 10.86 36.01 5.97
C GLN V 225 10.60 34.53 5.74
N VAL V 226 11.50 33.88 5.00
CA VAL V 226 11.32 32.47 4.68
C VAL V 226 11.16 31.68 5.96
N LEU V 227 10.24 30.71 5.93
CA LEU V 227 9.94 29.90 7.11
C LEU V 227 9.46 28.53 6.66
N THR V 228 9.97 27.48 7.31
CA THR V 228 9.59 26.11 7.01
C THR V 228 8.07 25.99 7.06
N PRO V 229 7.46 25.10 6.28
CA PRO V 229 5.98 24.99 6.29
C PRO V 229 5.42 24.74 7.67
N GLY V 230 6.19 24.13 8.58
CA GLY V 230 5.68 23.87 9.92
C GLY V 230 5.17 25.11 10.61
N LEU V 231 5.70 26.29 10.24
CA LEU V 231 5.28 27.55 10.84
C LEU V 231 4.30 28.34 9.98
N ARG V 232 4.04 27.89 8.74
CA ARG V 232 3.16 28.65 7.87
C ARG V 232 1.78 28.85 8.49
N ARG V 233 1.36 27.92 9.35
CA ARG V 233 0.04 28.04 9.98
C ARG V 233 0.05 29.11 11.07
N PHE V 234 1.19 29.32 11.73
CA PHE V 234 1.26 30.26 12.84
C PHE V 234 1.40 31.71 12.38
N VAL V 235 1.63 31.95 11.09
CA VAL V 235 1.74 33.32 10.60
C VAL V 235 0.42 34.04 10.82
N ARG V 236 0.48 35.18 11.50
CA ARG V 236 -0.71 35.96 11.83
C ARG V 236 -0.85 37.21 10.96
N ASN V 237 0.20 38.03 10.86
CA ASN V 237 0.09 39.23 10.04
C ASN V 237 1.48 39.72 9.66
N ALA V 238 1.51 40.60 8.66
CA ALA V 238 2.75 41.19 8.17
C ALA V 238 2.48 42.64 7.78
N LYS V 239 3.56 43.43 7.74
CA LYS V 239 3.46 44.85 7.43
C LYS V 239 4.78 45.33 6.83
N LEU V 240 4.67 46.35 5.97
CA LEU V 240 5.82 46.98 5.33
C LEU V 240 5.75 48.49 5.60
N PRO V 241 5.95 48.90 6.84
CA PRO V 241 5.89 50.34 7.15
C PRO V 241 7.00 51.13 6.48
N ARG V 242 6.71 51.70 5.31
CA ARG V 242 7.69 52.49 4.58
C ARG V 242 7.74 53.94 5.02
N GLN V 243 6.83 54.37 5.90
CA GLN V 243 6.83 55.76 6.35
C GLN V 243 8.16 56.18 6.97
N PRO V 244 8.69 55.48 7.98
CA PRO V 244 9.95 55.96 8.59
C PRO V 244 11.10 55.98 7.60
N ARG V 245 11.36 54.88 6.91
CA ARG V 245 12.43 54.82 5.92
C ARG V 245 13.78 55.13 6.56
N PHE V 246 14.45 54.11 7.09
CA PHE V 246 15.73 54.28 7.75
C PHE V 246 16.91 53.92 6.85
N SER V 247 16.66 53.42 5.65
CA SER V 247 17.73 53.04 4.71
C SER V 247 17.08 52.76 3.37
N GLN V 248 17.88 52.22 2.43
CA GLN V 248 17.35 51.90 1.11
C GLN V 248 16.34 50.77 1.13
N HIS V 249 16.25 50.02 2.21
CA HIS V 249 15.29 48.93 2.36
C HIS V 249 14.24 49.32 3.39
N ALA V 250 12.99 48.91 3.13
CA ALA V 250 11.92 49.24 4.07
C ALA V 250 11.83 48.18 5.16
N PRO V 251 11.50 48.55 6.40
CA PRO V 251 11.37 47.53 7.45
C PRO V 251 10.21 46.58 7.16
N LEU V 252 10.46 45.29 7.39
CA LEU V 252 9.46 44.25 7.22
C LEU V 252 9.12 43.71 8.60
N ILE V 253 7.90 43.99 9.07
CA ILE V 253 7.44 43.54 10.38
C ILE V 253 6.50 42.36 10.16
N VAL V 254 6.53 41.41 11.11
CA VAL V 254 5.65 40.25 11.05
C VAL V 254 5.28 39.86 12.47
N ASP V 255 4.16 39.17 12.60
CA ASP V 255 3.73 38.63 13.88
C ASP V 255 3.12 37.26 13.65
N TYR V 256 3.60 36.28 14.40
CA TYR V 256 3.12 34.91 14.36
C TYR V 256 2.42 34.56 15.67
N ASP V 257 1.90 33.34 15.74
CA ASP V 257 1.22 32.85 16.93
C ASP V 257 2.13 32.01 17.82
N TRP V 258 3.20 31.45 17.28
CA TRP V 258 4.11 30.63 18.07
C TRP V 258 4.76 31.46 19.16
N GLN V 259 4.67 30.97 20.39
CA GLN V 259 5.20 31.67 21.56
C GLN V 259 6.58 31.11 21.90
N LEU V 260 7.61 31.90 21.62
CA LEU V 260 8.97 31.50 21.99
C LEU V 260 9.08 31.38 23.51
N SER V 261 9.98 30.51 23.95
CA SER V 261 10.19 30.28 25.37
C SER V 261 11.62 29.81 25.60
N ILE V 262 12.57 30.67 25.27
CA ILE V 262 13.99 30.37 25.46
C ILE V 262 14.35 29.09 24.73
N GLY W 1 -13.55 -43.48 8.62
CA GLY W 1 -13.38 -42.01 8.41
C GLY W 1 -13.94 -41.55 7.08
N PRO W 2 -13.88 -40.24 6.84
CA PRO W 2 -14.40 -39.69 5.57
C PRO W 2 -13.48 -40.05 4.40
N ALA W 3 -14.00 -40.85 3.48
CA ALA W 3 -13.22 -41.29 2.33
C ALA W 3 -14.16 -41.56 1.16
N MET W 4 -13.71 -41.19 -0.03
CA MET W 4 -14.44 -41.44 -1.27
C MET W 4 -13.51 -42.13 -2.25
N ARG W 5 -14.08 -42.91 -3.17
CA ARG W 5 -13.31 -43.64 -4.16
C ARG W 5 -13.88 -43.40 -5.55
N ILE W 6 -12.99 -43.30 -6.53
CA ILE W 6 -13.36 -43.13 -7.93
C ILE W 6 -12.51 -44.07 -8.77
N ILE W 7 -13.14 -44.68 -9.77
CA ILE W 7 -12.47 -45.62 -10.66
C ILE W 7 -12.61 -45.15 -12.10
N SER W 8 -11.61 -45.46 -12.91
CA SER W 8 -11.61 -45.12 -14.33
C SER W 8 -11.15 -46.34 -15.10
N VAL W 9 -12.06 -46.97 -15.83
CA VAL W 9 -11.78 -48.18 -16.60
C VAL W 9 -12.27 -47.95 -18.02
N ASN W 10 -11.37 -47.49 -18.89
CA ASN W 10 -11.69 -47.35 -20.31
C ASN W 10 -11.85 -48.73 -20.93
N VAL W 11 -13.08 -49.27 -20.86
CA VAL W 11 -13.32 -50.63 -21.32
C VAL W 11 -13.01 -50.80 -22.80
N ASN W 12 -13.01 -49.70 -23.57
CA ASN W 12 -12.81 -49.78 -25.01
C ASN W 12 -13.80 -50.75 -25.63
N GLY W 13 -15.07 -50.59 -25.26
CA GLY W 13 -16.11 -51.52 -25.64
C GLY W 13 -16.54 -52.37 -24.46
N ILE W 14 -17.69 -52.04 -23.88
CA ILE W 14 -18.15 -52.76 -22.70
C ILE W 14 -18.30 -54.25 -22.97
N GLN W 15 -18.53 -54.62 -24.24
CA GLN W 15 -18.66 -56.02 -24.58
CA GLN W 15 -18.66 -56.02 -24.58
C GLN W 15 -17.37 -56.78 -24.30
N ALA W 16 -16.24 -56.25 -24.75
CA ALA W 16 -14.96 -56.92 -24.52
C ALA W 16 -14.66 -57.01 -23.03
N ALA W 17 -14.91 -55.94 -22.28
CA ALA W 17 -14.66 -55.96 -20.84
C ALA W 17 -15.52 -57.03 -20.16
N ALA W 18 -16.82 -57.05 -20.47
CA ALA W 18 -17.69 -58.06 -19.88
C ALA W 18 -17.25 -59.47 -20.26
N GLU W 19 -16.73 -59.63 -21.48
CA GLU W 19 -16.23 -60.94 -21.88
C GLU W 19 -15.08 -61.39 -20.99
N ARG W 20 -14.25 -60.44 -20.54
CA ARG W 20 -13.14 -60.73 -19.65
C ARG W 20 -13.54 -60.74 -18.19
N GLY W 21 -14.83 -60.64 -17.89
CA GLY W 21 -15.29 -60.67 -16.50
C GLY W 21 -15.03 -59.38 -15.74
N LEU W 22 -14.96 -58.25 -16.44
CA LEU W 22 -14.69 -56.98 -15.77
C LEU W 22 -15.84 -56.56 -14.87
N LEU W 23 -17.07 -57.01 -15.17
CA LEU W 23 -18.20 -56.66 -14.33
C LEU W 23 -18.00 -57.15 -12.90
N SER W 24 -17.54 -58.40 -12.74
CA SER W 24 -17.30 -58.93 -11.40
C SER W 24 -16.14 -58.19 -10.72
N TRP W 25 -15.09 -57.87 -11.48
CA TRP W 25 -13.97 -57.13 -10.89
C TRP W 25 -14.42 -55.78 -10.37
N LEU W 26 -15.28 -55.09 -11.12
CA LEU W 26 -15.79 -53.81 -10.65
C LEU W 26 -16.73 -53.98 -9.46
N GLN W 27 -17.58 -55.00 -9.50
CA GLN W 27 -18.48 -55.26 -8.38
C GLN W 27 -17.70 -55.49 -7.09
N ALA W 28 -16.60 -56.25 -7.18
CA ALA W 28 -15.79 -56.50 -5.98
C ALA W 28 -15.09 -55.22 -5.53
N GLN W 29 -14.65 -54.40 -6.48
CA GLN W 29 -13.97 -53.15 -6.14
C GLN W 29 -14.98 -52.15 -5.58
N ASN W 30 -14.96 -51.95 -4.28
CA ASN W 30 -15.87 -51.01 -3.63
C ASN W 30 -15.53 -49.59 -4.08
N ALA W 31 -16.51 -48.91 -4.68
CA ALA W 31 -16.30 -47.55 -5.15
C ALA W 31 -17.62 -46.80 -5.06
N ASP W 32 -17.52 -45.46 -5.00
CA ASP W 32 -18.70 -44.61 -4.94
C ASP W 32 -19.22 -44.22 -6.32
N VAL W 33 -18.32 -44.00 -7.27
CA VAL W 33 -18.69 -43.65 -8.63
C VAL W 33 -17.66 -44.27 -9.57
N ILE W 34 -18.14 -44.98 -10.59
CA ILE W 34 -17.29 -45.65 -11.57
C ILE W 34 -17.53 -44.98 -12.92
N CYS W 35 -16.44 -44.52 -13.55
CA CYS W 35 -16.50 -43.80 -14.82
C CYS W 35 -15.76 -44.63 -15.87
N LEU W 36 -16.48 -45.52 -16.53
CA LEU W 36 -15.91 -46.31 -17.62
C LEU W 36 -16.08 -45.55 -18.93
N GLN W 37 -15.03 -45.57 -19.75
CA GLN W 37 -14.98 -44.80 -20.99
C GLN W 37 -15.02 -45.71 -22.20
N ASP W 38 -15.53 -45.17 -23.31
CA ASP W 38 -15.60 -45.89 -24.57
C ASP W 38 -16.51 -47.11 -24.45
N THR W 39 -17.82 -46.89 -24.52
CA THR W 39 -18.76 -47.98 -24.43
C THR W 39 -18.91 -48.73 -25.75
N ARG W 40 -18.80 -48.01 -26.87
CA ARG W 40 -18.93 -48.62 -28.20
C ARG W 40 -20.28 -49.32 -28.36
N ALA W 41 -21.32 -48.74 -27.75
CA ALA W 41 -22.65 -49.31 -27.82
C ALA W 41 -23.67 -48.24 -27.47
N SER W 42 -24.90 -48.45 -27.93
CA SER W 42 -25.98 -47.50 -27.68
C SER W 42 -26.50 -47.67 -26.25
N ALA W 43 -27.30 -46.68 -25.82
CA ALA W 43 -27.89 -46.74 -24.49
C ALA W 43 -28.79 -47.96 -24.32
N PHE W 44 -29.49 -48.37 -25.38
CA PHE W 44 -30.33 -49.55 -25.30
C PHE W 44 -29.52 -50.79 -24.97
N ASP W 45 -28.27 -50.86 -25.46
CA ASP W 45 -27.41 -52.00 -25.14
C ASP W 45 -27.02 -51.99 -23.67
N LEU W 46 -26.66 -50.82 -23.14
CA LEU W 46 -26.30 -50.72 -21.73
C LEU W 46 -27.48 -50.98 -20.81
N ASP W 47 -28.71 -50.80 -21.30
CA ASP W 47 -29.88 -51.06 -20.47
C ASP W 47 -29.97 -52.52 -20.05
N ASP W 48 -29.25 -53.41 -20.71
CA ASP W 48 -29.23 -54.82 -20.34
C ASP W 48 -28.82 -54.95 -18.87
N PRO W 49 -29.65 -55.59 -18.03
CA PRO W 49 -29.28 -55.70 -16.60
C PRO W 49 -27.96 -56.40 -16.36
N SER W 50 -27.38 -57.06 -17.36
CA SER W 50 -26.09 -57.71 -17.17
C SER W 50 -25.02 -56.69 -16.78
N PHE W 51 -24.99 -55.55 -17.48
CA PHE W 51 -24.00 -54.52 -17.17
C PHE W 51 -24.37 -53.72 -15.92
N GLN W 52 -25.62 -53.81 -15.48
CA GLN W 52 -26.07 -53.06 -14.30
C GLN W 52 -25.59 -53.76 -13.05
N LEU W 53 -24.66 -53.13 -12.34
CA LEU W 53 -24.18 -53.66 -11.07
C LEU W 53 -25.19 -53.36 -9.98
N ASP W 54 -25.55 -54.38 -9.19
CA ASP W 54 -26.52 -54.20 -8.12
C ASP W 54 -26.02 -53.14 -7.14
N GLY W 55 -26.92 -52.23 -6.78
CA GLY W 55 -26.56 -51.14 -5.89
C GLY W 55 -25.87 -49.98 -6.56
N TYR W 56 -25.84 -49.94 -7.88
CA TYR W 56 -25.21 -48.85 -8.62
C TYR W 56 -26.10 -48.46 -9.79
N PHE W 57 -26.22 -47.16 -10.02
CA PHE W 57 -27.06 -46.64 -11.10
C PHE W 57 -26.33 -46.77 -12.43
N LEU W 58 -27.10 -46.60 -13.51
CA LEU W 58 -26.60 -46.71 -14.87
C LEU W 58 -26.99 -45.47 -15.64
N TYR W 59 -25.99 -44.74 -16.15
CA TYR W 59 -26.21 -43.63 -17.05
C TYR W 59 -25.25 -43.76 -18.23
N ALA W 60 -25.68 -43.29 -19.39
CA ALA W 60 -24.86 -43.44 -20.58
C ALA W 60 -25.36 -42.51 -21.68
N CYS W 61 -24.41 -41.96 -22.44
CA CYS W 61 -24.70 -41.17 -23.62
C CYS W 61 -23.95 -41.77 -24.79
N ASP W 62 -24.66 -42.15 -25.84
CA ASP W 62 -24.08 -42.82 -27.00
C ASP W 62 -23.88 -41.84 -28.15
N ALA W 63 -22.84 -42.09 -28.92
CA ALA W 63 -22.55 -41.26 -30.09
C ALA W 63 -23.58 -41.54 -31.19
N GLU W 64 -23.47 -40.76 -32.28
CA GLU W 64 -24.34 -40.99 -33.43
C GLU W 64 -24.16 -42.40 -33.98
N LEU W 65 -22.98 -42.99 -33.80
CA LEU W 65 -22.71 -44.35 -34.21
C LEU W 65 -22.15 -45.12 -33.02
N PRO W 66 -22.59 -46.38 -32.80
CA PRO W 66 -22.11 -47.11 -31.62
C PRO W 66 -20.59 -47.18 -31.51
N GLU W 67 -19.95 -47.83 -32.47
CA GLU W 67 -18.50 -48.00 -32.42
C GLU W 67 -17.75 -46.66 -32.43
N GLN W 68 -18.37 -45.60 -32.94
CA GLN W 68 -17.69 -44.32 -33.02
C GLN W 68 -17.26 -43.84 -31.63
N GLY W 69 -18.18 -43.79 -30.70
CA GLY W 69 -17.89 -43.32 -29.36
C GLY W 69 -18.90 -43.82 -28.35
N GLY W 70 -19.21 -42.98 -27.39
CA GLY W 70 -20.15 -43.32 -26.32
C GLY W 70 -19.44 -43.39 -24.99
N VAL W 71 -20.13 -42.93 -23.93
CA VAL W 71 -19.58 -42.91 -22.59
C VAL W 71 -20.66 -43.35 -21.62
N ALA W 72 -20.22 -43.88 -20.47
CA ALA W 72 -21.12 -44.37 -19.43
C ALA W 72 -20.65 -43.85 -18.08
N LEU W 73 -21.48 -44.07 -17.07
CA LEU W 73 -21.22 -43.59 -15.73
C LEU W 73 -22.10 -44.36 -14.75
N TYR W 74 -21.49 -44.81 -13.65
CA TYR W 74 -22.18 -45.50 -12.58
C TYR W 74 -22.04 -44.72 -11.28
N SER W 75 -23.13 -44.66 -10.52
CA SER W 75 -23.15 -43.96 -9.24
C SER W 75 -23.83 -44.85 -8.21
N ARG W 76 -23.25 -44.89 -7.01
CA ARG W 76 -23.80 -45.73 -5.95
C ARG W 76 -25.14 -45.19 -5.47
N LEU W 77 -25.37 -43.88 -5.61
CA LEU W 77 -26.62 -43.26 -5.22
C LEU W 77 -27.09 -42.33 -6.33
N GLN W 78 -28.39 -42.05 -6.33
CA GLN W 78 -29.02 -41.22 -7.34
C GLN W 78 -28.36 -39.84 -7.39
N PRO W 79 -27.64 -39.50 -8.46
CA PRO W 79 -27.05 -38.16 -8.54
C PRO W 79 -28.10 -37.08 -8.63
N LYS W 80 -27.74 -35.88 -8.16
CA LYS W 80 -28.68 -34.77 -8.18
C LYS W 80 -29.04 -34.36 -9.60
N ALA W 81 -28.07 -34.41 -10.51
CA ALA W 81 -28.31 -34.03 -11.90
C ALA W 81 -27.34 -34.77 -12.80
N VAL W 82 -27.78 -35.04 -14.03
CA VAL W 82 -26.95 -35.69 -15.04
C VAL W 82 -27.13 -34.95 -16.35
N ILE W 83 -26.02 -34.53 -16.97
CA ILE W 83 -26.05 -33.76 -18.20
C ILE W 83 -25.04 -34.34 -19.17
N SER W 84 -25.23 -34.03 -20.45
CA SER W 84 -24.34 -34.48 -21.51
C SER W 84 -24.28 -33.43 -22.60
N GLY W 85 -23.15 -33.37 -23.28
CA GLY W 85 -22.94 -32.41 -24.35
C GLY W 85 -22.28 -31.14 -23.86
N LEU W 86 -21.60 -30.47 -24.80
CA LEU W 86 -20.91 -29.23 -24.50
C LEU W 86 -21.08 -28.17 -25.58
N GLY W 87 -21.99 -28.37 -26.53
CA GLY W 87 -22.19 -27.45 -27.62
C GLY W 87 -21.29 -27.66 -28.82
N PHE W 88 -20.14 -28.31 -28.63
CA PHE W 88 -19.22 -28.57 -29.72
C PHE W 88 -19.71 -29.75 -30.56
N GLU W 89 -19.47 -29.67 -31.87
CA GLU W 89 -19.82 -30.78 -32.74
C GLU W 89 -19.00 -32.02 -32.43
N THR W 90 -17.78 -31.85 -31.92
CA THR W 90 -16.92 -32.97 -31.59
C THR W 90 -17.31 -33.65 -30.28
N ALA W 91 -18.21 -33.07 -29.50
CA ALA W 91 -18.65 -33.64 -28.23
C ALA W 91 -20.11 -34.06 -28.25
N ASP W 92 -21.02 -33.15 -28.62
CA ASP W 92 -22.44 -33.47 -28.62
C ASP W 92 -22.74 -34.62 -29.58
N ARG W 93 -22.28 -34.50 -30.82
CA ARG W 93 -22.56 -35.52 -31.83
C ARG W 93 -21.93 -36.86 -31.49
N TYR W 94 -21.01 -36.91 -30.52
CA TYR W 94 -20.35 -38.15 -30.15
C TYR W 94 -20.53 -38.51 -28.68
N GLY W 95 -21.18 -37.67 -27.89
CA GLY W 95 -21.39 -38.00 -26.49
C GLY W 95 -20.12 -38.35 -25.74
N ARG W 96 -19.02 -37.68 -26.09
CA ARG W 96 -17.73 -37.95 -25.48
C ARG W 96 -17.58 -37.29 -24.10
N TYR W 97 -18.64 -36.67 -23.58
CA TYR W 97 -18.58 -36.00 -22.29
C TYR W 97 -19.90 -36.21 -21.57
N LEU W 98 -19.83 -36.66 -20.32
CA LEU W 98 -21.03 -36.89 -19.52
C LEU W 98 -20.75 -36.47 -18.08
N GLN W 99 -21.47 -35.47 -17.60
CA GLN W 99 -21.26 -34.90 -16.28
C GLN W 99 -22.39 -35.29 -15.35
N ALA W 100 -22.07 -35.42 -14.07
CA ALA W 100 -23.05 -35.75 -13.04
C ALA W 100 -22.74 -34.92 -11.81
N ASP W 101 -23.71 -34.13 -11.37
CA ASP W 101 -23.56 -33.24 -10.23
C ASP W 101 -24.31 -33.81 -9.03
N PHE W 102 -23.62 -33.86 -7.89
CA PHE W 102 -24.22 -34.33 -6.65
C PHE W 102 -24.39 -33.12 -5.74
N ASP W 103 -23.40 -32.80 -4.90
CA ASP W 103 -23.48 -31.62 -4.05
C ASP W 103 -22.06 -31.17 -3.72
N LYS W 104 -21.76 -29.91 -4.03
CA LYS W 104 -20.42 -29.36 -3.81
C LYS W 104 -19.37 -30.02 -4.70
N VAL W 105 -19.79 -30.93 -5.57
CA VAL W 105 -18.88 -31.67 -6.44
C VAL W 105 -19.63 -32.05 -7.70
N SER W 106 -18.88 -32.19 -8.80
CA SER W 106 -19.45 -32.59 -10.09
C SER W 106 -18.42 -33.46 -10.80
N ILE W 107 -18.73 -34.74 -10.96
CA ILE W 107 -17.81 -35.70 -11.56
C ILE W 107 -18.20 -35.89 -13.03
N ALA W 108 -17.23 -35.77 -13.92
CA ALA W 108 -17.46 -35.88 -15.35
C ALA W 108 -16.59 -36.98 -15.94
N THR W 109 -17.11 -37.61 -16.98
CA THR W 109 -16.40 -38.63 -17.76
C THR W 109 -16.16 -38.07 -19.15
N LEU W 110 -14.90 -38.06 -19.57
CA LEU W 110 -14.48 -37.47 -20.84
C LEU W 110 -13.69 -38.49 -21.63
N LEU W 111 -13.88 -38.48 -22.95
CA LEU W 111 -13.20 -39.39 -23.86
C LEU W 111 -12.70 -38.59 -25.05
N LEU W 112 -11.40 -38.30 -25.07
CA LEU W 112 -10.81 -37.63 -26.22
C LEU W 112 -10.44 -38.64 -27.29
N PRO W 113 -10.50 -38.27 -28.56
CA PRO W 113 -10.14 -39.21 -29.62
C PRO W 113 -8.67 -39.57 -29.59
N SER W 114 -8.38 -40.85 -29.84
CA SER W 114 -7.00 -41.32 -29.80
C SER W 114 -6.14 -40.58 -30.82
N GLY W 115 -6.71 -40.27 -31.98
CA GLY W 115 -5.97 -39.58 -33.03
C GLY W 115 -4.88 -40.42 -33.68
N GLN W 116 -4.81 -41.72 -33.37
CA GLN W 116 -3.80 -42.60 -33.93
C GLN W 116 -4.28 -43.35 -35.17
N SER W 117 -5.59 -43.33 -35.46
CA SER W 117 -6.11 -44.04 -36.61
C SER W 117 -5.65 -43.40 -37.91
N GLY W 118 -5.99 -42.12 -38.11
CA GLY W 118 -5.64 -41.40 -39.31
C GLY W 118 -5.40 -39.94 -39.03
N ASP W 119 -5.23 -39.18 -40.12
CA ASP W 119 -5.00 -37.75 -39.98
C ASP W 119 -6.27 -37.02 -39.58
N GLU W 120 -7.41 -37.43 -40.11
CA GLU W 120 -8.68 -36.81 -39.71
C GLU W 120 -8.93 -36.98 -38.23
N SER W 121 -8.55 -38.14 -37.67
CA SER W 121 -8.71 -38.35 -36.24
C SER W 121 -7.89 -37.36 -35.44
N LEU W 122 -6.64 -37.11 -35.87
CA LEU W 122 -5.79 -36.15 -35.15
C LEU W 122 -6.32 -34.73 -35.32
N ASN W 123 -6.87 -34.40 -36.49
CA ASN W 123 -7.46 -33.07 -36.68
C ASN W 123 -8.65 -32.88 -35.74
N GLN W 124 -9.53 -33.87 -35.68
CA GLN W 124 -10.65 -33.81 -34.75
C GLN W 124 -10.17 -33.75 -33.31
N LYS W 125 -9.04 -34.41 -33.01
CA LYS W 125 -8.48 -34.35 -31.67
C LYS W 125 -8.03 -32.93 -31.33
N PHE W 126 -7.33 -32.27 -32.27
CA PHE W 126 -6.94 -30.89 -32.05
C PHE W 126 -8.16 -29.99 -31.86
N LYS W 127 -9.20 -30.20 -32.68
CA LYS W 127 -10.41 -29.41 -32.55
C LYS W 127 -11.04 -29.59 -31.18
N PHE W 128 -11.22 -30.84 -30.76
CA PHE W 128 -11.78 -31.12 -29.44
C PHE W 128 -10.92 -30.51 -28.34
N MET W 129 -9.60 -30.59 -28.48
CA MET W 129 -8.71 -30.05 -27.47
C MET W 129 -8.88 -28.55 -27.32
N ASP W 130 -8.88 -27.82 -28.44
CA ASP W 130 -8.97 -26.37 -28.35
C ASP W 130 -10.35 -25.94 -27.83
N ASP W 131 -11.41 -26.59 -28.33
CA ASP W 131 -12.75 -26.26 -27.85
C ASP W 131 -12.89 -26.58 -26.36
N PHE W 132 -12.26 -27.66 -25.91
CA PHE W 132 -12.41 -28.06 -24.51
C PHE W 132 -11.62 -27.15 -23.59
N THR W 133 -10.42 -26.72 -24.00
CA THR W 133 -9.69 -25.77 -23.18
C THR W 133 -10.41 -24.43 -23.14
N HIS W 134 -11.03 -24.02 -24.25
CA HIS W 134 -11.87 -22.83 -24.22
C HIS W 134 -13.00 -22.98 -23.20
N TYR W 135 -13.75 -24.08 -23.30
CA TYR W 135 -14.84 -24.32 -22.37
C TYR W 135 -14.36 -24.32 -20.92
N LEU W 136 -13.24 -24.99 -20.65
CA LEU W 136 -12.73 -25.07 -19.29
C LEU W 136 -12.31 -23.71 -18.78
N SER W 137 -11.68 -22.90 -19.63
CA SER W 137 -11.39 -21.51 -19.25
C SER W 137 -12.68 -20.78 -18.92
N LYS W 138 -13.75 -21.06 -19.65
CA LYS W 138 -15.06 -20.48 -19.32
C LYS W 138 -15.65 -21.07 -18.06
N GLN W 139 -15.13 -22.20 -17.57
CA GLN W 139 -15.64 -22.85 -16.37
C GLN W 139 -14.81 -22.56 -15.12
N ARG W 140 -13.67 -21.87 -15.27
CA ARG W 140 -12.79 -21.66 -14.14
C ARG W 140 -13.48 -20.89 -13.03
N ARG W 141 -14.19 -19.82 -13.39
CA ARG W 141 -14.81 -18.93 -12.40
C ARG W 141 -16.06 -19.51 -11.77
N LYS W 142 -16.48 -20.71 -12.16
CA LYS W 142 -17.69 -21.28 -11.62
C LYS W 142 -17.47 -21.79 -10.19
N ARG W 143 -18.58 -22.08 -9.50
CA ARG W 143 -18.49 -22.57 -8.13
C ARG W 143 -18.31 -24.08 -8.06
N ARG W 144 -18.90 -24.81 -9.00
CA ARG W 144 -18.78 -26.27 -9.00
C ARG W 144 -17.32 -26.68 -9.04
N GLU W 145 -16.95 -27.59 -8.14
CA GLU W 145 -15.61 -28.17 -8.12
C GLU W 145 -15.61 -29.40 -9.02
N TYR W 146 -15.29 -29.19 -10.29
CA TYR W 146 -15.37 -30.26 -11.27
C TYR W 146 -14.21 -31.24 -11.12
N ILE W 147 -14.49 -32.51 -11.41
CA ILE W 147 -13.48 -33.56 -11.48
C ILE W 147 -13.73 -34.31 -12.78
N TYR W 148 -12.97 -33.96 -13.82
CA TYR W 148 -13.10 -34.60 -15.13
C TYR W 148 -12.22 -35.85 -15.16
N CYS W 149 -12.74 -36.92 -14.55
CA CYS W 149 -12.04 -38.19 -14.51
C CYS W 149 -12.17 -38.86 -15.88
N GLY W 150 -11.24 -38.57 -16.79
CA GLY W 150 -11.42 -38.94 -18.18
C GLY W 150 -10.13 -39.36 -18.85
N SER W 151 -10.29 -39.98 -20.01
CA SER W 151 -9.17 -40.45 -20.82
C SER W 151 -8.87 -39.40 -21.88
N LEU W 152 -7.67 -38.82 -21.81
CA LEU W 152 -7.28 -37.75 -22.72
C LEU W 152 -6.46 -38.25 -23.91
N TYR W 153 -5.91 -39.46 -23.83
CA TYR W 153 -5.09 -40.02 -24.91
C TYR W 153 -3.90 -39.11 -25.21
N VAL W 154 -3.34 -38.51 -24.16
CA VAL W 154 -2.20 -37.60 -24.30
C VAL W 154 -1.35 -37.71 -23.04
N ALA W 155 -0.05 -37.91 -23.22
CA ALA W 155 0.90 -37.96 -22.12
C ALA W 155 1.43 -36.56 -21.85
N HIS W 156 1.45 -36.15 -20.58
CA HIS W 156 1.83 -34.80 -20.23
C HIS W 156 3.35 -34.64 -20.16
N GLN W 157 3.99 -35.29 -19.19
CA GLN W 157 5.41 -35.12 -18.94
C GLN W 157 6.15 -36.42 -19.23
N LYS W 158 7.48 -36.32 -19.27
CA LYS W 158 8.30 -37.49 -19.52
C LYS W 158 8.11 -38.54 -18.43
N MET W 159 7.77 -38.12 -17.22
CA MET W 159 7.53 -39.07 -16.14
C MET W 159 6.41 -40.04 -16.47
N ASP W 160 5.54 -39.71 -17.43
CA ASP W 160 4.43 -40.56 -17.81
C ASP W 160 4.76 -41.54 -18.92
N VAL W 161 6.01 -41.55 -19.39
CA VAL W 161 6.40 -42.46 -20.47
C VAL W 161 7.91 -42.48 -20.60
N LYS W 162 8.50 -43.67 -20.71
CA LYS W 162 9.92 -43.81 -20.95
C LYS W 162 10.23 -43.65 -22.42
N ASN W 163 11.53 -43.61 -22.74
CA ASN W 163 12.01 -43.41 -24.11
C ASN W 163 11.18 -42.35 -24.82
N TRP W 164 10.93 -41.23 -24.14
CA TRP W 164 10.11 -40.17 -24.71
C TRP W 164 10.67 -39.66 -26.03
N ARG W 165 12.00 -39.67 -26.18
CA ARG W 165 12.60 -39.19 -27.42
C ARG W 165 12.06 -39.95 -28.62
N GLU W 166 11.87 -41.26 -28.49
CA GLU W 166 11.30 -42.04 -29.58
C GLU W 166 9.81 -41.77 -29.74
N CYS W 167 9.13 -41.43 -28.65
CA CYS W 167 7.70 -41.12 -28.70
C CYS W 167 7.41 -39.69 -29.12
N GLN W 168 8.45 -38.90 -29.41
CA GLN W 168 8.22 -37.51 -29.80
C GLN W 168 7.31 -37.40 -31.02
N GLN W 169 7.53 -38.27 -32.02
CA GLN W 169 6.72 -38.23 -33.23
C GLN W 169 5.42 -39.02 -33.09
N MET W 170 5.34 -39.93 -32.14
CA MET W 170 4.14 -40.73 -31.98
C MET W 170 3.03 -39.88 -31.33
N PRO W 171 1.77 -40.10 -31.71
CA PRO W 171 0.68 -39.36 -31.05
C PRO W 171 0.69 -39.59 -29.55
N GLY W 172 0.00 -38.70 -28.84
CA GLY W 172 -0.07 -38.72 -27.40
C GLY W 172 1.03 -37.95 -26.70
N PHE W 173 2.20 -37.85 -27.33
CA PHE W 173 3.32 -37.08 -26.79
C PHE W 173 3.76 -35.97 -27.72
N LEU W 174 2.97 -35.68 -28.76
CA LEU W 174 3.33 -34.61 -29.70
C LEU W 174 3.43 -33.27 -28.97
N ALA W 175 4.34 -32.43 -29.46
CA ALA W 175 4.55 -31.11 -28.87
C ALA W 175 3.25 -30.33 -28.68
N PRO W 176 2.39 -30.16 -29.69
CA PRO W 176 1.17 -29.39 -29.47
C PRO W 176 0.24 -30.01 -28.42
N GLU W 177 0.15 -31.34 -28.39
CA GLU W 177 -0.70 -31.99 -27.39
C GLU W 177 -0.18 -31.73 -25.99
N ARG W 178 1.13 -31.90 -25.79
CA ARG W 178 1.72 -31.65 -24.47
C ARG W 178 1.55 -30.19 -24.07
N ALA W 179 1.72 -29.28 -25.03
CA ALA W 179 1.54 -27.86 -24.71
C ALA W 179 0.10 -27.56 -24.32
N TRP W 180 -0.87 -28.12 -25.06
CA TRP W 180 -2.27 -27.93 -24.72
C TRP W 180 -2.58 -28.46 -23.33
N LEU W 181 -2.05 -29.63 -23.00
CA LEU W 181 -2.32 -30.20 -21.68
C LEU W 181 -1.67 -29.37 -20.58
N ASP W 182 -0.44 -28.91 -20.81
CA ASP W 182 0.22 -28.07 -19.81
C ASP W 182 -0.52 -26.75 -19.63
N GLU W 183 -1.09 -26.21 -20.70
CA GLU W 183 -1.88 -24.99 -20.57
C GLU W 183 -3.17 -25.24 -19.80
N VAL W 184 -3.85 -26.36 -20.10
CA VAL W 184 -5.06 -26.70 -19.36
C VAL W 184 -4.75 -26.89 -17.88
N PHE W 185 -3.55 -27.39 -17.57
CA PHE W 185 -3.19 -27.65 -16.18
C PHE W 185 -2.73 -26.39 -15.46
N GLY W 186 -1.56 -25.88 -15.83
CA GLY W 186 -0.93 -24.79 -15.10
C GLY W 186 -1.53 -23.42 -15.36
N ASN W 187 -1.63 -23.04 -16.64
CA ASN W 187 -2.12 -21.69 -16.97
C ASN W 187 -3.45 -21.41 -16.31
N LEU W 188 -4.33 -22.40 -16.23
CA LEU W 188 -5.65 -22.25 -15.62
C LEU W 188 -5.70 -22.74 -14.19
N GLY W 189 -4.62 -23.34 -13.68
CA GLY W 189 -4.54 -23.71 -12.29
C GLY W 189 -5.04 -25.10 -11.95
N TYR W 190 -5.29 -25.95 -12.95
CA TYR W 190 -5.76 -27.30 -12.71
C TYR W 190 -4.59 -28.24 -12.47
N ALA W 191 -4.86 -29.31 -11.73
CA ALA W 191 -3.85 -30.30 -11.38
C ALA W 191 -4.44 -31.70 -11.49
N ASP W 192 -3.60 -32.71 -11.29
CA ASP W 192 -4.00 -34.10 -11.34
C ASP W 192 -3.79 -34.74 -9.97
N ALA W 193 -4.71 -35.63 -9.59
CA ALA W 193 -4.66 -36.23 -8.27
C ALA W 193 -3.58 -37.31 -8.18
N LEU W 194 -3.43 -38.12 -9.22
CA LEU W 194 -2.47 -39.23 -9.16
C LEU W 194 -1.05 -38.71 -8.97
N ARG W 195 -0.64 -37.74 -9.79
CA ARG W 195 0.70 -37.18 -9.64
C ARG W 195 0.83 -36.44 -8.31
N GLU W 196 -0.24 -35.78 -7.88
CA GLU W 196 -0.19 -35.03 -6.63
C GLU W 196 0.11 -35.94 -5.45
N VAL W 197 -0.59 -37.08 -5.38
CA VAL W 197 -0.39 -37.98 -4.25
C VAL W 197 0.98 -38.66 -4.35
N SER W 198 1.52 -38.81 -5.56
CA SER W 198 2.81 -39.48 -5.73
C SER W 198 3.39 -39.04 -7.07
N ARG W 199 4.54 -38.39 -7.04
CA ARG W 199 5.26 -37.99 -8.26
C ARG W 199 6.25 -39.07 -8.68
N GLU W 200 5.76 -40.29 -8.82
CA GLU W 200 6.59 -41.44 -9.15
C GLU W 200 6.46 -41.80 -10.62
N GLY W 201 7.57 -42.22 -11.21
CA GLY W 201 7.60 -42.63 -12.60
C GLY W 201 7.31 -44.11 -12.78
N ASP W 202 7.47 -44.56 -14.01
CA ASP W 202 7.23 -45.96 -14.39
C ASP W 202 5.79 -46.39 -14.11
N GLN W 203 4.88 -45.44 -13.94
CA GLN W 203 3.47 -45.71 -13.70
C GLN W 203 2.69 -45.26 -14.93
N PHE W 204 2.11 -46.22 -15.65
CA PHE W 204 1.38 -45.96 -16.87
C PHE W 204 0.00 -46.61 -16.80
N SER W 205 -0.81 -46.32 -17.80
CA SER W 205 -2.16 -46.87 -17.90
C SER W 205 -2.44 -47.48 -19.27
N TRP W 206 -2.00 -46.85 -20.34
CA TRP W 206 -2.20 -47.36 -21.69
C TRP W 206 -0.97 -48.13 -22.15
N TRP W 207 -1.22 -49.19 -22.94
CA TRP W 207 -0.16 -50.02 -23.47
C TRP W 207 -0.50 -50.41 -24.91
N PRO W 208 0.49 -50.49 -25.80
CA PRO W 208 0.22 -50.94 -27.17
C PRO W 208 -0.25 -52.38 -27.19
N ASP W 209 -0.74 -52.80 -28.36
CA ASP W 209 -1.19 -54.16 -28.54
C ASP W 209 -0.05 -55.17 -28.53
N SER W 210 1.19 -54.72 -28.64
CA SER W 210 2.32 -55.64 -28.64
C SER W 210 2.53 -56.23 -27.24
N GLU W 211 2.81 -57.53 -27.19
CA GLU W 211 2.98 -58.19 -25.91
C GLU W 211 4.33 -57.86 -25.29
N GLN W 212 5.39 -57.83 -26.10
CA GLN W 212 6.71 -57.50 -25.56
C GLN W 212 6.75 -56.10 -24.98
N ALA W 213 5.97 -55.17 -25.54
CA ALA W 213 5.91 -53.83 -24.98
C ALA W 213 5.39 -53.86 -23.55
N GLU W 214 4.37 -54.68 -23.29
CA GLU W 214 3.87 -54.82 -21.92
C GLU W 214 4.85 -55.60 -21.05
N MET W 215 5.56 -56.56 -21.63
CA MET W 215 6.55 -57.32 -20.86
C MET W 215 7.65 -56.41 -20.34
N LEU W 216 8.19 -55.56 -21.21
CA LEU W 216 9.23 -54.61 -20.82
C LEU W 216 8.66 -53.32 -20.25
N ASN W 217 7.35 -53.23 -20.07
CA ASN W 217 6.70 -52.06 -19.46
C ASN W 217 6.92 -50.81 -20.33
N LEU W 218 6.27 -50.81 -21.49
CA LEU W 218 6.25 -49.66 -22.41
C LEU W 218 4.81 -49.19 -22.50
N GLY W 219 4.42 -48.29 -21.58
CA GLY W 219 3.06 -47.81 -21.52
C GLY W 219 3.02 -46.30 -21.33
N TRP W 220 1.84 -45.74 -21.56
CA TRP W 220 1.58 -44.32 -21.41
C TRP W 220 0.51 -44.10 -20.35
N ARG W 221 0.47 -42.89 -19.82
CA ARG W 221 -0.53 -42.48 -18.83
C ARG W 221 -1.47 -41.50 -19.52
N PHE W 222 -2.57 -42.03 -20.06
CA PHE W 222 -3.54 -41.21 -20.79
C PHE W 222 -4.77 -40.87 -19.98
N ASP W 223 -5.13 -41.68 -18.99
CA ASP W 223 -6.28 -41.40 -18.14
C ASP W 223 -5.86 -40.47 -17.00
N TYR W 224 -6.58 -39.36 -16.85
CA TYR W 224 -6.25 -38.33 -15.88
C TYR W 224 -7.49 -37.97 -15.06
N GLN W 225 -7.22 -37.27 -13.95
CA GLN W 225 -8.26 -36.81 -13.04
C GLN W 225 -8.20 -35.28 -12.95
N VAL W 226 -8.43 -34.59 -14.07
CA VAL W 226 -8.37 -33.13 -14.10
C VAL W 226 -9.26 -32.60 -12.98
N LEU W 227 -8.64 -32.04 -11.94
CA LEU W 227 -9.32 -31.72 -10.70
C LEU W 227 -9.02 -30.28 -10.31
N THR W 228 -10.07 -29.52 -10.02
CA THR W 228 -9.91 -28.09 -9.74
C THR W 228 -8.99 -27.89 -8.53
N PRO W 229 -8.15 -26.85 -8.54
CA PRO W 229 -7.22 -26.66 -7.42
C PRO W 229 -7.90 -26.50 -6.06
N GLY W 230 -9.20 -26.25 -6.03
CA GLY W 230 -9.88 -26.10 -4.75
C GLY W 230 -9.93 -27.41 -3.97
N LEU W 231 -10.37 -28.48 -4.63
CA LEU W 231 -10.49 -29.79 -3.99
C LEU W 231 -9.19 -30.58 -3.98
N ARG W 232 -8.15 -30.08 -4.64
CA ARG W 232 -6.88 -30.80 -4.67
C ARG W 232 -6.35 -31.05 -3.26
N ARG W 233 -6.74 -30.21 -2.30
CA ARG W 233 -6.27 -30.37 -0.92
C ARG W 233 -6.86 -31.61 -0.27
N PHE W 234 -7.99 -32.12 -0.76
CA PHE W 234 -8.68 -33.26 -0.16
C PHE W 234 -8.36 -34.58 -0.86
N VAL W 235 -7.32 -34.61 -1.68
CA VAL W 235 -6.92 -35.84 -2.36
C VAL W 235 -6.12 -36.69 -1.38
N ARG W 236 -6.44 -37.98 -1.32
CA ARG W 236 -5.75 -38.89 -0.42
C ARG W 236 -4.65 -39.66 -1.15
N ASN W 237 -5.05 -40.65 -1.96
CA ASN W 237 -4.09 -41.51 -2.63
C ASN W 237 -4.62 -41.90 -4.01
N ALA W 238 -3.76 -42.57 -4.78
CA ALA W 238 -4.11 -43.06 -6.10
C ALA W 238 -3.28 -44.29 -6.41
N LYS W 239 -3.90 -45.26 -7.08
CA LYS W 239 -3.25 -46.52 -7.43
C LYS W 239 -3.33 -46.72 -8.94
N LEU W 240 -2.58 -47.71 -9.40
CA LEU W 240 -2.56 -48.08 -10.83
C LEU W 240 -2.32 -49.59 -10.94
N PRO W 241 -3.32 -50.40 -10.60
CA PRO W 241 -3.14 -51.85 -10.67
C PRO W 241 -2.80 -52.32 -12.08
N ARG W 242 -1.52 -52.57 -12.33
CA ARG W 242 -1.05 -53.06 -13.61
C ARG W 242 -1.10 -54.59 -13.73
N GLN W 243 -1.68 -55.26 -12.74
CA GLN W 243 -1.75 -56.73 -12.81
C GLN W 243 -2.78 -57.21 -13.82
N PRO W 244 -4.00 -56.69 -13.86
CA PRO W 244 -4.99 -57.20 -14.82
C PRO W 244 -4.61 -56.91 -16.27
N ARG W 245 -4.46 -55.62 -16.60
CA ARG W 245 -4.20 -55.21 -17.98
C ARG W 245 -5.17 -55.88 -18.94
N PHE W 246 -6.43 -56.00 -18.50
CA PHE W 246 -7.45 -56.67 -19.30
C PHE W 246 -7.59 -56.01 -20.67
N SER W 247 -7.61 -54.69 -20.70
CA SER W 247 -7.77 -53.91 -21.92
C SER W 247 -6.53 -53.06 -22.16
N GLN W 248 -6.58 -52.24 -23.21
CA GLN W 248 -5.45 -51.38 -23.52
C GLN W 248 -5.15 -50.42 -22.37
N HIS W 249 -6.18 -49.97 -21.66
CA HIS W 249 -6.02 -49.04 -20.54
C HIS W 249 -5.94 -49.82 -19.24
N ALA W 250 -5.75 -49.09 -18.14
CA ALA W 250 -5.62 -49.65 -16.81
C ALA W 250 -6.67 -49.05 -15.88
N PRO W 251 -7.04 -49.77 -14.81
CA PRO W 251 -8.04 -49.23 -13.88
C PRO W 251 -7.46 -48.17 -12.96
N LEU W 252 -7.44 -46.92 -13.42
CA LEU W 252 -6.92 -45.82 -12.63
C LEU W 252 -7.91 -45.49 -11.53
N ILE W 253 -7.56 -45.84 -10.29
CA ILE W 253 -8.41 -45.64 -9.12
C ILE W 253 -7.76 -44.59 -8.23
N VAL W 254 -8.59 -43.74 -7.63
CA VAL W 254 -8.12 -42.66 -6.77
C VAL W 254 -9.09 -42.51 -5.61
N ASP W 255 -8.56 -42.42 -4.39
CA ASP W 255 -9.35 -42.18 -3.20
C ASP W 255 -9.05 -40.78 -2.65
N TYR W 256 -10.11 -40.08 -2.27
CA TYR W 256 -10.05 -38.73 -1.75
C TYR W 256 -10.66 -38.67 -0.36
N ASP W 257 -10.50 -37.51 0.29
CA ASP W 257 -11.04 -37.33 1.63
C ASP W 257 -12.50 -36.89 1.60
N TRP W 258 -12.88 -36.07 0.64
CA TRP W 258 -14.24 -35.55 0.58
C TRP W 258 -15.22 -36.70 0.33
N GLN W 259 -16.44 -36.52 0.86
CA GLN W 259 -17.51 -37.50 0.72
C GLN W 259 -18.68 -36.85 0.01
N LEU W 260 -19.17 -37.52 -1.03
CA LEU W 260 -20.33 -37.03 -1.77
C LEU W 260 -21.62 -37.33 -1.00
N SER W 261 -22.72 -36.81 -1.51
CA SER W 261 -24.03 -37.02 -0.90
C SER W 261 -25.10 -36.51 -1.86
N ILE W 262 -26.30 -37.06 -1.73
CA ILE W 262 -27.42 -36.66 -2.57
C ILE W 262 -27.81 -35.22 -2.24
#